data_8V3L
#
_entry.id   8V3L
#
_cell.length_a   1.00
_cell.length_b   1.00
_cell.length_c   1.00
_cell.angle_alpha   90.00
_cell.angle_beta   90.00
_cell.angle_gamma   90.00
#
_symmetry.space_group_name_H-M   'P 1'
#
loop_
_entity.id
_entity.type
_entity.pdbx_description
1 polymer CCDC81B
2 polymer BMIP1
#
loop_
_entity_poly.entity_id
_entity_poly.type
_entity_poly.pdbx_seq_one_letter_code
_entity_poly.pdbx_strand_id
1 'polypeptide(L)'
;MRSVISEQSLASTKTQKLFNNLISKGQSKIPLLEGQLDEESLTKTWGAFGLYLSRQLRMGRGTNIPHFGTFTFSAPECNL
TGVTNPIERDKQFRVPVFLVSKEFVLGQPIKTGIFIDKHIRPYNVQTSGSISVTKINFTEIAQYADQNKEAVKISFERII
RQLADQTRQKRVVDMEIPGIGVFQVRNNIAAVHFDEYLIQNIKGVPKRPLSERKQKGDMNLTADRLSMLENTSRIGADAE
QYLKTKLGIDIDNISTKSRPLTAVRNASTSNLLQPNNKTLQRPATSTTLRQSAINLKQPELGPLEFGLKRLKFWIRQNCF
NAQDAFLEMCNCALGRTRAQRVKVDYKQFFEAINKMELDLNEEQIQELFKQLDANKDGYINYTDWRNTIKDDNDHLQYIK
DVIYKRQLHTDDVLKTMGLDREHPPINKYQLKDALKKLDLTLTDIKAIRVAQTLLGHEEYISMYDLARSFETIEEDDKIF
DPSWFKDILYKIKQKIMALENPNEIRESFENYDEHNEGILDTANFKTCLMRSQLKLTVKEINRIVRYLPKVKVNNIDYYN
FLKLVERVDINASAPDAVSDISEFAVKLGKFIKDKKFTIPSFLKTVRRFSFVLDSSNNQDYFVTLTQMSEFLHRNVFKGN
DRLDIDFYVNELDIDCDGYIKENDVQSFLNRYTYFDQTQYTPLSMTRSLTLKSLDPRTVSMNTKTLYPFKALSEAKVDTI
LRDLRKKMELKKMKAAELFSTLDADQDGFLTINEFSENIRKIIELSQPAIDGFFAYMDKLHTGMVDLSSFLKVMRKSIVT
KDQPIKEDNFDWENEMVFRIRQWFKKEGITVEDSFRAIDQNFKREINVDDLEIFLKDCLKVKSEELNKAKLDRLFKLIDQ
YKRGKVNFVDWKRFIMEDFGYGMNQTIMGGKKIDNISSFDWKINARQQLGLVLTRRFSTLSHSFDVISGYRKKLLFSHFK
KWVQDTDALRGFDLTESLMQELFSDLDSHNKGYLSESDWEIAFGGFDWEHQMHEEIKEYVKQNFKSIEKAFEFFCQGNQN
KIIEQADFNKAINSILPKRFIDSDLKDLWVYVSSGQPQVDFHRFKIAFQKYIPHYERTIEYDQENMRPKTAGPLSSLSKS
TSWNNIYGASQLNGNSQNPFGTSSIVDGNEDDVFEEKLLSKIRRLLRPTIKSVKKVLEQLDVNNIGYITNLEFRNAIKTL
NLGLAQNEVDLLLNICEIDGRVNIKQFLKFIDFSESDKKIVQRSILKLREITNQVYTFLLSPKDAFRMFDVDSNGYLDFD
QFSQFIGKLSQLSGHDMLPYSIIKDLFEYIDSKKDGVIDQAEWMDIFNKFEYVPQASINKQPLSKATVYNLQKRPQTSFN
KSTLNELPHNKFNLEYISSNYPLTVKNEKIHQISDKEKYGTMNKFFDEVERQPESKPVQDNHFNQILGEWGKTKEFDKII
ISIGKNRRFLLDMFGSLQQRNIPITFERAKAIIGQMLRNSGQSLKEESWPIILKFAERNGLIDYKFLLEVYKERIKRIDS
HPIMSRNRSLQKFTS
;
A
2 'polypeptide(L)'
;MQSTITSTTSLTPQQILNQIIKPEYIKYYSDWIHTANEKEARGLQLLGAIYKHKGSKKFRAKPPSVQLQQLHAQQEFDFQ
KAEEMYRKSQITSSYGQEFGYLQKDLKPTQNVFKYKKCSDLPFAKPLSDLAKLFIDNWIELNDELEFQELVLACLRSLHS
RCIAQEVPKTEMKTKYEWKEDWNLSKPIRIDKAGSDLKAYKTNYNAIFKQRLKQEHINEQLKQLDNSDFAKQLKIFKPFK
IN
;
A1
#
# COMPACT_ATOMS: atom_id res chain seq x y z
N SER A 6 37.52 7.25 -25.02
CA SER A 6 36.50 8.28 -24.90
C SER A 6 35.73 8.45 -26.20
N GLU A 7 34.51 9.00 -26.09
CA GLU A 7 33.70 9.22 -27.28
C GLU A 7 34.31 10.27 -28.19
N GLN A 8 34.96 11.28 -27.60
CA GLN A 8 35.58 12.33 -28.40
C GLN A 8 36.70 11.79 -29.28
N SER A 9 37.49 10.85 -28.74
CA SER A 9 38.57 10.26 -29.53
C SER A 9 38.01 9.49 -30.72
N LEU A 10 36.96 8.71 -30.51
CA LEU A 10 36.36 7.97 -31.62
C LEU A 10 35.75 8.94 -32.64
N ALA A 11 35.13 10.01 -32.17
CA ALA A 11 34.58 11.01 -33.08
C ALA A 11 35.68 11.64 -33.92
N SER A 12 36.82 11.96 -33.30
CA SER A 12 37.93 12.53 -34.04
C SER A 12 38.50 11.55 -35.04
N THR A 13 38.59 10.27 -34.67
CA THR A 13 39.08 9.27 -35.60
C THR A 13 38.17 9.13 -36.81
N LYS A 14 36.86 9.08 -36.57
CA LYS A 14 35.92 9.04 -37.68
C LYS A 14 35.97 10.32 -38.50
N THR A 15 36.29 11.45 -37.85
CA THR A 15 36.46 12.70 -38.59
C THR A 15 37.65 12.61 -39.53
N GLN A 16 38.76 12.05 -39.05
CA GLN A 16 39.93 11.85 -39.90
C GLN A 16 39.59 10.93 -41.07
N LYS A 17 38.87 9.85 -40.80
CA LYS A 17 38.49 8.93 -41.87
C LYS A 17 37.56 9.59 -42.88
N LEU A 18 36.62 10.42 -42.40
CA LEU A 18 35.72 11.12 -43.30
C LEU A 18 36.47 12.12 -44.17
N PHE A 19 37.42 12.85 -43.60
CA PHE A 19 38.24 13.76 -44.40
C PHE A 19 39.03 12.99 -45.45
N ASN A 20 39.60 11.85 -45.07
CA ASN A 20 40.34 11.05 -46.05
C ASN A 20 39.43 10.56 -47.17
N ASN A 21 38.21 10.12 -46.82
CA ASN A 21 37.27 9.67 -47.83
C ASN A 21 36.86 10.80 -48.77
N LEU A 22 36.63 12.00 -48.21
CA LEU A 22 36.27 13.14 -49.03
C LEU A 22 37.41 13.51 -49.97
N ILE A 23 38.65 13.47 -49.48
CA ILE A 23 39.81 13.77 -50.32
C ILE A 23 39.92 12.74 -51.44
N SER A 24 39.73 11.45 -51.11
CA SER A 24 39.83 10.41 -52.12
C SER A 24 38.78 10.58 -53.21
N LYS A 25 37.56 10.93 -52.82
CA LYS A 25 36.48 11.14 -53.79
C LYS A 25 36.67 12.46 -54.52
N GLU A 39 39.64 3.96 -46.84
CA GLU A 39 39.31 3.91 -45.42
C GLU A 39 39.70 2.57 -44.81
N GLU A 40 39.37 1.49 -45.52
CA GLU A 40 39.75 0.16 -45.05
C GLU A 40 41.26 -0.01 -45.02
N SER A 41 41.95 0.52 -46.03
CA SER A 41 43.41 0.44 -46.06
C SER A 41 44.01 1.14 -44.84
N LEU A 42 43.57 2.37 -44.56
CA LEU A 42 44.08 3.10 -43.41
C LEU A 42 43.72 2.40 -42.11
N THR A 43 42.50 1.86 -42.02
CA THR A 43 42.07 1.18 -40.80
C THR A 43 42.95 -0.04 -40.51
N LYS A 44 43.16 -0.88 -41.54
CA LYS A 44 44.00 -2.06 -41.35
C LYS A 44 45.44 -1.68 -41.06
N THR A 45 45.94 -0.62 -41.72
CA THR A 45 47.30 -0.18 -41.46
C THR A 45 47.47 0.28 -40.02
N TRP A 46 46.50 1.05 -39.51
CA TRP A 46 46.59 1.52 -38.13
C TRP A 46 46.46 0.36 -37.14
N GLY A 47 45.57 -0.59 -37.42
CA GLY A 47 45.47 -1.76 -36.57
C GLY A 47 46.77 -2.57 -36.53
N ALA A 48 47.37 -2.79 -37.69
CA ALA A 48 48.63 -3.51 -37.76
C ALA A 48 49.75 -2.77 -37.04
N PHE A 49 49.80 -1.45 -37.19
CA PHE A 49 50.81 -0.67 -36.50
C PHE A 49 50.62 -0.75 -34.98
N GLY A 50 49.36 -0.73 -34.53
CA GLY A 50 49.09 -0.89 -33.11
C GLY A 50 49.53 -2.24 -32.59
N LEU A 51 49.26 -3.31 -33.35
CA LEU A 51 49.71 -4.63 -32.94
C LEU A 51 51.24 -4.70 -32.91
N TYR A 52 51.90 -4.07 -33.87
CA TYR A 52 53.37 -4.05 -33.89
C TYR A 52 53.91 -3.32 -32.67
N LEU A 53 53.31 -2.18 -32.31
CA LEU A 53 53.73 -1.46 -31.12
C LEU A 53 53.51 -2.30 -29.87
N SER A 54 52.37 -2.99 -29.80
CA SER A 54 52.11 -3.85 -28.65
C SER A 54 53.16 -4.94 -28.53
N ARG A 55 53.51 -5.57 -29.66
CA ARG A 55 54.53 -6.62 -29.63
C ARG A 55 55.87 -6.06 -29.16
N GLN A 56 56.31 -4.94 -29.74
CA GLN A 56 57.62 -4.41 -29.39
C GLN A 56 57.67 -3.92 -27.94
N LEU A 57 56.57 -3.35 -27.45
CA LEU A 57 56.52 -2.94 -26.05
C LEU A 57 56.55 -4.16 -25.14
N ARG A 58 55.89 -5.25 -25.54
CA ARG A 58 56.02 -6.50 -24.80
C ARG A 58 57.43 -7.07 -24.93
N MET A 59 58.11 -6.81 -26.03
CA MET A 59 59.49 -7.24 -26.23
C MET A 59 60.48 -6.52 -25.33
N GLY A 60 60.13 -5.33 -24.83
CA GLY A 60 61.07 -4.54 -24.05
C GLY A 60 62.06 -3.74 -24.86
N ARG A 61 61.95 -3.78 -26.19
CA ARG A 61 62.82 -3.01 -27.08
C ARG A 61 62.12 -1.73 -27.49
N GLY A 62 62.88 -0.63 -27.53
CA GLY A 62 62.31 0.64 -27.93
C GLY A 62 61.96 0.68 -29.40
N THR A 63 61.01 1.56 -29.73
CA THR A 63 60.54 1.73 -31.10
C THR A 63 60.78 3.18 -31.52
N ASN A 64 61.80 3.40 -32.33
CA ASN A 64 62.11 4.71 -32.87
C ASN A 64 61.53 4.81 -34.27
N ILE A 65 60.69 5.81 -34.49
CA ILE A 65 60.01 5.98 -35.78
C ILE A 65 60.27 7.42 -36.24
N PRO A 66 60.86 7.63 -37.41
CA PRO A 66 61.25 8.97 -37.83
C PRO A 66 60.05 9.91 -37.92
N HIS A 67 60.27 11.16 -37.54
CA HIS A 67 59.32 12.27 -37.55
C HIS A 67 58.17 12.09 -36.56
N PHE A 68 58.12 10.98 -35.84
CA PHE A 68 57.17 10.77 -34.75
C PHE A 68 57.82 11.00 -33.39
N GLY A 69 58.91 10.31 -33.14
CA GLY A 69 59.45 10.16 -31.79
C GLY A 69 59.67 8.69 -31.51
N THR A 70 60.11 8.43 -30.27
CA THR A 70 60.50 7.09 -29.86
C THR A 70 59.65 6.63 -28.69
N PHE A 71 59.26 5.36 -28.73
CA PHE A 71 58.60 4.71 -27.61
C PHE A 71 59.64 3.96 -26.80
N THR A 72 59.68 4.22 -25.49
CA THR A 72 60.70 3.67 -24.63
C THR A 72 60.12 3.55 -23.22
N PHE A 73 60.79 2.77 -22.38
CA PHE A 73 60.41 2.64 -20.98
C PHE A 73 61.09 3.74 -20.16
N SER A 74 60.44 4.13 -19.07
CA SER A 74 60.97 5.19 -18.23
C SER A 74 62.23 4.74 -17.51
N ALA A 75 62.95 5.70 -16.96
CA ALA A 75 64.09 5.39 -16.13
C ALA A 75 63.62 4.73 -14.82
N PRO A 76 64.44 3.84 -14.24
CA PRO A 76 64.09 3.19 -12.98
C PRO A 76 63.87 4.17 -11.85
N GLN A 92 64.76 -0.66 -10.37
CA GLN A 92 63.37 -0.29 -10.16
C GLN A 92 62.53 -0.64 -11.39
N PHE A 93 61.22 -0.65 -11.22
CA PHE A 93 60.33 -0.86 -12.35
C PHE A 93 60.31 0.37 -13.25
N ARG A 94 59.94 0.15 -14.51
CA ARG A 94 59.96 1.20 -15.52
C ARG A 94 58.61 1.25 -16.23
N VAL A 95 58.08 2.45 -16.37
CA VAL A 95 56.78 2.68 -17.00
C VAL A 95 57.03 3.11 -18.44
N PRO A 96 56.24 2.62 -19.41
CA PRO A 96 56.44 3.06 -20.80
C PRO A 96 56.23 4.57 -20.93
N VAL A 97 57.08 5.19 -21.74
CA VAL A 97 57.04 6.63 -21.98
C VAL A 97 57.28 6.88 -23.46
N PHE A 98 56.46 7.74 -24.07
CA PHE A 98 56.64 8.11 -25.46
C PHE A 98 57.24 9.50 -25.55
N LEU A 99 58.37 9.61 -26.23
CA LEU A 99 59.04 10.89 -26.45
C LEU A 99 58.67 11.39 -27.84
N VAL A 100 58.31 12.66 -27.94
CA VAL A 100 57.92 13.24 -29.22
C VAL A 100 59.14 13.83 -29.89
N SER A 101 59.27 13.57 -31.19
CA SER A 101 60.38 14.11 -31.96
C SER A 101 60.22 15.61 -32.15
N LYS A 102 61.34 16.33 -32.13
CA LYS A 102 61.33 17.76 -32.40
C LYS A 102 60.92 18.07 -33.83
N GLU A 103 61.01 17.09 -34.73
CA GLU A 103 60.60 17.24 -36.11
C GLU A 103 59.16 16.79 -36.35
N PHE A 104 58.45 16.42 -35.30
CA PHE A 104 57.04 16.06 -35.45
C PHE A 104 56.24 17.24 -35.97
N VAL A 105 56.49 18.43 -35.44
CA VAL A 105 55.91 19.68 -35.94
C VAL A 105 57.04 20.69 -36.10
N LEU A 106 57.24 21.16 -37.32
CA LEU A 106 58.32 22.10 -37.63
C LEU A 106 57.86 23.52 -37.34
N GLY A 107 58.72 24.28 -36.64
CA GLY A 107 58.45 25.67 -36.33
C GLY A 107 57.70 25.90 -35.04
N GLN A 108 57.08 24.87 -34.47
CA GLN A 108 56.36 24.98 -33.21
C GLN A 108 56.99 24.03 -32.20
N PRO A 109 57.64 24.53 -31.15
CA PRO A 109 58.32 23.63 -30.20
C PRO A 109 57.32 22.80 -29.40
N ILE A 110 57.41 21.48 -29.54
CA ILE A 110 56.59 20.56 -28.77
C ILE A 110 57.48 19.84 -27.77
N LYS A 111 57.15 19.98 -26.50
CA LYS A 111 57.92 19.40 -25.41
C LYS A 111 57.48 17.96 -25.14
N THR A 112 58.39 17.18 -24.58
CA THR A 112 58.06 15.80 -24.22
C THR A 112 57.35 15.76 -22.88
N GLY A 113 56.17 15.16 -22.85
CA GLY A 113 55.41 15.03 -21.63
C GLY A 113 55.01 13.58 -21.39
N ILE A 114 54.60 13.32 -20.15
CA ILE A 114 54.18 11.98 -19.74
C ILE A 114 52.86 12.08 -18.99
N PHE A 115 52.03 11.07 -19.17
CA PHE A 115 50.69 11.00 -18.58
C PHE A 115 50.77 10.26 -17.25
N ILE A 116 50.08 10.79 -16.23
CA ILE A 116 50.00 10.14 -14.93
C ILE A 116 48.82 10.71 -14.16
N ASP A 117 48.11 9.83 -13.43
CA ASP A 117 47.02 10.23 -12.54
C ASP A 117 45.98 11.09 -13.25
N LYS A 118 45.55 10.63 -14.44
CA LYS A 118 44.53 11.28 -15.26
C LYS A 118 45.10 12.55 -15.89
N HIS A 119 46.33 12.91 -15.53
CA HIS A 119 46.95 14.17 -15.92
C HIS A 119 48.19 13.90 -16.77
N ILE A 120 48.61 14.92 -17.51
CA ILE A 120 49.80 14.84 -18.35
C ILE A 120 50.85 15.81 -17.81
N ARG A 121 52.00 15.28 -17.41
CA ARG A 121 53.07 16.14 -16.90
C ARG A 121 54.29 16.09 -17.82
N PRO A 122 55.06 17.18 -17.90
CA PRO A 122 56.26 17.18 -18.74
C PRO A 122 57.32 16.23 -18.21
N TYR A 123 58.24 15.84 -19.09
CA TYR A 123 59.26 14.85 -18.79
C TYR A 123 60.62 15.42 -19.16
N ASN A 124 61.58 15.35 -18.24
CA ASN A 124 62.90 15.95 -18.42
C ASN A 124 64.03 14.92 -18.33
N VAL A 125 63.85 13.75 -18.94
CA VAL A 125 64.90 12.73 -18.99
C VAL A 125 65.33 12.57 -20.44
N GLN A 126 66.62 12.82 -20.70
CA GLN A 126 67.18 12.74 -22.03
C GLN A 126 68.04 11.50 -22.25
N THR A 127 68.00 10.54 -21.32
CA THR A 127 68.75 9.29 -21.45
C THR A 127 67.77 8.12 -21.38
N SER A 128 67.98 7.13 -22.24
CA SER A 128 67.07 6.00 -22.35
C SER A 128 67.31 4.92 -21.30
N GLY A 129 68.33 5.08 -20.45
CA GLY A 129 68.63 4.09 -19.44
C GLY A 129 69.10 2.77 -20.01
N SER A 130 69.96 2.83 -21.03
CA SER A 130 70.54 1.66 -21.67
C SER A 130 69.47 0.69 -22.19
N ILE A 131 68.39 1.23 -22.76
CA ILE A 131 67.34 0.42 -23.35
C ILE A 131 67.52 0.44 -24.86
N SER A 132 67.89 -0.72 -25.42
CA SER A 132 68.10 -0.82 -26.85
C SER A 132 66.82 -0.51 -27.60
N VAL A 133 66.93 0.33 -28.62
CA VAL A 133 65.78 0.83 -29.38
C VAL A 133 65.96 0.44 -30.84
N THR A 134 64.92 -0.16 -31.42
CA THR A 134 64.91 -0.57 -32.80
C THR A 134 64.04 0.37 -33.63
N LYS A 135 64.41 0.54 -34.90
CA LYS A 135 63.63 1.37 -35.80
C LYS A 135 62.34 0.65 -36.19
N ILE A 136 61.43 1.40 -36.80
CA ILE A 136 60.17 0.84 -37.25
C ILE A 136 60.44 -0.14 -38.40
N ASN A 137 59.86 -1.33 -38.30
CA ASN A 137 60.01 -2.37 -39.31
C ASN A 137 58.77 -2.32 -40.20
N PHE A 138 58.92 -1.76 -41.40
CA PHE A 138 57.77 -1.60 -42.29
C PHE A 138 57.35 -2.92 -42.91
N THR A 139 58.29 -3.85 -43.10
CA THR A 139 57.93 -5.16 -43.63
C THR A 139 57.03 -5.93 -42.65
N GLU A 140 57.35 -5.85 -41.36
CA GLU A 140 56.53 -6.53 -40.36
C GLU A 140 55.13 -5.95 -40.30
N ILE A 141 55.02 -4.62 -40.32
CA ILE A 141 53.70 -3.98 -40.32
C ILE A 141 52.95 -4.31 -41.60
N ALA A 142 53.68 -4.43 -42.72
CA ALA A 142 53.04 -4.81 -43.98
C ALA A 142 52.44 -6.20 -43.90
N GLN A 143 53.23 -7.17 -43.44
CA GLN A 143 52.72 -8.54 -43.35
C GLN A 143 51.60 -8.64 -42.32
N TYR A 144 51.64 -7.79 -41.28
CA TYR A 144 50.52 -7.73 -40.35
C TYR A 144 49.26 -7.21 -41.04
N ALA A 145 49.40 -6.16 -41.85
CA ALA A 145 48.25 -5.53 -42.51
C ALA A 145 47.84 -6.24 -43.78
N ASP A 146 48.63 -7.21 -44.26
CA ASP A 146 48.32 -7.95 -45.48
C ASP A 146 48.15 -7.02 -46.67
N GLN A 147 48.98 -5.98 -46.72
CA GLN A 147 49.02 -5.04 -47.82
C GLN A 147 50.45 -4.83 -48.27
N ASN A 148 50.62 -4.03 -49.32
CA ASN A 148 51.95 -3.72 -49.83
C ASN A 148 52.71 -2.87 -48.81
N LYS A 149 53.99 -3.17 -48.65
CA LYS A 149 54.82 -2.44 -47.69
C LYS A 149 54.88 -0.97 -48.05
N GLU A 150 55.04 -0.66 -49.35
CA GLU A 150 54.99 0.73 -49.79
C GLU A 150 53.62 1.34 -49.50
N ALA A 151 52.54 0.58 -49.71
CA ALA A 151 51.20 1.10 -49.42
C ALA A 151 51.01 1.38 -47.94
N VAL A 152 51.49 0.47 -47.08
CA VAL A 152 51.39 0.69 -45.64
C VAL A 152 52.19 1.92 -45.25
N LYS A 153 53.39 2.06 -45.80
CA LYS A 153 54.23 3.23 -45.49
C LYS A 153 53.55 4.52 -45.94
N ILE A 154 52.94 4.51 -47.12
CA ILE A 154 52.27 5.70 -47.63
C ILE A 154 51.08 6.06 -46.75
N SER A 155 50.28 5.07 -46.36
CA SER A 155 49.15 5.34 -45.48
C SER A 155 49.61 5.88 -44.13
N PHE A 156 50.68 5.31 -43.59
CA PHE A 156 51.18 5.73 -42.29
C PHE A 156 51.77 7.13 -42.34
N GLU A 157 52.39 7.48 -43.48
CA GLU A 157 52.85 8.84 -43.70
C GLU A 157 51.69 9.80 -43.86
N ARG A 158 50.61 9.37 -44.51
CA ARG A 158 49.40 10.19 -44.54
C ARG A 158 48.91 10.44 -43.12
N ILE A 159 48.98 9.42 -42.27
CA ILE A 159 48.59 9.56 -40.87
C ILE A 159 49.45 10.63 -40.20
N ILE A 160 50.77 10.56 -40.36
CA ILE A 160 51.62 11.53 -39.68
C ILE A 160 51.35 12.94 -40.18
N ARG A 161 51.19 13.11 -41.50
CA ARG A 161 50.99 14.45 -42.01
C ARG A 161 49.65 15.02 -41.53
N GLN A 162 48.60 14.20 -41.51
CA GLN A 162 47.29 14.68 -41.08
C GLN A 162 47.32 15.01 -39.58
N LEU A 163 48.01 14.19 -38.79
CA LEU A 163 48.18 14.50 -37.37
C LEU A 163 48.92 15.80 -37.19
N ALA A 164 49.97 16.02 -37.97
CA ALA A 164 50.73 17.26 -37.86
C ALA A 164 49.86 18.46 -38.19
N ASP A 165 49.03 18.33 -39.21
CA ASP A 165 48.14 19.43 -39.57
C ASP A 165 47.16 19.73 -38.43
N GLN A 166 46.59 18.69 -37.83
CA GLN A 166 45.73 18.92 -36.66
C GLN A 166 46.50 19.62 -35.55
N THR A 167 47.69 19.12 -35.22
CA THR A 167 48.45 19.71 -34.12
C THR A 167 48.79 21.16 -34.40
N ARG A 168 48.99 21.51 -35.68
CA ARG A 168 49.09 22.92 -36.03
C ARG A 168 47.78 23.66 -35.79
N GLN A 169 46.65 23.02 -36.08
CA GLN A 169 45.37 23.69 -36.05
C GLN A 169 44.53 23.38 -34.80
N LYS A 170 44.94 22.42 -33.96
CA LYS A 170 44.23 22.12 -32.73
C LYS A 170 45.21 22.09 -31.57
N ARG A 171 44.93 22.90 -30.54
CA ARG A 171 45.74 22.87 -29.33
C ARG A 171 45.63 21.54 -28.61
N VAL A 172 44.45 20.91 -28.65
CA VAL A 172 44.20 19.65 -27.95
C VAL A 172 43.90 18.58 -29.00
N VAL A 173 44.63 17.48 -28.92
CA VAL A 173 44.46 16.36 -29.85
C VAL A 173 44.52 15.06 -29.08
N ASP A 174 43.54 14.18 -29.32
CA ASP A 174 43.53 12.83 -28.77
C ASP A 174 43.28 11.85 -29.91
N MET A 175 44.14 10.84 -30.04
CA MET A 175 43.94 9.79 -31.03
C MET A 175 44.31 8.44 -30.47
N GLU A 176 43.50 7.44 -30.77
CA GLU A 176 43.67 6.08 -30.25
C GLU A 176 44.62 5.28 -31.12
N ILE A 177 45.33 4.35 -30.49
CA ILE A 177 46.18 3.38 -31.16
C ILE A 177 45.66 1.99 -30.81
N PRO A 178 45.43 1.11 -31.78
CA PRO A 178 44.80 -0.19 -31.49
C PRO A 178 45.70 -1.05 -30.62
N GLY A 179 45.23 -1.34 -29.41
CA GLY A 179 45.99 -2.15 -28.47
C GLY A 179 47.03 -1.40 -27.68
N ILE A 180 47.13 -0.09 -27.84
CA ILE A 180 48.11 0.70 -27.10
C ILE A 180 47.39 1.71 -26.22
N GLY A 181 46.65 2.62 -26.85
CA GLY A 181 45.94 3.64 -26.09
C GLY A 181 45.73 4.88 -26.93
N VAL A 182 45.52 6.00 -26.24
CA VAL A 182 45.16 7.27 -26.87
C VAL A 182 46.36 8.20 -26.81
N PHE A 183 46.75 8.71 -27.97
CA PHE A 183 47.81 9.73 -28.07
C PHE A 183 47.19 11.10 -27.81
N GLN A 184 47.55 11.70 -26.68
CA GLN A 184 46.90 12.91 -26.19
C GLN A 184 47.81 14.12 -26.32
N VAL A 185 47.22 15.24 -26.73
CA VAL A 185 47.91 16.52 -26.84
C VAL A 185 47.10 17.58 -26.12
N ARG A 186 47.78 18.41 -25.32
CA ARG A 186 47.12 19.48 -24.59
C ARG A 186 48.13 20.57 -24.23
N ASN A 187 47.82 21.80 -24.62
CA ASN A 187 48.63 22.97 -24.30
C ASN A 187 50.09 22.74 -24.70
N ASN A 188 50.29 22.20 -25.90
CA ASN A 188 51.61 21.97 -26.47
C ASN A 188 52.40 20.99 -25.60
N ILE A 189 51.70 20.05 -24.96
CA ILE A 189 52.30 18.95 -24.22
C ILE A 189 51.68 17.65 -24.73
N ALA A 190 52.52 16.68 -25.06
CA ALA A 190 52.07 15.46 -25.71
C ALA A 190 52.51 14.22 -24.94
N ALA A 191 51.60 13.25 -24.88
CA ALA A 191 51.85 11.95 -24.28
C ALA A 191 50.78 10.99 -24.77
N VAL A 192 50.96 9.70 -24.46
CA VAL A 192 50.04 8.66 -24.92
C VAL A 192 49.46 7.95 -23.70
N HIS A 193 48.13 7.85 -23.66
CA HIS A 193 47.40 7.15 -22.61
C HIS A 193 47.42 5.65 -22.90
N PHE A 194 48.50 4.99 -22.48
CA PHE A 194 48.65 3.56 -22.75
C PHE A 194 47.54 2.76 -22.09
N ASP A 195 47.45 1.48 -22.49
CA ASP A 195 46.48 0.57 -21.92
C ASP A 195 46.98 0.06 -20.57
N GLU A 196 46.12 0.16 -19.55
CA GLU A 196 46.52 -0.23 -18.21
C GLU A 196 46.87 -1.72 -18.14
N TYR A 197 46.09 -2.55 -18.81
CA TYR A 197 46.39 -3.98 -18.84
C TYR A 197 47.74 -4.23 -19.51
N LEU A 198 48.03 -3.51 -20.59
CA LEU A 198 49.34 -3.60 -21.22
C LEU A 198 50.45 -3.17 -20.27
N ILE A 199 50.22 -2.09 -19.50
CA ILE A 199 51.22 -1.60 -18.58
C ILE A 199 51.52 -2.65 -17.51
N GLN A 200 50.47 -3.28 -16.97
CA GLN A 200 50.70 -4.35 -16.00
C GLN A 200 51.43 -5.53 -16.64
N ASN A 201 51.09 -5.86 -17.89
CA ASN A 201 51.76 -6.98 -18.56
C ASN A 201 53.25 -6.73 -18.72
N ILE A 202 53.62 -5.57 -19.28
CA ILE A 202 55.03 -5.31 -19.59
C ILE A 202 55.86 -4.98 -18.37
N LYS A 203 55.27 -4.97 -17.18
CA LYS A 203 56.01 -4.64 -15.98
C LYS A 203 57.02 -5.73 -15.66
N GLY A 204 58.27 -5.33 -15.45
CA GLY A 204 59.34 -6.26 -15.16
C GLY A 204 59.99 -6.90 -16.37
N VAL A 205 59.56 -6.54 -17.58
CA VAL A 205 60.15 -7.14 -18.78
C VAL A 205 61.64 -6.84 -18.93
N PRO A 206 62.13 -5.59 -18.75
CA PRO A 206 63.52 -5.29 -19.14
C PRO A 206 64.60 -6.03 -18.37
N LYS A 207 64.23 -6.93 -17.47
CA LYS A 207 65.22 -7.64 -16.65
C LYS A 207 65.24 -9.14 -16.89
N ARG A 208 64.22 -9.70 -17.52
CA ARG A 208 64.15 -11.13 -17.77
C ARG A 208 65.03 -11.53 -18.95
N PRO A 209 65.36 -12.82 -19.07
CA PRO A 209 66.18 -13.27 -20.20
C PRO A 209 65.43 -13.13 -21.52
N LEU A 210 66.16 -13.38 -22.61
CA LEU A 210 65.64 -13.13 -23.95
C LEU A 210 64.48 -14.06 -24.29
N SER A 211 64.58 -15.33 -23.89
CA SER A 211 63.56 -16.31 -24.26
C SER A 211 62.20 -15.95 -23.68
N GLU A 212 62.17 -15.47 -22.44
CA GLU A 212 60.90 -15.10 -21.83
C GLU A 212 60.28 -13.90 -22.53
N ARG A 213 61.10 -12.92 -22.93
CA ARG A 213 60.58 -11.80 -23.70
C ARG A 213 60.00 -12.27 -25.03
N LYS A 214 60.72 -13.17 -25.72
CA LYS A 214 60.24 -13.69 -26.99
C LYS A 214 58.91 -14.43 -26.82
N GLN A 215 58.81 -15.24 -25.76
CA GLN A 215 57.55 -15.94 -25.49
C GLN A 215 56.43 -14.96 -25.19
N LYS A 216 56.72 -13.91 -24.41
CA LYS A 216 55.70 -12.92 -24.07
C LYS A 216 55.20 -12.17 -25.30
N GLY A 217 56.09 -11.84 -26.23
CA GLY A 217 55.69 -11.05 -27.38
C GLY A 217 55.09 -11.82 -28.53
N ASP A 218 54.92 -13.14 -28.41
CA ASP A 218 54.36 -13.95 -29.48
C ASP A 218 52.85 -13.79 -29.50
N MET A 219 52.31 -13.39 -30.65
CA MET A 219 50.87 -13.21 -30.83
C MET A 219 50.29 -14.24 -31.80
N ASN A 220 50.77 -15.47 -31.73
CA ASN A 220 50.28 -16.54 -32.60
C ASN A 220 48.84 -16.92 -32.27
N PRO A 303 -48.89 46.78 -40.75
CA PRO A 303 -50.01 47.52 -40.16
C PRO A 303 -51.35 47.15 -40.78
N LEU A 304 -51.35 46.91 -42.10
CA LEU A 304 -52.58 46.57 -42.79
C LEU A 304 -53.16 45.25 -42.29
N GLU A 305 -52.31 44.25 -42.09
CA GLU A 305 -52.77 42.97 -41.56
C GLU A 305 -53.38 43.14 -40.18
N PHE A 306 -52.73 43.93 -39.31
CA PHE A 306 -53.24 44.14 -37.97
C PHE A 306 -54.59 44.85 -38.00
N GLY A 307 -54.73 45.87 -38.86
CA GLY A 307 -56.00 46.57 -38.97
C GLY A 307 -57.11 45.67 -39.48
N LEU A 308 -56.80 44.85 -40.48
CA LEU A 308 -57.79 43.89 -40.97
C LEU A 308 -58.21 42.93 -39.85
N LYS A 309 -57.24 42.44 -39.08
CA LYS A 309 -57.56 41.54 -37.99
C LYS A 309 -58.45 42.23 -36.97
N ARG A 310 -58.16 43.49 -36.63
CA ARG A 310 -58.97 44.20 -35.65
C ARG A 310 -60.40 44.40 -36.14
N LEU A 311 -60.55 44.81 -37.41
CA LEU A 311 -61.88 45.01 -37.96
C LEU A 311 -62.67 43.72 -37.97
N LYS A 312 -62.04 42.62 -38.41
CA LYS A 312 -62.72 41.33 -38.38
C LYS A 312 -63.07 40.93 -36.96
N PHE A 313 -62.17 41.18 -36.01
CA PHE A 313 -62.42 40.80 -34.62
C PHE A 313 -63.66 41.51 -34.09
N TRP A 314 -63.81 42.80 -34.39
CA TRP A 314 -65.05 43.47 -33.99
C TRP A 314 -66.24 42.81 -34.69
N ILE A 315 -66.14 42.65 -36.01
CA ILE A 315 -67.28 42.16 -36.78
C ILE A 315 -67.79 40.85 -36.21
N ARG A 316 -66.87 39.99 -35.75
CA ARG A 316 -67.27 38.78 -35.05
C ARG A 316 -67.75 39.07 -33.63
N GLN A 317 -67.29 40.17 -33.03
CA GLN A 317 -67.62 40.43 -31.63
C GLN A 317 -69.09 40.82 -31.44
N ASN A 318 -69.59 41.73 -32.26
CA ASN A 318 -70.97 42.20 -32.14
C ASN A 318 -71.95 41.43 -33.00
N CYS A 319 -71.53 40.29 -33.56
CA CYS A 319 -72.42 39.41 -34.31
C CYS A 319 -73.11 40.13 -35.47
N PHE A 320 -72.37 40.99 -36.15
CA PHE A 320 -72.88 41.70 -37.30
C PHE A 320 -72.39 41.07 -38.60
N ASN A 321 -73.29 40.95 -39.56
CA ASN A 321 -72.91 40.52 -40.90
C ASN A 321 -72.43 41.73 -41.69
N ALA A 322 -72.27 41.59 -43.00
CA ALA A 322 -71.81 42.69 -43.83
C ALA A 322 -72.80 43.86 -43.78
N GLN A 323 -74.09 43.56 -43.96
CA GLN A 323 -75.14 44.58 -43.93
C GLN A 323 -75.12 45.34 -42.60
N ASP A 324 -75.17 44.58 -41.49
CA ASP A 324 -75.24 45.20 -40.18
C ASP A 324 -73.99 46.00 -39.85
N ALA A 325 -72.81 45.46 -40.18
CA ALA A 325 -71.57 46.18 -39.89
C ALA A 325 -71.47 47.46 -40.73
N PHE A 326 -71.86 47.40 -42.00
CA PHE A 326 -71.83 48.60 -42.83
C PHE A 326 -72.75 49.67 -42.29
N LEU A 327 -74.00 49.30 -41.98
CA LEU A 327 -74.91 50.27 -41.39
C LEU A 327 -74.37 50.78 -40.06
N GLU A 328 -73.71 49.92 -39.30
CA GLU A 328 -73.21 50.31 -37.99
C GLU A 328 -72.14 51.38 -38.11
N MET A 329 -71.11 51.17 -38.94
CA MET A 329 -70.09 52.21 -38.95
C MET A 329 -70.56 53.42 -39.74
N CYS A 330 -71.53 53.26 -40.65
CA CYS A 330 -72.13 54.42 -41.28
C CYS A 330 -72.85 55.28 -40.23
N ASN A 331 -73.56 54.64 -39.31
CA ASN A 331 -74.17 55.39 -38.21
C ASN A 331 -73.11 56.03 -37.33
N CYS A 332 -72.03 55.31 -37.05
CA CYS A 332 -70.98 55.86 -36.19
C CYS A 332 -70.32 57.09 -36.82
N ALA A 333 -70.04 57.04 -38.13
CA ALA A 333 -69.29 58.10 -38.78
C ALA A 333 -70.16 59.27 -39.23
N LEU A 334 -71.39 59.00 -39.67
CA LEU A 334 -72.23 60.04 -40.27
C LEU A 334 -73.58 60.19 -39.57
N GLY A 335 -73.74 59.61 -38.38
CA GLY A 335 -75.02 59.68 -37.69
C GLY A 335 -76.03 58.70 -38.27
N ARG A 336 -77.22 58.73 -37.68
CA ARG A 336 -78.29 57.82 -38.09
C ARG A 336 -78.82 58.24 -39.46
N THR A 337 -78.53 57.43 -40.48
CA THR A 337 -78.96 57.69 -41.84
C THR A 337 -79.67 56.46 -42.39
N ARG A 338 -80.51 56.66 -43.40
CA ARG A 338 -81.31 55.60 -43.97
C ARG A 338 -81.08 55.40 -45.47
N ALA A 339 -80.11 56.09 -46.06
CA ALA A 339 -79.84 55.94 -47.48
C ALA A 339 -79.10 54.63 -47.75
N GLN A 340 -79.46 53.96 -48.85
CA GLN A 340 -78.79 52.73 -49.24
C GLN A 340 -77.41 52.98 -49.84
N ARG A 341 -77.25 54.08 -50.58
CA ARG A 341 -76.03 54.37 -51.31
C ARG A 341 -75.23 55.38 -50.48
N VAL A 342 -74.35 54.87 -49.63
CA VAL A 342 -73.56 55.68 -48.72
C VAL A 342 -72.08 55.51 -49.05
N LYS A 343 -71.37 56.62 -49.21
CA LYS A 343 -69.95 56.62 -49.51
C LYS A 343 -69.20 57.32 -48.39
N VAL A 344 -68.11 56.71 -47.94
CA VAL A 344 -67.32 57.20 -46.81
C VAL A 344 -65.92 57.55 -47.29
N ASP A 345 -65.49 58.78 -47.02
CA ASP A 345 -64.17 59.24 -47.44
C ASP A 345 -63.14 58.90 -46.36
N TYR A 346 -61.93 59.44 -46.52
CA TYR A 346 -60.86 59.15 -45.57
C TYR A 346 -61.13 59.80 -44.21
N LYS A 347 -61.59 61.05 -44.20
CA LYS A 347 -61.81 61.75 -42.94
C LYS A 347 -62.92 61.12 -42.14
N GLN A 348 -64.03 60.75 -42.80
CA GLN A 348 -65.12 60.09 -42.10
C GLN A 348 -64.68 58.72 -41.58
N PHE A 349 -63.86 58.00 -42.37
CA PHE A 349 -63.34 56.73 -41.90
C PHE A 349 -62.46 56.91 -40.68
N PHE A 350 -61.62 57.96 -40.67
CA PHE A 350 -60.74 58.21 -39.53
C PHE A 350 -61.53 58.57 -38.28
N GLU A 351 -62.52 59.46 -38.41
CA GLU A 351 -63.33 59.82 -37.26
C GLU A 351 -64.13 58.63 -36.78
N ALA A 352 -64.54 57.75 -37.71
CA ALA A 352 -65.19 56.51 -37.31
C ALA A 352 -64.25 55.62 -36.50
N ILE A 353 -63.03 55.43 -36.98
CA ILE A 353 -62.05 54.65 -36.23
C ILE A 353 -61.89 55.22 -34.83
N ASN A 354 -61.82 56.54 -34.72
CA ASN A 354 -61.77 57.16 -33.40
C ASN A 354 -63.03 56.82 -32.59
N LYS A 355 -64.18 56.78 -33.25
CA LYS A 355 -65.41 56.36 -32.60
C LYS A 355 -65.59 54.84 -32.58
N MET A 356 -64.73 54.08 -33.26
CA MET A 356 -64.87 52.63 -33.27
C MET A 356 -63.87 51.92 -32.36
N GLU A 357 -63.12 52.67 -31.55
CA GLU A 357 -62.18 52.17 -30.56
C GLU A 357 -61.39 50.96 -31.03
N LEU A 358 -60.89 50.98 -32.27
CA LEU A 358 -60.12 49.85 -32.78
C LEU A 358 -58.66 49.88 -32.33
N ASP A 359 -58.24 50.92 -31.63
CA ASP A 359 -56.87 51.04 -31.12
C ASP A 359 -55.84 50.91 -32.24
N LEU A 360 -56.13 51.60 -33.34
CA LEU A 360 -55.25 51.60 -34.51
C LEU A 360 -54.64 52.99 -34.68
N ASN A 361 -53.35 53.03 -34.99
CA ASN A 361 -52.67 54.29 -35.21
C ASN A 361 -53.02 54.83 -36.60
N GLU A 362 -52.47 56.01 -36.92
CA GLU A 362 -52.81 56.66 -38.18
C GLU A 362 -52.38 55.83 -39.37
N GLU A 363 -51.19 55.22 -39.30
CA GLU A 363 -50.71 54.40 -40.41
C GLU A 363 -51.61 53.19 -40.64
N GLN A 364 -52.00 52.51 -39.57
CA GLN A 364 -52.91 51.38 -39.69
C GLN A 364 -54.24 51.83 -40.29
N ILE A 365 -54.74 52.98 -39.85
CA ILE A 365 -56.00 53.51 -40.35
C ILE A 365 -55.90 53.77 -41.86
N GLN A 366 -54.81 54.42 -42.28
CA GLN A 366 -54.63 54.74 -43.70
C GLN A 366 -54.51 53.47 -44.53
N GLU A 367 -53.75 52.49 -44.04
CA GLU A 367 -53.59 51.25 -44.80
C GLU A 367 -54.91 50.51 -44.92
N LEU A 368 -55.70 50.46 -43.82
CA LEU A 368 -57.00 49.81 -43.87
C LEU A 368 -57.92 50.52 -44.86
N PHE A 369 -57.92 51.86 -44.84
CA PHE A 369 -58.75 52.60 -45.79
C PHE A 369 -58.32 52.34 -47.23
N LYS A 370 -57.01 52.29 -47.47
CA LYS A 370 -56.52 52.03 -48.82
C LYS A 370 -56.93 50.64 -49.30
N GLN A 371 -56.84 49.65 -48.41
CA GLN A 371 -57.25 48.30 -48.78
C GLN A 371 -58.76 48.22 -49.03
N LEU A 372 -59.55 48.88 -48.19
CA LEU A 372 -61.00 48.82 -48.33
C LEU A 372 -61.46 49.47 -49.63
N ASP A 373 -60.84 50.58 -50.02
CA ASP A 373 -61.26 51.34 -51.19
C ASP A 373 -60.84 50.57 -52.44
N ALA A 374 -61.64 49.55 -52.77
CA ALA A 374 -61.29 48.66 -53.87
C ALA A 374 -61.28 49.39 -55.22
N ASN A 375 -62.26 50.28 -55.44
CA ASN A 375 -62.29 51.02 -56.69
C ASN A 375 -61.29 52.18 -56.71
N LYS A 376 -60.65 52.48 -55.58
CA LYS A 376 -59.67 53.56 -55.46
C LYS A 376 -60.30 54.90 -55.85
N ASP A 377 -61.56 55.08 -55.49
CA ASP A 377 -62.27 56.33 -55.77
C ASP A 377 -62.28 57.28 -54.58
N GLY A 378 -61.60 56.93 -53.49
CA GLY A 378 -61.60 57.74 -52.30
C GLY A 378 -62.83 57.60 -51.43
N TYR A 379 -63.75 56.70 -51.80
CA TYR A 379 -64.97 56.50 -51.04
C TYR A 379 -65.23 55.01 -50.92
N ILE A 380 -65.60 54.58 -49.71
CA ILE A 380 -65.89 53.18 -49.44
C ILE A 380 -67.38 52.98 -49.65
N ASN A 381 -67.74 52.42 -50.79
CA ASN A 381 -69.11 51.99 -51.04
C ASN A 381 -69.27 50.53 -50.64
N TYR A 382 -70.51 50.06 -50.59
CA TYR A 382 -70.76 48.72 -50.09
C TYR A 382 -70.20 47.65 -51.03
N THR A 383 -69.99 48.00 -52.31
CA THR A 383 -69.41 47.04 -53.25
C THR A 383 -67.99 46.68 -52.86
N ASP A 384 -67.19 47.69 -52.52
CA ASP A 384 -65.83 47.44 -52.09
C ASP A 384 -65.80 46.59 -50.83
N TRP A 385 -66.77 46.78 -49.93
CA TRP A 385 -66.71 46.04 -48.68
C TRP A 385 -67.19 44.60 -48.84
N ARG A 386 -68.14 44.34 -49.76
CA ARG A 386 -68.37 42.94 -50.07
C ARG A 386 -67.12 42.33 -50.69
N ASN A 387 -66.41 43.10 -51.52
CA ASN A 387 -65.22 42.56 -52.17
C ASN A 387 -64.07 42.33 -51.20
N THR A 388 -64.02 43.02 -50.06
CA THR A 388 -62.84 43.00 -49.21
C THR A 388 -62.92 41.99 -48.06
N ILE A 389 -64.07 41.84 -47.42
CA ILE A 389 -64.21 40.92 -46.29
C ILE A 389 -65.33 39.93 -46.58
N LYS A 390 -65.06 38.67 -46.28
CA LYS A 390 -65.98 37.56 -46.51
C LYS A 390 -66.40 36.96 -45.18
N ASP A 391 -67.60 36.38 -45.13
CA ASP A 391 -68.14 35.83 -43.89
C ASP A 391 -67.47 34.51 -43.57
N ASP A 392 -66.60 34.51 -42.56
CA ASP A 392 -65.94 33.29 -42.07
C ASP A 392 -66.51 32.97 -40.69
N ASN A 393 -67.67 32.30 -40.67
CA ASN A 393 -68.33 31.93 -39.43
C ASN A 393 -67.99 30.49 -39.04
N ASP A 394 -66.73 30.27 -38.72
CA ASP A 394 -66.25 28.95 -38.33
C ASP A 394 -65.77 28.96 -36.88
N HIS A 395 -65.92 27.82 -36.22
CA HIS A 395 -65.53 27.70 -34.82
C HIS A 395 -64.03 27.86 -34.64
N LEU A 396 -63.24 27.63 -35.69
CA LEU A 396 -61.80 27.85 -35.59
C LEU A 396 -61.48 29.31 -35.30
N GLN A 397 -62.13 30.23 -36.04
CA GLN A 397 -61.96 31.64 -35.74
C GLN A 397 -62.54 31.99 -34.38
N TYR A 398 -63.57 31.28 -33.93
CA TYR A 398 -64.09 31.49 -32.59
C TYR A 398 -63.05 31.18 -31.53
N ILE A 399 -62.36 30.04 -31.69
CA ILE A 399 -61.31 29.67 -30.73
C ILE A 399 -60.15 30.65 -30.81
N LYS A 400 -59.80 31.08 -32.03
CA LYS A 400 -58.74 32.08 -32.17
C LYS A 400 -59.10 33.38 -31.45
N ASP A 401 -60.36 33.83 -31.59
CA ASP A 401 -60.81 35.03 -30.90
C ASP A 401 -60.81 34.83 -29.39
N VAL A 402 -61.15 33.62 -28.93
CA VAL A 402 -61.11 33.34 -27.50
C VAL A 402 -59.69 33.49 -26.97
N ILE A 403 -58.74 32.87 -27.67
CA ILE A 403 -57.33 32.95 -27.28
C ILE A 403 -56.88 34.40 -27.28
N TYR A 404 -57.32 35.17 -28.28
CA TYR A 404 -56.91 36.57 -28.35
C TYR A 404 -57.45 37.39 -27.20
N LYS A 405 -58.76 37.27 -26.90
CA LYS A 405 -59.30 38.16 -25.88
C LYS A 405 -58.81 37.76 -24.50
N ARG A 406 -58.74 36.46 -24.20
CA ARG A 406 -58.22 36.05 -22.90
C ARG A 406 -56.71 36.20 -22.79
N GLN A 407 -56.03 36.53 -23.88
CA GLN A 407 -54.58 36.70 -23.90
C GLN A 407 -53.87 35.47 -23.36
N LEU A 408 -54.31 34.30 -23.82
CA LEU A 408 -53.73 33.04 -23.37
C LEU A 408 -52.36 32.85 -24.00
N HIS A 409 -51.37 32.51 -23.18
CA HIS A 409 -50.05 32.19 -23.70
C HIS A 409 -50.08 30.83 -24.40
N THR A 410 -49.07 30.60 -25.23
CA THR A 410 -49.05 29.38 -26.04
C THR A 410 -48.95 28.12 -25.20
N ASP A 411 -48.08 28.12 -24.18
CA ASP A 411 -47.81 26.90 -23.45
C ASP A 411 -48.98 26.51 -22.56
N ASP A 412 -49.69 27.49 -22.01
CA ASP A 412 -50.90 27.20 -21.24
C ASP A 412 -51.94 26.52 -22.12
N VAL A 413 -52.12 27.02 -23.35
CA VAL A 413 -53.05 26.41 -24.28
C VAL A 413 -52.60 24.99 -24.62
N LEU A 414 -51.30 24.80 -24.82
CA LEU A 414 -50.79 23.48 -25.16
C LEU A 414 -51.06 22.48 -24.04
N LYS A 415 -50.75 22.87 -22.80
CA LYS A 415 -50.95 21.97 -21.67
C LYS A 415 -52.43 21.73 -21.40
N THR A 416 -53.28 22.72 -21.67
CA THR A 416 -54.71 22.49 -21.58
C THR A 416 -55.17 21.43 -22.57
N MET A 417 -54.61 21.45 -23.78
CA MET A 417 -54.91 20.43 -24.78
C MET A 417 -54.26 19.09 -24.48
N GLY A 418 -53.35 19.03 -23.51
CA GLY A 418 -52.70 17.79 -23.17
C GLY A 418 -51.43 17.50 -23.94
N LEU A 419 -50.82 18.51 -24.55
CA LEU A 419 -49.60 18.33 -25.32
C LEU A 419 -48.56 19.38 -24.90
N ASP A 420 -47.30 19.00 -24.99
CA ASP A 420 -46.19 19.88 -24.66
C ASP A 420 -45.33 20.13 -25.89
N ARG A 421 -44.42 21.10 -25.77
CA ARG A 421 -43.57 21.49 -26.90
C ARG A 421 -42.84 20.30 -27.51
N GLU A 422 -42.44 19.35 -26.68
CA GLU A 422 -41.68 18.19 -27.15
C GLU A 422 -42.55 17.02 -27.59
N HIS A 423 -43.87 17.18 -27.60
CA HIS A 423 -44.74 16.10 -28.02
C HIS A 423 -44.56 15.86 -29.52
N PRO A 424 -44.53 14.59 -29.95
CA PRO A 424 -44.31 14.28 -31.38
C PRO A 424 -45.47 14.79 -32.22
N PRO A 425 -45.29 14.88 -33.54
CA PRO A 425 -46.39 15.33 -34.41
C PRO A 425 -47.60 14.41 -34.28
N ILE A 426 -48.78 15.01 -34.35
CA ILE A 426 -50.04 14.32 -34.07
C ILE A 426 -50.85 14.20 -35.35
N ASN A 427 -51.64 13.12 -35.42
CA ASN A 427 -52.57 12.91 -36.52
C ASN A 427 -53.91 13.56 -36.17
N LYS A 428 -54.95 13.23 -36.93
CA LYS A 428 -56.26 13.85 -36.71
C LYS A 428 -56.91 13.38 -35.42
N TYR A 429 -56.68 12.12 -35.01
CA TYR A 429 -57.35 11.58 -33.84
C TYR A 429 -56.88 12.26 -32.56
N GLN A 430 -55.56 12.33 -32.37
CA GLN A 430 -55.02 13.05 -31.22
C GLN A 430 -55.39 14.53 -31.30
N LEU A 431 -55.51 15.06 -32.52
CA LEU A 431 -55.90 16.45 -32.68
C LEU A 431 -57.31 16.70 -32.17
N LYS A 432 -58.27 15.82 -32.52
CA LYS A 432 -59.63 16.05 -32.06
C LYS A 432 -59.74 15.79 -30.56
N ASP A 433 -58.98 14.81 -30.05
CA ASP A 433 -58.98 14.59 -28.61
C ASP A 433 -58.47 15.82 -27.87
N ALA A 434 -57.36 16.41 -28.35
CA ALA A 434 -56.82 17.60 -27.72
C ALA A 434 -57.78 18.78 -27.84
N LEU A 435 -58.46 18.91 -28.99
CA LEU A 435 -59.44 19.98 -29.15
C LEU A 435 -60.60 19.83 -28.19
N LYS A 436 -61.11 18.60 -28.03
CA LYS A 436 -62.19 18.36 -27.08
C LYS A 436 -61.73 18.66 -25.65
N LYS A 437 -60.46 18.39 -25.36
CA LYS A 437 -59.89 18.84 -24.09
C LYS A 437 -59.90 20.36 -23.99
N LEU A 438 -59.58 21.04 -25.08
CA LEU A 438 -59.50 22.50 -25.07
C LEU A 438 -60.88 23.13 -24.88
N ASP A 439 -61.86 22.67 -25.65
CA ASP A 439 -63.22 23.19 -25.59
C ASP A 439 -64.14 22.07 -25.14
N LEU A 440 -64.68 22.19 -23.92
CA LEU A 440 -65.56 21.16 -23.39
C LEU A 440 -66.90 21.12 -24.11
N THR A 441 -67.36 22.25 -24.65
CA THR A 441 -68.67 22.31 -25.28
C THR A 441 -68.67 21.74 -26.70
N LEU A 442 -67.51 21.73 -27.37
CA LEU A 442 -67.46 21.26 -28.75
C LEU A 442 -67.85 19.79 -28.86
N THR A 443 -68.54 19.46 -29.95
CA THR A 443 -68.89 18.07 -30.24
C THR A 443 -67.81 17.43 -31.11
N ASP A 444 -67.91 16.12 -31.27
CA ASP A 444 -66.89 15.37 -32.00
C ASP A 444 -66.87 15.74 -33.48
N ILE A 445 -68.05 15.95 -34.09
CA ILE A 445 -68.10 16.28 -35.51
C ILE A 445 -67.43 17.64 -35.76
N LYS A 446 -67.75 18.63 -34.93
CA LYS A 446 -67.15 19.95 -35.09
C LYS A 446 -65.64 19.91 -34.84
N ALA A 447 -65.22 19.13 -33.86
CA ALA A 447 -63.78 18.97 -33.62
C ALA A 447 -63.09 18.32 -34.81
N ILE A 448 -63.74 17.33 -35.43
CA ILE A 448 -63.17 16.70 -36.61
C ILE A 448 -63.08 17.70 -37.76
N ARG A 449 -64.10 18.53 -37.94
CA ARG A 449 -64.05 19.56 -38.97
C ARG A 449 -62.90 20.53 -38.72
N VAL A 450 -62.73 20.96 -37.48
CA VAL A 450 -61.66 21.89 -37.15
C VAL A 450 -60.29 21.23 -37.40
N ALA A 451 -60.15 19.97 -37.01
CA ALA A 451 -58.89 19.26 -37.25
C ALA A 451 -58.62 19.12 -38.74
N GLN A 452 -59.65 18.85 -39.53
CA GLN A 452 -59.48 18.75 -40.97
C GLN A 452 -59.04 20.08 -41.56
N THR A 453 -59.64 21.18 -41.09
CA THR A 453 -59.22 22.50 -41.57
C THR A 453 -57.78 22.79 -41.18
N LEU A 454 -57.40 22.46 -39.95
CA LEU A 454 -56.04 22.72 -39.49
C LEU A 454 -55.02 21.91 -40.28
N LEU A 455 -55.29 20.62 -40.48
CA LEU A 455 -54.32 19.75 -41.15
C LEU A 455 -54.22 20.08 -42.64
N GLY A 456 -55.34 20.39 -43.28
CA GLY A 456 -55.35 20.63 -44.71
C GLY A 456 -55.14 19.34 -45.49
N HIS A 457 -53.97 19.19 -46.09
CA HIS A 457 -53.62 18.00 -46.84
C HIS A 457 -52.51 17.19 -46.19
N GLU A 458 -52.20 17.44 -44.92
CA GLU A 458 -51.13 16.77 -44.21
C GLU A 458 -51.71 15.73 -43.26
N GLU A 459 -51.06 14.55 -43.22
CA GLU A 459 -51.49 13.50 -42.30
C GLU A 459 -51.21 13.88 -40.85
N TYR A 460 -50.12 14.60 -40.60
CA TYR A 460 -49.76 15.03 -39.26
C TYR A 460 -49.46 16.52 -39.26
N ILE A 461 -49.80 17.17 -38.15
CA ILE A 461 -49.52 18.60 -37.96
C ILE A 461 -48.41 18.72 -36.91
N SER A 462 -47.37 19.46 -37.27
CA SER A 462 -46.32 19.76 -36.30
C SER A 462 -46.86 20.72 -35.24
N MET A 463 -46.35 20.57 -34.02
CA MET A 463 -46.84 21.39 -32.93
C MET A 463 -46.54 22.86 -33.14
N TYR A 464 -45.40 23.18 -33.77
CA TYR A 464 -45.12 24.56 -34.14
C TYR A 464 -46.18 25.09 -35.10
N ASP A 465 -46.57 24.28 -36.08
CA ASP A 465 -47.63 24.68 -37.00
C ASP A 465 -48.94 24.90 -36.26
N LEU A 466 -49.26 24.01 -35.33
CA LEU A 466 -50.49 24.15 -34.55
C LEU A 466 -50.49 25.45 -33.75
N ALA A 467 -49.37 25.74 -33.08
CA ALA A 467 -49.29 26.96 -32.27
C ALA A 467 -49.36 28.20 -33.16
N ARG A 468 -48.70 28.17 -34.31
CA ARG A 468 -48.76 29.31 -35.23
C ARG A 468 -50.19 29.52 -35.74
N SER A 469 -50.89 28.44 -36.08
CA SER A 469 -52.26 28.56 -36.57
C SER A 469 -53.19 29.09 -35.49
N PHE A 470 -53.02 28.62 -34.25
CA PHE A 470 -53.88 29.08 -33.17
C PHE A 470 -53.64 30.54 -32.80
N GLU A 471 -52.57 31.15 -33.30
CA GLU A 471 -52.25 32.56 -33.03
C GLU A 471 -52.19 32.83 -31.53
N THR A 472 -51.56 31.91 -30.80
CA THR A 472 -51.40 32.07 -29.36
C THR A 472 -50.28 33.07 -29.07
N ILE A 473 -50.14 33.41 -27.80
CA ILE A 473 -49.16 34.40 -27.37
C ILE A 473 -47.88 33.69 -26.95
N GLU A 474 -46.76 34.09 -27.56
CA GLU A 474 -45.46 33.59 -27.17
C GLU A 474 -44.83 34.47 -26.12
N GLU A 475 -44.21 33.85 -25.11
CA GLU A 475 -43.57 34.61 -24.05
C GLU A 475 -42.32 35.31 -24.58
N ASP A 476 -42.05 36.49 -24.05
CA ASP A 476 -40.92 37.30 -24.50
C ASP A 476 -39.68 37.02 -23.66
N ASP A 477 -38.55 37.53 -24.15
CA ASP A 477 -37.26 37.44 -23.45
C ASP A 477 -36.86 35.98 -23.20
N LYS A 478 -36.95 35.16 -24.24
CA LYS A 478 -36.47 33.78 -24.16
C LYS A 478 -35.00 33.73 -24.57
N ILE A 479 -34.20 33.05 -23.76
CA ILE A 479 -32.74 33.05 -23.94
C ILE A 479 -32.21 31.66 -24.26
N PHE A 480 -32.63 30.63 -23.51
CA PHE A 480 -32.03 29.31 -23.59
C PHE A 480 -32.93 28.26 -24.24
N ASP A 481 -34.23 28.33 -24.01
CA ASP A 481 -35.15 27.30 -24.47
C ASP A 481 -36.48 27.95 -24.81
N PRO A 482 -37.17 27.47 -25.85
CA PRO A 482 -38.48 28.05 -26.17
C PRO A 482 -39.52 27.82 -25.07
N SER A 483 -39.31 26.84 -24.21
CA SER A 483 -40.19 26.66 -23.06
C SER A 483 -39.79 27.61 -21.94
N TRP A 484 -40.77 28.35 -21.40
CA TRP A 484 -40.47 29.30 -20.35
C TRP A 484 -40.16 28.58 -19.04
N PHE A 485 -40.64 27.35 -18.90
CA PHE A 485 -40.32 26.56 -17.71
C PHE A 485 -38.82 26.30 -17.61
N LYS A 486 -38.22 25.83 -18.71
CA LYS A 486 -36.77 25.63 -18.72
C LYS A 486 -36.03 26.96 -18.63
N ASP A 487 -36.61 28.02 -19.18
CA ASP A 487 -36.01 29.35 -19.05
C ASP A 487 -35.89 29.76 -17.59
N ILE A 488 -36.99 29.62 -16.84
CA ILE A 488 -36.96 30.00 -15.44
C ILE A 488 -36.07 29.07 -14.65
N LEU A 489 -36.01 27.79 -15.03
CA LEU A 489 -35.07 26.89 -14.38
C LEU A 489 -33.63 27.36 -14.57
N TYR A 490 -33.27 27.76 -15.79
CA TYR A 490 -31.92 28.21 -16.08
C TYR A 490 -31.60 29.51 -15.34
N LYS A 491 -32.57 30.44 -15.30
CA LYS A 491 -32.33 31.69 -14.58
C LYS A 491 -32.16 31.45 -13.07
N ILE A 492 -32.98 30.57 -12.50
CA ILE A 492 -32.81 30.23 -11.10
C ILE A 492 -31.44 29.61 -10.87
N LYS A 493 -30.99 28.74 -11.80
CA LYS A 493 -29.68 28.13 -11.68
C LYS A 493 -28.57 29.17 -11.69
N GLN A 494 -28.64 30.11 -12.64
CA GLN A 494 -27.59 31.12 -12.75
C GLN A 494 -27.57 32.01 -11.50
N LYS A 495 -28.73 32.33 -10.96
CA LYS A 495 -28.74 33.08 -9.70
C LYS A 495 -28.17 32.23 -8.57
N ILE A 496 -28.45 30.93 -8.55
CA ILE A 496 -27.97 30.08 -7.47
C ILE A 496 -26.45 30.06 -7.43
N MET A 497 -25.79 29.86 -8.57
CA MET A 497 -24.34 29.97 -8.42
C MET A 497 -23.85 31.41 -8.47
N ALA A 498 -24.76 32.37 -8.67
CA ALA A 498 -24.43 33.77 -8.43
C ALA A 498 -24.58 34.17 -6.97
N LEU A 499 -25.16 33.31 -6.14
CA LEU A 499 -25.29 33.58 -4.71
C LEU A 499 -23.94 33.53 -4.02
N GLU A 500 -23.88 34.21 -2.86
CA GLU A 500 -22.73 34.02 -1.99
C GLU A 500 -22.66 32.58 -1.49
N ASN A 501 -23.80 32.02 -1.12
CA ASN A 501 -23.92 30.60 -0.81
C ASN A 501 -24.96 29.97 -1.73
N PRO A 502 -24.54 29.16 -2.72
CA PRO A 502 -25.54 28.50 -3.58
C PRO A 502 -26.42 27.52 -2.83
N ASN A 503 -26.02 27.08 -1.64
CA ASN A 503 -26.75 26.10 -0.87
C ASN A 503 -27.76 26.72 0.10
N GLU A 504 -27.95 28.05 0.04
CA GLU A 504 -28.87 28.68 0.97
C GLU A 504 -30.30 28.20 0.76
N ILE A 505 -30.70 28.00 -0.50
CA ILE A 505 -32.08 27.63 -0.79
C ILE A 505 -32.42 26.27 -0.21
N ARG A 506 -31.52 25.29 -0.39
CA ARG A 506 -31.78 23.97 0.18
C ARG A 506 -31.75 24.01 1.70
N GLU A 507 -30.91 24.86 2.30
CA GLU A 507 -30.92 25.02 3.74
C GLU A 507 -32.26 25.56 4.23
N SER A 508 -32.81 26.56 3.54
CA SER A 508 -34.11 27.09 3.91
C SER A 508 -35.20 26.03 3.75
N PHE A 509 -35.13 25.26 2.67
CA PHE A 509 -36.11 24.20 2.45
C PHE A 509 -36.06 23.16 3.58
N GLU A 510 -34.84 22.77 3.97
CA GLU A 510 -34.71 21.82 5.07
C GLU A 510 -35.19 22.41 6.39
N ASN A 511 -34.92 23.70 6.61
CA ASN A 511 -35.36 24.35 7.84
C ASN A 511 -36.88 24.38 7.93
N TYR A 512 -37.55 24.66 6.81
CA TYR A 512 -39.01 24.67 6.81
C TYR A 512 -39.60 23.26 6.86
N ASP A 513 -38.81 22.23 6.58
CA ASP A 513 -39.29 20.84 6.66
C ASP A 513 -38.92 20.34 8.05
N GLU A 514 -39.88 20.43 8.98
CA GLU A 514 -39.62 20.06 10.35
C GLU A 514 -39.34 18.57 10.50
N HIS A 515 -39.96 17.73 9.67
CA HIS A 515 -39.75 16.30 9.73
C HIS A 515 -38.70 15.79 8.76
N ASN A 516 -38.08 16.69 7.99
CA ASN A 516 -37.08 16.32 6.99
C ASN A 516 -37.62 15.30 5.99
N GLU A 517 -38.91 15.39 5.71
CA GLU A 517 -39.53 14.49 4.74
C GLU A 517 -39.17 14.84 3.30
N GLY A 518 -38.58 16.01 3.07
CA GLY A 518 -38.34 16.46 1.71
C GLY A 518 -39.58 16.90 0.98
N ILE A 519 -40.69 17.07 1.69
CA ILE A 519 -42.00 17.30 1.09
C ILE A 519 -42.64 18.51 1.76
N LEU A 520 -43.07 19.48 0.96
CA LEU A 520 -43.69 20.69 1.46
C LEU A 520 -44.93 21.01 0.63
N ASP A 521 -45.92 21.63 1.28
CA ASP A 521 -47.15 21.99 0.60
C ASP A 521 -46.93 23.19 -0.31
N THR A 522 -48.00 23.62 -0.97
CA THR A 522 -47.92 24.80 -1.83
C THR A 522 -47.63 26.06 -1.03
N ALA A 523 -48.22 26.18 0.16
CA ALA A 523 -48.07 27.39 0.95
C ALA A 523 -46.64 27.58 1.43
N ASN A 524 -46.05 26.54 2.03
CA ASN A 524 -44.70 26.68 2.56
C ASN A 524 -43.66 26.81 1.46
N PHE A 525 -43.84 26.07 0.37
CA PHE A 525 -42.93 26.21 -0.77
C PHE A 525 -43.04 27.60 -1.37
N LYS A 526 -44.26 28.15 -1.42
CA LYS A 526 -44.46 29.54 -1.81
C LYS A 526 -43.69 30.48 -0.90
N THR A 527 -43.81 30.29 0.42
CA THR A 527 -43.17 31.18 1.38
C THR A 527 -41.66 31.14 1.24
N CYS A 528 -41.08 29.93 1.10
CA CYS A 528 -39.66 29.82 0.85
C CYS A 528 -39.27 30.51 -0.45
N LEU A 529 -40.13 30.44 -1.46
CA LEU A 529 -39.83 31.11 -2.72
C LEU A 529 -39.79 32.63 -2.57
N MET A 530 -40.76 33.20 -1.85
CA MET A 530 -40.74 34.65 -1.65
C MET A 530 -39.56 35.08 -0.78
N ARG A 531 -39.30 34.35 0.31
CA ARG A 531 -38.29 34.80 1.26
C ARG A 531 -36.86 34.67 0.73
N SER A 532 -36.65 34.01 -0.41
CA SER A 532 -35.31 33.86 -0.94
C SER A 532 -34.88 35.14 -1.67
N GLN A 533 -33.60 35.20 -2.02
CA GLN A 533 -33.04 36.31 -2.77
C GLN A 533 -33.23 36.16 -4.27
N LEU A 534 -33.87 35.07 -4.72
CA LEU A 534 -33.98 34.74 -6.13
C LEU A 534 -34.54 35.86 -6.99
N LYS A 535 -35.14 36.89 -6.38
CA LYS A 535 -35.75 38.00 -7.12
C LYS A 535 -36.83 37.48 -8.07
N LEU A 536 -37.70 36.63 -7.54
CA LEU A 536 -38.76 36.00 -8.32
C LEU A 536 -40.09 36.69 -8.05
N THR A 537 -40.77 37.09 -9.12
CA THR A 537 -42.07 37.73 -8.99
C THR A 537 -43.12 36.70 -8.57
N VAL A 538 -44.22 37.22 -8.01
CA VAL A 538 -45.31 36.34 -7.57
C VAL A 538 -45.88 35.58 -8.75
N LYS A 539 -46.04 36.25 -9.89
CA LYS A 539 -46.56 35.57 -11.08
C LYS A 539 -45.63 34.46 -11.55
N GLU A 540 -44.32 34.73 -11.59
CA GLU A 540 -43.37 33.67 -11.94
C GLU A 540 -43.44 32.54 -10.93
N ILE A 541 -43.53 32.89 -9.64
CA ILE A 541 -43.51 31.88 -8.59
C ILE A 541 -44.71 30.95 -8.71
N ASN A 542 -45.91 31.51 -8.88
CA ASN A 542 -47.08 30.63 -8.92
C ASN A 542 -47.25 29.97 -10.28
N ARG A 543 -46.63 30.52 -11.32
CA ARG A 543 -46.57 29.79 -12.59
C ARG A 543 -45.67 28.56 -12.48
N ILE A 544 -44.55 28.68 -11.78
CA ILE A 544 -43.62 27.56 -11.64
C ILE A 544 -44.30 26.38 -10.95
N VAL A 545 -45.02 26.67 -9.85
CA VAL A 545 -45.56 25.62 -9.01
C VAL A 545 -46.59 24.78 -9.75
N ARG A 546 -47.43 25.45 -10.56
CA ARG A 546 -48.52 24.75 -11.22
C ARG A 546 -48.03 23.60 -12.10
N TYR A 547 -46.81 23.70 -12.63
CA TYR A 547 -46.26 22.66 -13.48
C TYR A 547 -45.30 21.74 -12.76
N LEU A 548 -45.06 21.96 -11.46
CA LEU A 548 -44.30 21.00 -10.68
C LEU A 548 -45.19 19.81 -10.31
N PRO A 549 -44.66 18.59 -10.33
CA PRO A 549 -45.48 17.43 -10.00
C PRO A 549 -45.98 17.50 -8.56
N LYS A 550 -47.21 17.06 -8.36
CA LYS A 550 -47.86 17.09 -7.04
C LYS A 550 -47.89 15.68 -6.47
N VAL A 551 -47.15 15.47 -5.40
CA VAL A 551 -47.18 14.22 -4.64
C VAL A 551 -48.02 14.44 -3.40
N LYS A 552 -48.84 13.45 -3.06
CA LYS A 552 -49.77 13.54 -1.94
C LYS A 552 -50.69 14.76 -2.09
N VAL A 553 -51.25 14.90 -3.29
CA VAL A 553 -52.28 15.90 -3.61
C VAL A 553 -51.70 17.31 -3.57
N ASN A 554 -51.32 17.78 -2.38
CA ASN A 554 -50.95 19.17 -2.16
C ASN A 554 -49.56 19.26 -1.54
N ASN A 555 -48.59 18.57 -2.13
CA ASN A 555 -47.23 18.57 -1.59
C ASN A 555 -46.24 18.41 -2.73
N ILE A 556 -45.06 19.02 -2.57
CA ILE A 556 -44.03 19.07 -3.61
C ILE A 556 -42.71 18.61 -3.00
N ASP A 557 -41.98 17.78 -3.74
CA ASP A 557 -40.66 17.30 -3.34
C ASP A 557 -39.62 18.29 -3.86
N TYR A 558 -39.06 19.10 -2.95
CA TYR A 558 -38.14 20.15 -3.36
C TYR A 558 -36.78 19.61 -3.78
N TYR A 559 -36.40 18.41 -3.34
CA TYR A 559 -35.17 17.81 -3.85
C TYR A 559 -35.25 17.57 -5.34
N ASN A 560 -36.43 17.15 -5.84
CA ASN A 560 -36.61 16.98 -7.27
C ASN A 560 -36.42 18.30 -8.00
N PHE A 561 -36.97 19.39 -7.43
CA PHE A 561 -36.78 20.71 -8.01
C PHE A 561 -35.31 21.11 -8.03
N LEU A 562 -34.60 20.85 -6.94
CA LEU A 562 -33.18 21.18 -6.89
C LEU A 562 -32.40 20.39 -7.92
N LYS A 563 -32.73 19.10 -8.09
CA LYS A 563 -32.05 18.29 -9.08
C LYS A 563 -32.32 18.79 -10.50
N LEU A 564 -33.58 19.15 -10.79
CA LEU A 564 -33.89 19.70 -12.10
C LEU A 564 -33.15 21.00 -12.37
N VAL A 565 -33.12 21.89 -11.37
CA VAL A 565 -32.41 23.15 -11.53
C VAL A 565 -30.92 22.90 -11.76
N GLU A 566 -30.33 21.98 -10.99
CA GLU A 566 -28.94 21.61 -11.19
C GLU A 566 -28.73 21.02 -12.58
N ARG A 567 -29.67 20.22 -13.04
CA ARG A 567 -29.58 19.61 -14.37
C ARG A 567 -30.23 20.50 -15.41
N SER A 579 -19.97 9.91 -18.02
CA SER A 579 -18.93 10.92 -17.91
C SER A 579 -18.23 10.86 -16.56
N ASP A 580 -18.90 10.24 -15.58
CA ASP A 580 -18.36 10.08 -14.24
C ASP A 580 -18.74 8.70 -13.72
N ILE A 581 -18.27 8.40 -12.50
CA ILE A 581 -18.57 7.10 -11.89
C ILE A 581 -20.06 6.93 -11.69
N SER A 582 -20.75 7.99 -11.28
CA SER A 582 -22.18 7.91 -11.03
C SER A 582 -22.94 7.56 -12.31
N GLU A 583 -22.61 8.22 -13.42
CA GLU A 583 -23.27 7.91 -14.68
C GLU A 583 -22.97 6.48 -15.12
N PHE A 584 -21.72 6.04 -14.93
CA PHE A 584 -21.37 4.66 -15.29
C PHE A 584 -22.18 3.66 -14.49
N ALA A 585 -22.31 3.89 -13.18
CA ALA A 585 -23.07 2.97 -12.34
C ALA A 585 -24.56 2.97 -12.72
N VAL A 586 -25.13 4.15 -12.96
CA VAL A 586 -26.54 4.23 -13.33
C VAL A 586 -26.79 3.54 -14.66
N LYS A 587 -25.90 3.76 -15.63
CA LYS A 587 -26.05 3.13 -16.94
C LYS A 587 -25.90 1.62 -16.84
N LEU A 588 -24.95 1.14 -16.02
CA LEU A 588 -24.80 -0.30 -15.83
C LEU A 588 -26.05 -0.90 -15.18
N GLY A 589 -26.60 -0.22 -14.18
CA GLY A 589 -27.81 -0.71 -13.55
C GLY A 589 -28.99 -0.77 -14.50
N LYS A 590 -29.16 0.27 -15.32
CA LYS A 590 -30.23 0.27 -16.31
C LYS A 590 -30.01 -0.81 -17.35
N PHE A 591 -28.76 -1.02 -17.78
CA PHE A 591 -28.44 -2.06 -18.75
C PHE A 591 -28.79 -3.43 -18.20
N ILE A 592 -28.50 -3.66 -16.91
CA ILE A 592 -28.86 -4.93 -16.29
C ILE A 592 -30.38 -5.07 -16.19
N LYS A 593 -31.06 -3.99 -15.77
CA LYS A 593 -32.49 -4.07 -15.51
C LYS A 593 -33.29 -4.30 -16.79
N ASP A 594 -32.91 -3.65 -17.89
CA ASP A 594 -33.75 -3.63 -19.07
C ASP A 594 -33.98 -5.03 -19.64
N LYS A 595 -32.94 -5.85 -19.65
CA LYS A 595 -32.98 -7.18 -20.26
C LYS A 595 -33.28 -8.29 -19.27
N LYS A 596 -33.61 -7.95 -18.02
CA LYS A 596 -34.07 -8.91 -17.02
C LYS A 596 -33.01 -9.99 -16.75
N PHE A 597 -31.84 -9.54 -16.31
CA PHE A 597 -30.77 -10.43 -15.85
C PHE A 597 -30.49 -10.19 -14.37
N THR A 598 -30.47 -11.28 -13.60
CA THR A 598 -29.97 -11.22 -12.24
C THR A 598 -28.44 -11.12 -12.27
N ILE A 599 -27.88 -10.76 -11.11
CA ILE A 599 -26.42 -10.53 -11.04
C ILE A 599 -25.62 -11.77 -11.42
N PRO A 600 -25.88 -12.97 -10.86
CA PRO A 600 -25.13 -14.13 -11.34
C PRO A 600 -25.39 -14.46 -12.80
N SER A 601 -26.62 -14.23 -13.26
CA SER A 601 -26.93 -14.42 -14.67
C SER A 601 -26.14 -13.43 -15.53
N PHE A 602 -26.04 -12.18 -15.07
CA PHE A 602 -25.22 -11.20 -15.80
C PHE A 602 -23.76 -11.62 -15.84
N LEU A 603 -23.24 -12.13 -14.72
CA LEU A 603 -21.86 -12.58 -14.68
C LEU A 603 -21.63 -13.73 -15.66
N LYS A 604 -22.55 -14.70 -15.68
CA LYS A 604 -22.40 -15.83 -16.59
C LYS A 604 -22.53 -15.38 -18.04
N THR A 605 -23.43 -14.44 -18.32
CA THR A 605 -23.57 -13.92 -19.68
C THR A 605 -22.29 -13.22 -20.14
N VAL A 606 -21.69 -12.41 -19.25
CA VAL A 606 -20.44 -11.75 -19.60
C VAL A 606 -19.35 -12.79 -19.83
N ARG A 607 -19.30 -13.83 -18.99
CA ARG A 607 -18.27 -14.86 -19.15
C ARG A 607 -18.40 -15.55 -20.50
N ARG A 608 -19.63 -15.75 -20.97
CA ARG A 608 -19.83 -16.24 -22.34
C ARG A 608 -19.61 -15.12 -23.34
N THR A 624 -13.22 -12.10 -14.92
CA THR A 624 -12.03 -11.29 -14.66
C THR A 624 -12.25 -9.83 -15.06
N LEU A 625 -11.30 -8.98 -14.69
CA LEU A 625 -11.42 -7.56 -15.02
C LEU A 625 -11.38 -7.32 -16.52
N THR A 626 -10.47 -8.01 -17.23
CA THR A 626 -10.30 -7.76 -18.65
C THR A 626 -11.53 -8.15 -19.44
N GLN A 627 -12.11 -9.31 -19.15
CA GLN A 627 -13.31 -9.73 -19.85
C GLN A 627 -14.48 -8.78 -19.58
N MET A 628 -14.63 -8.35 -18.32
CA MET A 628 -15.66 -7.38 -17.99
C MET A 628 -15.47 -6.09 -18.78
N SER A 629 -14.23 -5.60 -18.85
CA SER A 629 -13.96 -4.37 -19.57
C SER A 629 -14.26 -4.51 -21.05
N GLU A 630 -13.84 -5.62 -21.66
CA GLU A 630 -14.10 -5.82 -23.08
C GLU A 630 -15.59 -5.92 -23.37
N PHE A 631 -16.32 -6.65 -22.53
CA PHE A 631 -17.75 -6.78 -22.73
C PHE A 631 -18.46 -5.44 -22.56
N LEU A 632 -18.05 -4.64 -21.58
CA LEU A 632 -18.65 -3.32 -21.40
C LEU A 632 -18.34 -2.41 -22.58
N HIS A 633 -17.11 -2.48 -23.10
CA HIS A 633 -16.75 -1.65 -24.25
C HIS A 633 -17.50 -2.06 -25.51
N ARG A 634 -17.77 -3.35 -25.68
CA ARG A 634 -18.38 -3.83 -26.92
C ARG A 634 -19.89 -3.84 -26.87
N ASN A 635 -20.50 -3.92 -25.69
CA ASN A 635 -21.95 -4.10 -25.59
C ASN A 635 -22.69 -2.92 -24.98
N VAL A 636 -22.04 -2.08 -24.18
CA VAL A 636 -22.75 -1.02 -23.49
C VAL A 636 -22.19 0.35 -23.90
N PHE A 637 -20.92 0.57 -23.59
CA PHE A 637 -20.29 1.89 -23.75
C PHE A 637 -19.44 1.93 -25.01
N LYS A 638 -20.11 1.83 -26.16
CA LYS A 638 -19.41 1.88 -27.43
C LYS A 638 -18.75 3.23 -27.66
N GLY A 639 -19.36 4.30 -27.17
CA GLY A 639 -18.84 5.64 -27.35
C GLY A 639 -17.69 6.02 -26.46
N ASN A 640 -17.31 5.16 -25.52
CA ASN A 640 -16.20 5.41 -24.61
C ASN A 640 -15.00 4.56 -25.00
N ASP A 641 -13.80 5.10 -24.77
CA ASP A 641 -12.58 4.36 -25.04
C ASP A 641 -12.42 3.22 -24.04
N ARG A 642 -11.77 2.15 -24.48
CA ARG A 642 -11.51 1.02 -23.60
C ARG A 642 -10.68 1.44 -22.38
N LEU A 643 -9.85 2.46 -22.54
CA LEU A 643 -9.14 3.00 -21.39
C LEU A 643 -10.10 3.53 -20.33
N ASP A 644 -11.13 4.26 -20.77
CA ASP A 644 -12.16 4.71 -19.83
C ASP A 644 -12.96 3.55 -19.28
N ILE A 645 -13.16 2.50 -20.07
CA ILE A 645 -13.86 1.31 -19.58
C ILE A 645 -13.07 0.69 -18.43
N ASP A 646 -11.75 0.57 -18.58
CA ASP A 646 -10.91 0.12 -17.48
C ASP A 646 -10.97 1.10 -16.31
N PHE A 647 -10.97 2.40 -16.61
CA PHE A 647 -11.06 3.43 -15.59
C PHE A 647 -12.31 3.30 -14.75
N TYR A 648 -13.39 2.77 -15.31
CA TYR A 648 -14.61 2.50 -14.55
C TYR A 648 -14.63 1.11 -13.93
N VAL A 649 -14.09 0.11 -14.61
CA VAL A 649 -14.11 -1.26 -14.10
C VAL A 649 -13.23 -1.37 -12.86
N ASN A 650 -12.10 -0.66 -12.83
CA ASN A 650 -11.26 -0.67 -11.64
C ASN A 650 -12.01 -0.16 -10.43
N GLU A 651 -12.92 0.79 -10.62
CA GLU A 651 -13.82 1.18 -9.54
C GLU A 651 -14.91 0.13 -9.30
N LEU A 652 -15.28 -0.61 -10.34
CA LEU A 652 -16.23 -1.72 -10.16
C LEU A 652 -15.63 -2.84 -9.31
N ASP A 653 -14.32 -2.90 -9.17
CA ASP A 653 -13.64 -3.96 -8.43
C ASP A 653 -13.42 -3.49 -7.00
N ILE A 654 -14.41 -3.72 -6.14
CA ILE A 654 -14.31 -3.28 -4.75
C ILE A 654 -13.25 -4.08 -4.00
N ASP A 655 -13.28 -5.40 -4.14
CA ASP A 655 -12.36 -6.26 -3.40
C ASP A 655 -10.94 -6.21 -3.93
N CYS A 656 -10.73 -5.70 -5.15
CA CYS A 656 -9.39 -5.46 -5.70
C CYS A 656 -8.56 -6.74 -5.77
N ASP A 657 -9.21 -7.89 -5.97
CA ASP A 657 -8.50 -9.15 -6.17
C ASP A 657 -8.28 -9.47 -7.65
N GLY A 658 -8.78 -8.63 -8.55
CA GLY A 658 -8.77 -8.93 -9.97
C GLY A 658 -9.98 -9.68 -10.46
N TYR A 659 -10.87 -10.11 -9.58
CA TYR A 659 -12.07 -10.87 -9.94
C TYR A 659 -13.31 -10.11 -9.47
N ILE A 660 -14.32 -10.06 -10.33
CA ILE A 660 -15.58 -9.41 -10.00
C ILE A 660 -16.61 -10.49 -9.74
N LYS A 661 -17.07 -10.57 -8.49
CA LYS A 661 -18.06 -11.56 -8.07
C LYS A 661 -19.40 -10.88 -7.83
N GLU A 662 -20.36 -11.65 -7.31
CA GLU A 662 -21.70 -11.12 -7.07
C GLU A 662 -21.67 -10.01 -6.03
N ASN A 663 -20.85 -10.16 -4.98
CA ASN A 663 -20.79 -9.15 -3.93
C ASN A 663 -20.30 -7.81 -4.47
N ASP A 664 -19.31 -7.84 -5.36
CA ASP A 664 -18.82 -6.59 -5.95
C ASP A 664 -19.93 -5.86 -6.69
N VAL A 665 -20.67 -6.59 -7.53
CA VAL A 665 -21.75 -5.97 -8.29
C VAL A 665 -22.83 -5.44 -7.35
N GLN A 666 -23.18 -6.23 -6.32
CA GLN A 666 -24.21 -5.81 -5.37
C GLN A 666 -23.81 -4.50 -4.69
N SER A 667 -22.61 -4.45 -4.13
CA SER A 667 -22.16 -3.24 -3.44
C SER A 667 -22.07 -2.06 -4.38
N PHE A 668 -21.56 -2.29 -5.59
CA PHE A 668 -21.42 -1.20 -6.55
C PHE A 668 -22.79 -0.63 -6.94
N LEU A 669 -23.78 -1.50 -7.12
CA LEU A 669 -25.10 -1.01 -7.50
C LEU A 669 -25.86 -0.40 -6.33
N ASN A 670 -25.61 -0.83 -5.09
CA ASN A 670 -26.40 -0.33 -3.98
C ASN A 670 -25.80 0.90 -3.30
N ARG A 671 -24.48 1.04 -3.28
CA ARG A 671 -23.89 2.13 -2.51
C ARG A 671 -22.88 2.93 -3.33
N TYR A 672 -23.18 3.19 -4.60
CA TYR A 672 -22.25 3.93 -5.46
C TYR A 672 -22.21 5.41 -5.14
N THR A 673 -23.24 5.95 -4.49
CA THR A 673 -23.39 7.39 -4.35
C THR A 673 -22.28 8.03 -3.53
N TYR A 674 -21.62 7.29 -2.65
CA TYR A 674 -20.65 7.85 -1.72
C TYR A 674 -19.20 7.64 -2.16
N PHE A 675 -18.94 7.58 -3.46
CA PHE A 675 -17.57 7.40 -3.93
C PHE A 675 -16.77 8.70 -3.94
N ASP A 676 -17.40 9.84 -3.64
CA ASP A 676 -16.75 11.13 -3.72
C ASP A 676 -16.58 11.82 -2.38
N GLN A 677 -16.61 11.07 -1.28
CA GLN A 677 -16.37 11.61 0.05
C GLN A 677 -14.99 11.25 0.59
N THR A 678 -13.99 11.17 -0.29
CA THR A 678 -12.64 10.80 0.12
C THR A 678 -11.93 11.92 0.87
N GLN A 679 -12.48 13.13 0.88
CA GLN A 679 -11.89 14.25 1.58
C GLN A 679 -12.25 14.29 3.06
N TYR A 680 -13.07 13.35 3.53
CA TYR A 680 -13.61 13.39 4.88
C TYR A 680 -13.13 12.24 5.76
N THR A 681 -12.42 11.26 5.20
CA THR A 681 -11.90 10.16 6.00
C THR A 681 -10.91 10.69 7.03
N PRO A 682 -10.98 10.25 8.29
CA PRO A 682 -9.99 10.72 9.28
C PRO A 682 -8.63 10.12 9.02
N LEU A 683 -7.67 10.96 8.62
CA LEU A 683 -6.35 10.45 8.24
C LEU A 683 -5.55 10.01 9.46
N SER A 684 -5.62 8.71 9.78
CA SER A 684 -4.66 8.14 10.73
C SER A 684 -3.30 8.20 10.08
N MET A 685 -2.42 9.07 10.59
CA MET A 685 -1.23 9.48 9.85
C MET A 685 -0.27 8.33 9.58
N THR A 686 -0.59 7.13 10.06
CA THR A 686 0.04 5.93 9.50
C THR A 686 -0.32 5.79 8.03
N ARG A 687 -1.57 6.08 7.68
CA ARG A 687 -1.98 6.19 6.29
C ARG A 687 -2.06 7.66 5.91
N SER A 688 -1.39 8.03 4.82
CA SER A 688 -1.23 9.42 4.44
C SER A 688 -1.80 9.66 3.05
N LEU A 689 -2.41 10.83 2.87
CA LEU A 689 -2.92 11.31 1.57
C LEU A 689 -4.01 10.40 1.02
N THR A 690 -4.52 10.76 -0.16
CA THR A 690 -5.52 9.97 -0.86
C THR A 690 -4.92 9.43 -2.15
N LEU A 691 -5.07 8.14 -2.38
CA LEU A 691 -4.51 7.49 -3.55
C LEU A 691 -5.62 6.73 -4.29
N LYS A 692 -5.56 6.83 -5.62
CA LYS A 692 -6.63 6.37 -6.49
C LYS A 692 -6.34 4.97 -7.01
N SER A 693 -7.21 4.49 -7.90
CA SER A 693 -6.95 3.27 -8.64
C SER A 693 -5.88 3.57 -9.67
N LEU A 694 -4.64 3.19 -9.37
CA LEU A 694 -3.49 3.57 -10.18
C LEU A 694 -3.33 2.63 -11.38
N ASP A 695 -4.39 1.91 -11.73
CA ASP A 695 -4.36 0.87 -12.75
C ASP A 695 -3.25 -0.15 -12.44
N PRO A 696 -3.34 -0.82 -11.29
CA PRO A 696 -2.21 -1.66 -10.85
C PRO A 696 -1.94 -2.81 -11.79
N ARG A 697 -0.64 -3.10 -11.97
CA ARG A 697 -0.27 -4.35 -12.63
C ARG A 697 -0.58 -5.55 -11.74
N THR A 698 0.09 -5.63 -10.59
CA THR A 698 -0.25 -6.58 -9.55
C THR A 698 -0.18 -5.85 -8.22
N VAL A 699 0.58 -4.75 -8.19
CA VAL A 699 0.82 -4.02 -6.96
C VAL A 699 -0.42 -3.19 -6.62
N SER A 700 -1.26 -3.72 -5.74
CA SER A 700 -2.55 -3.12 -5.43
C SER A 700 -2.39 -1.88 -4.56
N MET A 701 -3.53 -1.33 -4.15
CA MET A 701 -3.58 -0.13 -3.34
C MET A 701 -4.59 -0.30 -2.21
N ASN A 702 -4.77 0.77 -1.43
CA ASN A 702 -5.73 0.77 -0.33
C ASN A 702 -7.14 1.01 -0.84
N THR A 703 -8.09 1.25 0.07
CA THR A 703 -9.49 1.43 -0.30
C THR A 703 -10.01 2.75 0.25
N LYS A 704 -10.31 3.68 -0.65
CA LYS A 704 -11.08 4.88 -0.33
C LYS A 704 -12.39 4.78 -1.07
N THR A 705 -13.46 4.49 -0.35
CA THR A 705 -14.69 4.01 -0.99
C THR A 705 -15.90 4.53 -0.22
N LEU A 706 -17.05 3.91 -0.50
CA LEU A 706 -18.35 4.38 -0.06
C LEU A 706 -18.50 4.37 1.46
N TYR A 707 -19.04 5.46 1.99
CA TYR A 707 -19.60 5.51 3.34
C TYR A 707 -20.29 6.85 3.53
N PRO A 708 -21.41 6.89 4.25
CA PRO A 708 -22.02 8.17 4.68
C PRO A 708 -21.30 8.77 5.89
N PHE A 709 -20.23 9.51 5.63
CA PHE A 709 -19.38 9.98 6.71
C PHE A 709 -19.84 11.33 7.28
N LYS A 710 -20.38 12.21 6.44
CA LYS A 710 -20.90 13.47 6.94
C LYS A 710 -22.04 13.25 7.93
N ALA A 711 -22.06 14.04 8.99
CA ALA A 711 -23.00 13.86 10.09
C ALA A 711 -23.75 15.14 10.37
N LEU A 712 -25.00 15.00 10.82
CA LEU A 712 -25.81 16.14 11.21
C LEU A 712 -25.31 16.74 12.52
N SER A 713 -25.68 18.00 12.76
CA SER A 713 -25.32 18.68 13.99
C SER A 713 -26.20 18.20 15.15
N GLU A 714 -25.81 18.57 16.36
CA GLU A 714 -26.44 18.01 17.56
C GLU A 714 -27.89 18.46 17.70
N ALA A 715 -28.19 19.71 17.39
CA ALA A 715 -29.54 20.24 17.62
C ALA A 715 -30.56 19.57 16.69
N LYS A 716 -30.23 19.45 15.41
CA LYS A 716 -31.15 18.82 14.48
C LYS A 716 -31.28 17.33 14.76
N VAL A 717 -30.19 16.68 15.22
CA VAL A 717 -30.30 15.30 15.67
C VAL A 717 -31.25 15.20 16.85
N ASP A 718 -31.18 16.16 17.78
CA ASP A 718 -32.11 16.15 18.91
C ASP A 718 -33.55 16.31 18.44
N THR A 719 -33.79 17.20 17.49
CA THR A 719 -35.14 17.38 16.96
C THR A 719 -35.66 16.10 16.32
N ILE A 720 -34.83 15.47 15.48
CA ILE A 720 -35.23 14.24 14.81
C ILE A 720 -35.48 13.13 15.83
N LEU A 721 -34.61 13.02 16.84
CA LEU A 721 -34.79 12.01 17.87
C LEU A 721 -36.07 12.25 18.65
N ARG A 722 -36.38 13.51 18.97
CA ARG A 722 -37.62 13.81 19.66
C ARG A 722 -38.82 13.39 18.84
N ASP A 723 -38.82 13.73 17.55
CA ASP A 723 -39.94 13.34 16.69
C ASP A 723 -40.08 11.82 16.64
N LEU A 724 -38.99 11.12 16.36
CA LEU A 724 -39.04 9.67 16.22
C LEU A 724 -39.48 9.02 17.53
N ARG A 725 -39.03 9.55 18.66
CA ARG A 725 -39.41 9.00 19.95
C ARG A 725 -40.89 9.23 20.26
N LYS A 726 -41.43 10.39 19.90
CA LYS A 726 -42.88 10.57 20.10
C LYS A 726 -43.69 9.65 19.21
N LYS A 727 -43.28 9.46 17.95
CA LYS A 727 -43.96 8.47 17.13
C LYS A 727 -43.83 7.05 17.70
N MET A 728 -42.66 6.68 18.24
CA MET A 728 -42.52 5.38 18.89
C MET A 728 -43.44 5.26 20.10
N GLU A 729 -43.52 6.32 20.91
CA GLU A 729 -44.40 6.30 22.07
C GLU A 729 -45.86 6.13 21.66
N LEU A 730 -46.26 6.76 20.56
CA LEU A 730 -47.58 6.47 20.00
C LEU A 730 -47.68 5.02 19.56
N LYS A 731 -46.60 4.47 19.01
CA LYS A 731 -46.58 3.06 18.63
C LYS A 731 -46.42 2.12 19.81
N LYS A 732 -46.03 2.65 20.98
CA LYS A 732 -45.80 1.84 22.19
C LYS A 732 -44.81 0.71 21.92
N MET A 733 -43.74 1.05 21.20
CA MET A 733 -42.73 0.08 20.78
C MET A 733 -41.39 0.49 21.38
N LYS A 734 -40.78 -0.41 22.13
CA LYS A 734 -39.66 -0.07 23.00
C LYS A 734 -38.39 0.23 22.20
N ALA A 735 -37.37 0.72 22.92
CA ALA A 735 -36.09 1.00 22.30
C ALA A 735 -35.46 -0.27 21.74
N ALA A 736 -35.21 -1.26 22.59
CA ALA A 736 -34.58 -2.50 22.14
C ALA A 736 -35.43 -3.19 21.08
N GLU A 737 -36.76 -2.99 21.14
CA GLU A 737 -37.62 -3.53 20.08
C GLU A 737 -37.31 -2.89 18.75
N LEU A 738 -37.15 -1.56 18.72
CA LEU A 738 -36.68 -0.90 17.51
C LEU A 738 -35.31 -1.41 17.09
N PHE A 739 -34.44 -1.67 18.07
CA PHE A 739 -33.08 -2.05 17.75
C PHE A 739 -33.07 -3.39 17.03
N SER A 740 -33.86 -4.34 17.52
CA SER A 740 -33.97 -5.65 16.87
C SER A 740 -34.71 -5.53 15.54
N THR A 741 -35.76 -4.71 15.48
CA THR A 741 -36.56 -4.60 14.26
C THR A 741 -35.73 -4.02 13.11
N LEU A 742 -34.90 -3.02 13.40
CA LEU A 742 -34.10 -2.40 12.34
C LEU A 742 -33.15 -3.41 11.73
N ASP A 743 -32.65 -4.35 12.52
CA ASP A 743 -31.73 -5.37 12.02
C ASP A 743 -32.48 -6.40 11.18
N ALA A 744 -32.59 -6.14 9.88
CA ALA A 744 -33.38 -7.01 9.01
C ALA A 744 -32.79 -8.42 8.94
N ASP A 745 -31.46 -8.53 8.84
CA ASP A 745 -30.81 -9.82 8.73
C ASP A 745 -30.42 -10.41 10.08
N GLN A 746 -30.78 -9.74 11.18
CA GLN A 746 -30.53 -10.25 12.54
C GLN A 746 -29.04 -10.54 12.78
N ASP A 747 -28.18 -9.70 12.22
CA ASP A 747 -26.74 -9.88 12.40
C ASP A 747 -26.17 -9.08 13.55
N GLY A 748 -26.99 -8.34 14.28
CA GLY A 748 -26.53 -7.56 15.40
C GLY A 748 -25.96 -6.20 15.05
N PHE A 749 -26.14 -5.72 13.82
CA PHE A 749 -25.58 -4.45 13.40
C PHE A 749 -26.53 -3.75 12.43
N LEU A 750 -26.23 -2.48 12.18
CA LEU A 750 -27.00 -1.63 11.30
C LEU A 750 -26.11 -1.16 10.16
N THR A 751 -26.61 -1.30 8.93
CA THR A 751 -25.92 -0.80 7.75
C THR A 751 -26.74 0.30 7.08
N ILE A 752 -26.07 1.10 6.25
CA ILE A 752 -26.73 2.25 5.65
C ILE A 752 -27.85 1.81 4.71
N ASN A 753 -27.64 0.73 3.96
CA ASN A 753 -28.70 0.23 3.10
C ASN A 753 -29.90 -0.23 3.92
N GLU A 754 -29.65 -1.07 4.92
CA GLU A 754 -30.71 -1.62 5.73
C GLU A 754 -31.43 -0.54 6.53
N PHE A 755 -30.67 0.36 7.15
CA PHE A 755 -31.27 1.46 7.89
C PHE A 755 -32.11 2.35 6.97
N SER A 756 -31.53 2.75 5.83
CA SER A 756 -32.23 3.63 4.90
C SER A 756 -33.51 2.98 4.39
N GLU A 757 -33.48 1.67 4.16
CA GLU A 757 -34.66 0.98 3.67
C GLU A 757 -35.65 0.68 4.80
N ASN A 758 -35.23 0.79 6.06
CA ASN A 758 -36.09 0.41 7.17
C ASN A 758 -36.62 1.59 7.97
N ILE A 759 -35.78 2.58 8.29
CA ILE A 759 -36.24 3.70 9.12
C ILE A 759 -37.31 4.51 8.38
N ARG A 760 -37.29 4.48 7.05
CA ARG A 760 -38.31 5.19 6.27
C ARG A 760 -39.68 4.58 6.47
N LYS A 761 -39.77 3.38 7.04
CA LYS A 761 -41.05 2.76 7.33
C LYS A 761 -41.70 3.33 8.58
N ILE A 762 -41.02 4.22 9.30
CA ILE A 762 -41.56 4.89 10.48
C ILE A 762 -41.65 6.39 10.27
N ILE A 763 -40.52 7.04 9.96
CA ILE A 763 -40.46 8.47 9.71
C ILE A 763 -39.84 8.69 8.34
N GLU A 764 -40.48 9.54 7.54
CA GLU A 764 -39.97 9.87 6.21
C GLU A 764 -38.79 10.82 6.36
N LEU A 765 -37.61 10.39 5.89
CA LEU A 765 -36.39 11.17 6.00
C LEU A 765 -35.68 11.21 4.66
N SER A 766 -35.09 12.36 4.35
CA SER A 766 -34.32 12.51 3.12
C SER A 766 -32.99 11.76 3.23
N GLN A 767 -32.37 11.53 2.07
CA GLN A 767 -31.07 10.85 2.05
C GLN A 767 -30.00 11.59 2.85
N PRO A 768 -29.81 12.91 2.71
CA PRO A 768 -28.80 13.57 3.55
C PRO A 768 -29.05 13.43 5.03
N ALA A 769 -30.31 13.53 5.47
CA ALA A 769 -30.62 13.44 6.89
C ALA A 769 -30.30 12.05 7.43
N ILE A 770 -30.73 11.01 6.72
CA ILE A 770 -30.46 9.64 7.14
C ILE A 770 -28.96 9.38 7.17
N ASP A 771 -28.26 9.82 6.11
CA ASP A 771 -26.82 9.59 6.04
C ASP A 771 -26.09 10.29 7.18
N GLY A 772 -26.46 11.54 7.46
CA GLY A 772 -25.81 12.28 8.53
C GLY A 772 -26.08 11.69 9.90
N PHE A 773 -27.32 11.28 10.16
CA PHE A 773 -27.62 10.71 11.46
C PHE A 773 -26.95 9.35 11.61
N PHE A 774 -26.82 8.61 10.51
CA PHE A 774 -26.05 7.36 10.52
C PHE A 774 -24.60 7.61 10.86
N ALA A 775 -24.00 8.65 10.27
CA ALA A 775 -22.63 9.01 10.61
C ALA A 775 -22.50 9.42 12.06
N TYR A 776 -23.50 10.15 12.58
CA TYR A 776 -23.47 10.56 13.97
C TYR A 776 -23.51 9.37 14.90
N MET A 777 -24.31 8.35 14.56
CA MET A 777 -24.35 7.15 15.38
C MET A 777 -22.99 6.45 15.40
N ASP A 778 -22.37 6.29 14.23
CA ASP A 778 -21.15 5.50 14.09
C ASP A 778 -19.94 6.37 14.39
N LYS A 779 -19.78 6.70 15.67
CA LYS A 779 -18.60 7.45 16.10
C LYS A 779 -17.32 6.66 15.84
N LEU A 780 -17.42 5.33 15.82
CA LEU A 780 -16.29 4.51 15.41
C LEU A 780 -16.07 4.56 13.90
N HIS A 781 -17.09 4.94 13.13
CA HIS A 781 -16.98 5.06 11.67
C HIS A 781 -16.53 3.75 11.02
N THR A 782 -16.98 2.62 11.57
CA THR A 782 -16.56 1.31 11.09
C THR A 782 -17.52 0.70 10.09
N GLY A 783 -18.61 1.38 9.74
CA GLY A 783 -19.58 0.84 8.82
C GLY A 783 -20.71 0.05 9.45
N MET A 784 -20.65 -0.20 10.76
CA MET A 784 -21.72 -0.89 11.46
C MET A 784 -22.04 -0.16 12.75
N VAL A 785 -23.31 -0.24 13.14
CA VAL A 785 -23.76 0.29 14.42
C VAL A 785 -24.35 -0.87 15.22
N ASP A 786 -23.78 -1.10 16.40
CA ASP A 786 -24.15 -2.26 17.21
C ASP A 786 -25.29 -1.90 18.15
N LEU A 787 -25.62 -2.83 19.05
CA LEU A 787 -26.65 -2.57 20.06
C LEU A 787 -26.21 -1.48 21.03
N SER A 788 -24.95 -1.53 21.50
CA SER A 788 -24.51 -0.64 22.56
C SER A 788 -24.39 0.80 22.09
N SER A 789 -23.74 1.02 20.94
CA SER A 789 -23.59 2.39 20.46
C SER A 789 -24.93 3.00 20.08
N PHE A 790 -25.86 2.18 19.59
CA PHE A 790 -27.18 2.69 19.22
C PHE A 790 -28.03 2.96 20.46
N LEU A 791 -27.81 2.19 21.54
CA LEU A 791 -28.32 2.60 22.85
C LEU A 791 -27.77 3.96 23.26
N LYS A 792 -26.45 4.11 23.18
CA LYS A 792 -25.80 5.33 23.66
C LYS A 792 -26.29 6.56 22.89
N VAL A 793 -26.38 6.45 21.57
CA VAL A 793 -26.96 7.53 20.78
C VAL A 793 -28.42 7.74 21.14
N MET A 794 -29.16 6.65 21.35
CA MET A 794 -30.53 6.76 21.82
C MET A 794 -30.60 7.38 23.21
N ARG A 795 -29.66 7.00 24.09
CA ARG A 795 -29.63 7.49 25.46
C ARG A 795 -29.65 9.02 25.53
N GLU A 807 -12.77 7.97 23.38
CA GLU A 807 -12.53 6.55 23.13
C GLU A 807 -11.05 6.21 23.32
N ASP A 808 -10.45 5.64 22.29
CA ASP A 808 -9.04 5.30 22.31
C ASP A 808 -8.47 5.41 20.91
N ASN A 809 -7.16 5.60 20.84
CA ASN A 809 -6.47 5.72 19.56
C ASN A 809 -5.04 5.24 19.74
N PHE A 810 -4.24 5.38 18.69
CA PHE A 810 -2.85 4.91 18.67
C PHE A 810 -1.92 5.97 18.12
N ASP A 811 -2.28 7.25 18.29
CA ASP A 811 -1.40 8.32 17.85
C ASP A 811 -0.15 8.40 18.73
N TRP A 812 -0.28 8.05 20.01
CA TRP A 812 0.84 8.20 20.93
C TRP A 812 1.99 7.27 20.54
N GLU A 813 1.68 6.02 20.19
CA GLU A 813 2.74 5.06 19.88
C GLU A 813 3.51 5.46 18.63
N ASN A 814 2.80 5.78 17.55
CA ASN A 814 3.50 6.20 16.34
C ASN A 814 4.21 7.53 16.54
N GLU A 815 3.65 8.42 17.37
CA GLU A 815 4.35 9.66 17.71
C GLU A 815 5.66 9.35 18.42
N MET A 816 5.65 8.38 19.33
CA MET A 816 6.88 7.95 19.97
C MET A 816 7.85 7.36 18.96
N VAL A 817 7.32 6.68 17.93
CA VAL A 817 8.18 6.15 16.88
C VAL A 817 8.91 7.29 16.18
N PHE A 818 8.17 8.34 15.81
CA PHE A 818 8.81 9.49 15.18
C PHE A 818 9.80 10.16 16.12
N ARG A 819 9.45 10.28 17.41
CA ARG A 819 10.36 10.92 18.36
C ARG A 819 11.64 10.12 18.53
N ILE A 820 11.53 8.79 18.58
CA ILE A 820 12.71 7.94 18.68
C ILE A 820 13.57 8.09 17.43
N ARG A 821 12.92 8.12 16.26
CA ARG A 821 13.67 8.29 15.02
C ARG A 821 14.41 9.62 15.01
N GLN A 822 13.77 10.67 15.51
CA GLN A 822 14.43 11.96 15.63
C GLN A 822 15.59 11.91 16.61
N TRP A 823 15.40 11.22 17.74
CA TRP A 823 16.44 11.17 18.76
C TRP A 823 17.66 10.40 18.26
N PHE A 824 17.48 9.47 17.33
CA PHE A 824 18.60 8.80 16.71
C PHE A 824 19.46 9.76 15.88
N LYS A 825 18.85 10.83 15.37
CA LYS A 825 19.56 11.71 14.45
C LYS A 825 20.75 12.39 15.10
N LYS A 826 20.61 12.83 16.35
CA LYS A 826 21.67 13.58 16.99
C LYS A 826 22.85 12.71 17.42
N GLU A 827 22.60 11.44 17.71
CA GLU A 827 23.63 10.58 18.30
C GLU A 827 24.83 10.39 17.39
N GLY A 828 24.61 9.78 16.23
CA GLY A 828 25.70 9.43 15.34
C GLY A 828 26.23 8.02 15.51
N ILE A 829 25.72 7.26 16.48
CA ILE A 829 26.12 5.88 16.68
C ILE A 829 25.46 5.01 15.62
N THR A 830 26.02 3.83 15.38
CA THR A 830 25.51 2.94 14.35
C THR A 830 24.27 2.21 14.85
N VAL A 831 23.62 1.49 13.93
CA VAL A 831 22.42 0.74 14.28
C VAL A 831 22.76 -0.35 15.30
N GLU A 832 23.91 -1.00 15.12
CA GLU A 832 24.32 -2.02 16.08
C GLU A 832 24.54 -1.43 17.47
N ASP A 833 25.21 -0.27 17.53
CA ASP A 833 25.42 0.36 18.83
C ASP A 833 24.11 0.76 19.47
N SER A 834 23.18 1.30 18.68
CA SER A 834 21.91 1.74 19.24
C SER A 834 21.04 0.55 19.65
N PHE A 835 21.25 -0.61 19.01
CA PHE A 835 20.58 -1.82 19.46
C PHE A 835 21.17 -2.32 20.77
N ARG A 836 22.50 -2.26 20.88
CA ARG A 836 23.15 -2.59 22.15
C ARG A 836 22.71 -1.65 23.26
N ALA A 837 22.35 -0.43 22.90
CA ALA A 837 21.95 0.58 23.89
C ALA A 837 20.70 0.18 24.66
N ILE A 838 19.91 -0.76 24.16
CA ILE A 838 18.67 -1.17 24.80
C ILE A 838 18.84 -2.49 25.55
N ASP A 839 19.36 -3.51 24.87
CA ASP A 839 19.52 -4.84 25.45
C ASP A 839 20.69 -4.83 26.42
N GLN A 840 20.39 -4.52 27.68
CA GLN A 840 21.43 -4.34 28.69
C GLN A 840 21.92 -5.66 29.28
N ASN A 841 21.16 -6.75 29.11
CA ASN A 841 21.55 -8.05 29.62
C ASN A 841 22.22 -8.92 28.56
N PHE A 842 22.57 -8.34 27.41
CA PHE A 842 23.17 -9.08 26.29
C PHE A 842 22.27 -10.23 25.83
N LYS A 843 20.96 -10.08 26.02
CA LYS A 843 20.01 -11.12 25.69
C LYS A 843 19.59 -11.13 24.22
N ARG A 844 20.03 -10.13 23.44
CA ARG A 844 19.73 -10.03 22.02
C ARG A 844 18.25 -9.79 21.77
N GLU A 845 17.45 -9.78 22.83
CA GLU A 845 16.00 -9.66 22.71
C GLU A 845 15.51 -8.58 23.64
N ILE A 846 14.85 -7.57 23.05
CA ILE A 846 14.28 -6.47 23.82
C ILE A 846 12.91 -6.92 24.29
N ASN A 847 12.86 -7.53 25.47
CA ASN A 847 11.60 -7.97 26.05
C ASN A 847 10.84 -6.74 26.55
N VAL A 848 9.70 -6.97 27.20
CA VAL A 848 8.94 -5.84 27.74
C VAL A 848 9.73 -5.11 28.80
N ASP A 849 10.52 -5.83 29.59
CA ASP A 849 11.36 -5.19 30.61
C ASP A 849 12.41 -4.29 29.98
N ASP A 850 13.12 -4.79 28.97
CA ASP A 850 14.13 -3.98 28.30
C ASP A 850 13.50 -2.74 27.66
N LEU A 851 12.35 -2.93 27.00
CA LEU A 851 11.69 -1.81 26.34
C LEU A 851 11.26 -0.75 27.33
N GLU A 852 10.65 -1.16 28.46
CA GLU A 852 10.20 -0.18 29.43
C GLU A 852 11.40 0.51 30.09
N ILE A 853 12.48 -0.22 30.33
CA ILE A 853 13.69 0.40 30.89
C ILE A 853 14.20 1.49 29.95
N PHE A 854 14.32 1.16 28.67
CA PHE A 854 14.80 2.15 27.71
C PHE A 854 13.85 3.33 27.59
N LEU A 855 12.54 3.06 27.63
CA LEU A 855 11.56 4.14 27.50
C LEU A 855 11.65 5.11 28.68
N LYS A 856 11.60 4.59 29.92
CA LYS A 856 11.55 5.48 31.07
C LYS A 856 12.91 6.13 31.34
N ASP A 857 14.00 5.43 31.04
CA ASP A 857 15.32 5.99 31.33
C ASP A 857 15.68 7.09 30.34
N CYS A 858 15.75 6.75 29.05
CA CYS A 858 16.22 7.71 28.06
C CYS A 858 15.11 8.69 27.67
N LEU A 859 14.00 8.18 27.15
CA LEU A 859 12.93 9.04 26.65
C LEU A 859 12.21 9.79 27.75
N LYS A 860 12.44 9.45 29.02
CA LYS A 860 11.91 10.18 30.17
C LYS A 860 10.39 10.15 30.18
N VAL A 861 9.80 9.05 29.72
CA VAL A 861 8.36 8.88 29.75
C VAL A 861 7.93 8.61 31.20
N LYS A 862 6.86 9.26 31.62
CA LYS A 862 6.40 9.13 33.00
C LYS A 862 5.96 7.70 33.29
N SER A 863 6.27 7.25 34.52
CA SER A 863 5.93 5.88 34.90
C SER A 863 4.43 5.68 35.03
N GLU A 864 3.70 6.74 35.39
CA GLU A 864 2.24 6.63 35.48
C GLU A 864 1.62 6.32 34.13
N GLU A 865 2.25 6.75 33.05
CA GLU A 865 1.70 6.57 31.71
C GLU A 865 2.00 5.20 31.11
N LEU A 866 2.82 4.39 31.76
CA LEU A 866 3.23 3.08 31.23
C LEU A 866 2.50 1.99 31.99
N ASN A 867 1.58 1.31 31.32
CA ASN A 867 0.96 0.09 31.83
C ASN A 867 1.29 -1.08 30.93
N LYS A 868 0.91 -2.28 31.37
CA LYS A 868 1.21 -3.48 30.59
C LYS A 868 0.51 -3.45 29.23
N ALA A 869 -0.69 -2.87 29.17
CA ALA A 869 -1.47 -2.94 27.94
C ALA A 869 -0.78 -2.20 26.79
N LYS A 870 -0.43 -0.93 26.99
CA LYS A 870 0.11 -0.16 25.88
C LYS A 870 1.57 -0.51 25.62
N LEU A 871 2.31 -0.91 26.63
CA LEU A 871 3.66 -1.42 26.39
C LEU A 871 3.62 -2.69 25.54
N ASP A 872 2.66 -3.58 25.85
CA ASP A 872 2.47 -4.77 25.01
C ASP A 872 2.05 -4.39 23.60
N ARG A 873 1.20 -3.36 23.47
CA ARG A 873 0.82 -2.89 22.14
C ARG A 873 2.01 -2.39 21.36
N LEU A 874 2.88 -1.60 22.00
CA LEU A 874 4.08 -1.11 21.33
C LEU A 874 5.00 -2.27 20.96
N PHE A 875 5.15 -3.23 21.85
CA PHE A 875 6.01 -4.38 21.56
C PHE A 875 5.47 -5.18 20.38
N LYS A 876 4.15 -5.39 20.32
CA LYS A 876 3.56 -6.08 19.18
C LYS A 876 3.70 -5.26 17.90
N LEU A 877 3.66 -3.93 18.01
CA LEU A 877 3.91 -3.08 16.85
C LEU A 877 5.35 -3.24 16.36
N ILE A 878 6.30 -3.36 17.28
CA ILE A 878 7.68 -3.55 16.89
C ILE A 878 7.87 -4.93 16.26
N ASP A 879 7.30 -5.95 16.87
CA ASP A 879 7.59 -7.35 16.51
C ASP A 879 7.06 -7.63 15.12
N GLN A 880 7.97 -7.74 14.14
CA GLN A 880 7.55 -8.07 12.79
C GLN A 880 7.14 -9.53 12.67
N TYR A 881 7.92 -10.42 13.28
CA TYR A 881 7.75 -11.85 13.08
C TYR A 881 6.87 -12.50 14.14
N LYS A 882 6.28 -11.70 15.02
CA LYS A 882 5.33 -12.16 16.04
C LYS A 882 5.93 -13.27 16.90
N ARG A 883 7.19 -13.07 17.31
CA ARG A 883 7.93 -14.07 18.08
C ARG A 883 7.93 -13.78 19.57
N GLY A 884 7.38 -12.64 19.99
CA GLY A 884 7.35 -12.30 21.39
C GLY A 884 8.72 -11.90 21.93
N LYS A 885 9.67 -11.68 21.03
CA LYS A 885 11.01 -11.24 21.40
C LYS A 885 11.68 -10.63 20.18
N VAL A 886 12.28 -9.45 20.36
CA VAL A 886 12.76 -8.61 19.27
C VAL A 886 14.25 -8.83 19.09
N ASN A 887 14.63 -9.46 17.97
CA ASN A 887 16.04 -9.65 17.64
C ASN A 887 16.59 -8.42 16.93
N PHE A 888 17.79 -8.56 16.36
CA PHE A 888 18.42 -7.46 15.65
C PHE A 888 17.63 -7.07 14.40
N VAL A 889 17.18 -8.06 13.63
CA VAL A 889 16.40 -7.77 12.42
C VAL A 889 15.17 -6.95 12.77
N ASP A 890 14.48 -7.35 13.85
CA ASP A 890 13.21 -6.75 14.20
C ASP A 890 13.37 -5.27 14.51
N TRP A 891 14.31 -4.92 15.40
CA TRP A 891 14.51 -3.53 15.76
C TRP A 891 15.08 -2.74 14.59
N LYS A 892 15.97 -3.37 13.81
CA LYS A 892 16.55 -2.68 12.67
C LYS A 892 15.49 -2.27 11.67
N ARG A 893 14.55 -3.17 11.37
CA ARG A 893 13.48 -2.82 10.45
C ARG A 893 12.52 -1.83 11.08
N PHE A 894 12.38 -1.86 12.41
CA PHE A 894 11.59 -0.84 13.09
C PHE A 894 12.18 0.55 12.90
N ILE A 895 13.50 0.66 12.97
CA ILE A 895 14.14 1.98 12.91
C ILE A 895 14.36 2.46 11.47
N MET A 896 14.68 1.57 10.54
CA MET A 896 15.14 1.96 9.21
C MET A 896 14.01 2.13 8.20
N GLU A 897 12.97 1.30 8.27
CA GLU A 897 12.01 1.20 7.19
C GLU A 897 11.34 2.54 6.88
N ASP A 898 11.14 2.80 5.59
CA ASP A 898 10.45 4.00 5.13
C ASP A 898 8.96 3.73 5.05
N PHE A 899 8.17 4.76 5.36
CA PHE A 899 6.73 4.59 5.50
C PHE A 899 6.00 4.46 4.18
N GLY A 900 6.39 5.24 3.16
CA GLY A 900 5.64 5.34 1.93
C GLY A 900 6.14 4.54 0.75
N TYR A 901 6.97 3.52 0.94
CA TYR A 901 7.53 2.75 -0.16
C TYR A 901 6.97 1.33 -0.24
N GLY A 902 5.99 1.00 0.59
CA GLY A 902 5.36 -0.32 0.50
C GLY A 902 6.28 -1.48 0.77
N MET A 903 7.09 -1.39 1.84
CA MET A 903 7.97 -2.49 2.23
C MET A 903 7.23 -3.60 2.97
N ASN A 904 5.92 -3.44 3.20
CA ASN A 904 5.08 -4.38 3.91
C ASN A 904 4.81 -5.69 3.14
N GLN A 905 5.44 -5.92 1.99
CA GLN A 905 5.36 -7.23 1.36
C GLN A 905 5.95 -8.30 2.25
N THR A 906 7.07 -7.99 2.91
CA THR A 906 7.68 -8.92 3.85
C THR A 906 6.76 -9.26 5.00
N ILE A 907 5.76 -8.41 5.27
CA ILE A 907 4.81 -8.67 6.35
C ILE A 907 3.58 -9.42 5.84
N MET A 908 2.98 -8.94 4.75
CA MET A 908 1.76 -9.57 4.23
C MET A 908 2.06 -10.75 3.30
N GLY A 909 3.28 -11.28 3.30
CA GLY A 909 3.59 -12.46 2.52
C GLY A 909 3.45 -12.31 1.03
N GLY A 910 3.96 -11.23 0.46
CA GLY A 910 3.95 -11.02 -0.97
C GLY A 910 2.89 -10.05 -1.47
N LYS A 911 1.80 -9.89 -0.74
CA LYS A 911 0.78 -8.92 -1.11
C LYS A 911 1.28 -7.51 -0.82
N LYS A 912 1.11 -6.61 -1.78
CA LYS A 912 1.59 -5.24 -1.65
C LYS A 912 0.41 -4.26 -1.69
N ILE A 913 0.38 -3.36 -0.72
CA ILE A 913 -0.56 -2.25 -0.68
C ILE A 913 0.22 -0.99 -0.37
N ASP A 914 0.06 0.04 -1.20
CA ASP A 914 0.86 1.25 -1.06
C ASP A 914 0.15 2.31 -0.24
N ASN A 915 0.94 3.30 0.21
CA ASN A 915 0.47 4.39 1.06
C ASN A 915 -0.22 3.87 2.33
N ILE A 916 0.13 2.68 2.77
CA ILE A 916 -0.29 2.13 4.05
C ILE A 916 0.95 1.74 4.82
N SER A 917 1.12 2.29 6.01
CA SER A 917 2.28 1.98 6.82
C SER A 917 2.30 0.50 7.17
N SER A 918 3.49 -0.09 7.13
CA SER A 918 3.66 -1.45 7.63
C SER A 918 3.45 -1.54 9.13
N PHE A 919 3.47 -0.42 9.84
CA PHE A 919 3.37 -0.39 11.29
C PHE A 919 1.96 -0.10 11.78
N ASP A 920 0.97 -0.01 10.90
CA ASP A 920 -0.40 0.15 11.35
C ASP A 920 -0.84 -1.13 12.05
N TRP A 921 -1.40 -0.98 13.24
CA TRP A 921 -1.72 -2.13 14.07
C TRP A 921 -2.85 -2.98 13.52
N LYS A 922 -3.69 -2.41 12.63
CA LYS A 922 -4.70 -3.22 11.96
C LYS A 922 -4.04 -4.34 11.16
N ILE A 923 -3.03 -4.00 10.37
CA ILE A 923 -2.36 -5.00 9.56
C ILE A 923 -1.60 -5.99 10.43
N ASN A 924 -1.02 -5.51 11.53
CA ASN A 924 -0.33 -6.42 12.45
C ASN A 924 -1.28 -7.43 13.06
N ALA A 925 -2.47 -6.98 13.47
CA ALA A 925 -3.47 -7.90 13.97
C ALA A 925 -3.90 -8.89 12.90
N ARG A 926 -4.04 -8.41 11.65
CA ARG A 926 -4.37 -9.32 10.56
C ARG A 926 -3.28 -10.36 10.36
N GLN A 927 -2.02 -9.96 10.48
CA GLN A 927 -0.91 -10.91 10.34
C GLN A 927 -0.96 -11.96 11.44
N GLN A 928 -1.21 -11.53 12.68
CA GLN A 928 -1.32 -12.49 13.77
C GLN A 928 -2.47 -13.45 13.52
N LEU A 929 -3.61 -12.93 13.05
CA LEU A 929 -4.74 -13.78 12.72
C LEU A 929 -4.35 -14.83 11.69
N GLY A 930 -3.72 -14.39 10.60
CA GLY A 930 -3.36 -15.32 9.54
C GLY A 930 -2.36 -16.37 9.99
N LEU A 931 -1.37 -15.96 10.78
CA LEU A 931 -0.38 -16.92 11.26
C LEU A 931 -1.00 -17.94 12.19
N VAL A 932 -1.88 -17.51 13.09
CA VAL A 932 -2.56 -18.46 13.97
C VAL A 932 -3.42 -19.42 13.16
N LEU A 933 -4.13 -18.90 12.15
CA LEU A 933 -4.95 -19.77 11.31
C LEU A 933 -4.09 -20.81 10.60
N THR A 934 -2.98 -20.38 10.02
CA THR A 934 -2.11 -21.32 9.31
C THR A 934 -1.48 -22.33 10.25
N ARG A 935 -1.24 -21.94 11.51
CA ARG A 935 -0.68 -22.89 12.46
C ARG A 935 -1.70 -23.92 12.93
N ARG A 936 -2.92 -23.50 13.23
CA ARG A 936 -3.86 -24.39 13.90
C ARG A 936 -4.86 -25.06 12.97
N PHE A 937 -4.75 -24.89 11.66
CA PHE A 937 -5.67 -25.54 10.73
C PHE A 937 -4.96 -25.90 9.44
N SER A 938 -5.52 -26.87 8.73
CA SER A 938 -4.89 -27.38 7.52
C SER A 938 -5.19 -26.49 6.31
N THR A 939 -6.47 -26.38 5.95
CA THR A 939 -6.88 -25.60 4.79
C THR A 939 -7.71 -24.41 5.26
N LEU A 940 -7.54 -23.28 4.56
CA LEU A 940 -8.32 -22.09 4.89
C LEU A 940 -9.82 -22.35 4.77
N SER A 941 -10.22 -23.24 3.85
CA SER A 941 -11.61 -23.62 3.75
C SER A 941 -12.07 -24.33 5.02
N HIS A 942 -11.25 -25.25 5.53
CA HIS A 942 -11.58 -25.95 6.77
C HIS A 942 -11.72 -24.98 7.93
N SER A 943 -10.77 -24.04 8.05
CA SER A 943 -10.83 -23.06 9.12
C SER A 943 -12.07 -22.18 8.98
N PHE A 944 -12.38 -21.75 7.75
CA PHE A 944 -13.58 -20.94 7.54
C PHE A 944 -14.83 -21.69 7.93
N ASP A 945 -14.92 -22.98 7.55
CA ASP A 945 -16.10 -23.76 7.88
C ASP A 945 -16.24 -23.95 9.39
N VAL A 946 -15.14 -24.26 10.08
CA VAL A 946 -15.23 -24.53 11.51
C VAL A 946 -15.53 -23.26 12.29
N ILE A 947 -14.92 -22.14 11.89
CA ILE A 947 -15.22 -20.87 12.56
C ILE A 947 -16.64 -20.43 12.27
N SER A 948 -17.09 -20.57 11.02
CA SER A 948 -18.46 -20.25 10.67
C SER A 948 -19.47 -21.26 11.22
N GLY A 949 -19.01 -22.40 11.72
CA GLY A 949 -19.91 -23.40 12.23
C GLY A 949 -20.79 -24.00 11.15
N TYR A 950 -20.19 -24.36 10.01
CA TYR A 950 -20.90 -24.95 8.88
C TYR A 950 -21.96 -23.99 8.32
N ARG A 951 -21.72 -22.70 8.45
CA ARG A 951 -22.63 -21.67 7.96
C ARG A 951 -21.98 -20.91 6.81
N LYS A 952 -22.82 -20.28 5.99
CA LYS A 952 -22.32 -19.50 4.87
C LYS A 952 -21.88 -18.10 5.28
N LYS A 953 -22.40 -17.56 6.37
CA LYS A 953 -22.08 -16.21 6.81
C LYS A 953 -21.43 -16.27 8.19
N LEU A 954 -20.40 -15.46 8.39
CA LEU A 954 -19.67 -15.40 9.65
C LEU A 954 -20.06 -14.10 10.35
N LEU A 955 -20.81 -14.23 11.44
CA LEU A 955 -21.22 -13.07 12.22
C LEU A 955 -20.13 -12.67 13.20
N PHE A 956 -20.32 -11.51 13.83
CA PHE A 956 -19.32 -11.01 14.78
C PHE A 956 -19.24 -11.90 16.02
N SER A 957 -20.36 -12.52 16.40
CA SER A 957 -20.37 -13.37 17.59
C SER A 957 -19.42 -14.55 17.43
N HIS A 958 -19.47 -15.21 16.27
CA HIS A 958 -18.60 -16.36 16.04
C HIS A 958 -17.14 -15.95 16.11
N PHE A 959 -16.79 -14.82 15.47
CA PHE A 959 -15.40 -14.41 15.43
C PHE A 959 -14.89 -14.02 16.82
N LYS A 960 -15.69 -13.28 17.58
CA LYS A 960 -15.21 -12.90 18.91
C LYS A 960 -15.11 -14.12 19.81
N LYS A 961 -16.05 -15.06 19.69
CA LYS A 961 -15.96 -16.28 20.47
C LYS A 961 -14.68 -17.04 20.13
N TRP A 962 -14.36 -17.15 18.84
CA TRP A 962 -13.17 -17.91 18.46
C TRP A 962 -11.89 -17.22 18.91
N VAL A 963 -11.82 -15.89 18.80
CA VAL A 963 -10.59 -15.22 19.24
C VAL A 963 -10.47 -15.30 20.75
N GLN A 964 -11.59 -15.22 21.48
CA GLN A 964 -11.53 -15.31 22.93
C GLN A 964 -11.08 -16.70 23.39
N ASP A 965 -11.67 -17.76 22.85
CA ASP A 965 -11.28 -19.09 23.31
C ASP A 965 -10.01 -19.56 22.62
N THR A 966 -9.50 -18.80 21.66
CA THR A 966 -8.26 -19.09 20.96
C THR A 966 -7.09 -18.25 21.47
N ASP A 967 -7.38 -17.10 22.07
CA ASP A 967 -6.34 -16.17 22.54
C ASP A 967 -5.44 -15.73 21.39
N ALA A 968 -6.06 -15.46 20.23
CA ALA A 968 -5.29 -15.05 19.06
C ALA A 968 -4.86 -13.59 19.13
N LEU A 969 -5.57 -12.75 19.91
CA LEU A 969 -5.24 -11.34 20.05
C LEU A 969 -4.54 -11.05 21.37
N ARG A 970 -3.96 -12.07 21.98
CA ARG A 970 -3.09 -11.88 23.14
C ARG A 970 -1.92 -10.99 22.76
N GLY A 971 -1.64 -9.99 23.59
CA GLY A 971 -0.57 -9.05 23.36
C GLY A 971 -1.00 -7.75 22.71
N PHE A 972 -2.15 -7.73 22.05
CA PHE A 972 -2.72 -6.50 21.51
C PHE A 972 -3.78 -5.90 22.40
N ASP A 973 -4.55 -6.74 23.10
CA ASP A 973 -5.50 -6.28 24.12
C ASP A 973 -6.52 -5.31 23.54
N LEU A 974 -7.05 -5.64 22.36
CA LEU A 974 -8.04 -4.79 21.71
C LEU A 974 -9.33 -4.78 22.50
N THR A 975 -9.94 -3.60 22.62
CA THR A 975 -11.20 -3.45 23.33
C THR A 975 -12.36 -3.83 22.41
N GLU A 976 -13.59 -3.67 22.91
CA GLU A 976 -14.77 -4.02 22.13
C GLU A 976 -14.86 -3.17 20.86
N SER A 977 -14.65 -1.87 20.99
CA SER A 977 -14.64 -1.00 19.81
C SER A 977 -13.53 -1.39 18.86
N LEU A 978 -12.36 -1.75 19.41
CA LEU A 978 -11.24 -2.14 18.57
C LEU A 978 -11.53 -3.44 17.84
N MET A 979 -12.17 -4.40 18.50
CA MET A 979 -12.56 -5.63 17.82
C MET A 979 -13.61 -5.33 16.74
N GLN A 980 -14.53 -4.40 17.01
CA GLN A 980 -15.52 -4.05 16.00
C GLN A 980 -14.86 -3.44 14.78
N GLU A 981 -13.89 -2.54 14.97
CA GLU A 981 -13.23 -1.94 13.81
C GLU A 981 -12.38 -2.97 13.08
N LEU A 982 -11.79 -3.91 13.81
CA LEU A 982 -11.03 -4.97 13.13
C LEU A 982 -11.94 -5.84 12.27
N PHE A 983 -13.11 -6.22 12.79
CA PHE A 983 -14.05 -7.00 12.01
C PHE A 983 -14.53 -6.20 10.81
N SER A 984 -14.71 -4.89 10.98
CA SER A 984 -15.06 -4.03 9.86
C SER A 984 -13.96 -4.04 8.80
N ASP A 985 -12.71 -3.94 9.24
CA ASP A 985 -11.58 -3.94 8.31
C ASP A 985 -11.54 -5.24 7.52
N LEU A 986 -11.82 -6.36 8.19
CA LEU A 986 -11.88 -7.64 7.49
C LEU A 986 -12.99 -7.65 6.43
N ASP A 987 -13.99 -6.79 6.56
CA ASP A 987 -15.12 -6.73 5.62
C ASP A 987 -14.82 -5.64 4.59
N SER A 988 -14.41 -6.07 3.40
CA SER A 988 -14.05 -5.11 2.35
C SER A 988 -15.29 -4.47 1.72
N HIS A 989 -16.38 -5.22 1.56
CA HIS A 989 -17.57 -4.71 0.91
C HIS A 989 -18.56 -4.08 1.88
N ASN A 990 -18.24 -4.02 3.17
CA ASN A 990 -19.11 -3.41 4.18
C ASN A 990 -20.48 -4.08 4.17
N LYS A 991 -20.49 -5.40 4.02
CA LYS A 991 -21.73 -6.17 4.10
C LYS A 991 -22.07 -6.58 5.53
N GLY A 992 -21.17 -6.38 6.48
CA GLY A 992 -21.38 -6.80 7.84
C GLY A 992 -21.05 -8.24 8.13
N TYR A 993 -20.63 -9.01 7.12
CA TYR A 993 -20.28 -10.40 7.33
C TYR A 993 -19.23 -10.80 6.29
N LEU A 994 -18.49 -11.86 6.60
CA LEU A 994 -17.39 -12.33 5.76
C LEU A 994 -17.81 -13.61 5.05
N SER A 995 -17.63 -13.64 3.74
CA SER A 995 -17.83 -14.85 2.95
C SER A 995 -16.54 -15.65 2.88
N GLU A 996 -16.60 -16.82 2.24
CA GLU A 996 -15.41 -17.65 2.10
C GLU A 996 -14.35 -16.95 1.26
N SER A 997 -14.78 -16.32 0.16
CA SER A 997 -13.83 -15.60 -0.67
C SER A 997 -13.15 -14.48 0.11
N ASP A 998 -13.92 -13.80 0.98
CA ASP A 998 -13.33 -12.80 1.85
C ASP A 998 -12.24 -13.39 2.72
N TRP A 999 -12.51 -14.56 3.31
CA TRP A 999 -11.53 -15.20 4.18
C TRP A 999 -10.27 -15.53 3.41
N GLU A 1000 -10.43 -16.11 2.22
CA GLU A 1000 -9.27 -16.51 1.42
C GLU A 1000 -8.44 -15.31 0.97
N ILE A 1001 -9.12 -14.23 0.55
CA ILE A 1001 -8.39 -13.03 0.16
C ILE A 1001 -7.67 -12.42 1.35
N ALA A 1002 -8.31 -12.46 2.53
CA ALA A 1002 -7.71 -11.84 3.69
C ALA A 1002 -6.48 -12.61 4.18
N PHE A 1003 -6.51 -13.94 4.12
CA PHE A 1003 -5.45 -14.73 4.74
C PHE A 1003 -4.79 -15.74 3.80
N GLY A 1004 -4.98 -15.62 2.50
CA GLY A 1004 -4.38 -16.57 1.57
C GLY A 1004 -2.88 -16.40 1.38
N GLY A 1005 -2.35 -15.21 1.64
CA GLY A 1005 -0.95 -14.93 1.39
C GLY A 1005 0.01 -15.29 2.49
N PHE A 1006 -0.44 -15.90 3.57
CA PHE A 1006 0.40 -16.20 4.72
C PHE A 1006 0.66 -17.70 4.81
N ASP A 1007 1.92 -18.06 4.99
CA ASP A 1007 2.32 -19.46 5.17
C ASP A 1007 3.39 -19.50 6.25
N TRP A 1008 3.07 -20.13 7.37
CA TRP A 1008 4.01 -20.13 8.50
C TRP A 1008 5.29 -20.87 8.14
N GLU A 1009 5.20 -21.93 7.35
CA GLU A 1009 6.40 -22.62 6.88
C GLU A 1009 7.25 -21.70 6.01
N HIS A 1010 6.63 -21.05 5.03
CA HIS A 1010 7.39 -20.13 4.18
C HIS A 1010 7.98 -19.01 5.03
N GLN A 1011 7.15 -18.34 5.82
CA GLN A 1011 7.60 -17.27 6.73
C GLN A 1011 8.82 -17.70 7.54
N MET A 1012 8.74 -18.89 8.14
CA MET A 1012 9.87 -19.53 8.79
C MET A 1012 11.10 -19.52 7.89
N HIS A 1013 10.91 -19.93 6.63
CA HIS A 1013 12.04 -20.08 5.71
C HIS A 1013 12.69 -18.72 5.38
N GLU A 1014 11.89 -17.71 5.01
CA GLU A 1014 12.58 -16.47 4.62
C GLU A 1014 13.17 -15.79 5.83
N GLU A 1015 12.58 -15.94 7.02
CA GLU A 1015 13.22 -15.39 8.21
C GLU A 1015 14.59 -16.03 8.41
N ILE A 1016 14.65 -17.36 8.32
CA ILE A 1016 15.93 -18.05 8.52
C ILE A 1016 16.95 -17.62 7.48
N LYS A 1017 16.56 -17.56 6.20
CA LYS A 1017 17.54 -17.21 5.18
C LYS A 1017 17.95 -15.74 5.27
N GLU A 1018 17.05 -14.86 5.73
CA GLU A 1018 17.42 -13.47 5.95
C GLU A 1018 18.46 -13.36 7.05
N TYR A 1019 18.26 -14.09 8.15
CA TYR A 1019 19.26 -14.10 9.21
C TYR A 1019 20.60 -14.62 8.70
N VAL A 1020 20.57 -15.70 7.92
CA VAL A 1020 21.79 -16.28 7.37
C VAL A 1020 22.51 -15.27 6.47
N LYS A 1021 21.75 -14.61 5.61
CA LYS A 1021 22.34 -13.65 4.68
C LYS A 1021 22.96 -12.47 5.42
N GLN A 1022 22.26 -11.95 6.43
CA GLN A 1022 22.75 -10.75 7.10
C GLN A 1022 23.97 -11.05 7.96
N ASN A 1023 23.99 -12.20 8.64
CA ASN A 1023 25.00 -12.45 9.67
C ASN A 1023 26.20 -13.24 9.18
N PHE A 1024 26.33 -13.46 7.88
CA PHE A 1024 27.49 -14.11 7.32
C PHE A 1024 28.01 -13.30 6.14
N LYS A 1025 29.34 -13.18 6.05
CA LYS A 1025 29.93 -12.38 4.99
C LYS A 1025 29.69 -12.99 3.62
N SER A 1026 29.79 -14.30 3.51
CA SER A 1026 29.47 -15.01 2.28
C SER A 1026 28.70 -16.28 2.60
N ILE A 1027 28.14 -16.89 1.56
CA ILE A 1027 27.48 -18.17 1.72
C ILE A 1027 28.48 -19.23 2.16
N GLU A 1028 29.76 -19.05 1.82
CA GLU A 1028 30.76 -20.05 2.15
C GLU A 1028 31.01 -20.09 3.66
N LYS A 1029 31.18 -18.93 4.30
CA LYS A 1029 31.36 -18.92 5.75
C LYS A 1029 30.13 -19.48 6.45
N ALA A 1030 28.93 -19.15 5.95
CA ALA A 1030 27.72 -19.76 6.49
C ALA A 1030 27.79 -21.28 6.43
N PHE A 1031 27.89 -21.83 5.22
CA PHE A 1031 27.91 -23.27 5.05
C PHE A 1031 28.98 -23.93 5.92
N GLU A 1032 30.15 -23.29 6.03
CA GLU A 1032 31.20 -23.83 6.89
C GLU A 1032 30.76 -23.87 8.35
N PHE A 1033 30.08 -22.81 8.80
CA PHE A 1033 29.64 -22.78 10.20
C PHE A 1033 28.57 -23.85 10.46
N PHE A 1034 27.57 -23.93 9.58
CA PHE A 1034 26.56 -24.98 9.75
C PHE A 1034 27.16 -26.38 9.60
N CYS A 1035 28.31 -26.49 8.93
CA CYS A 1035 28.99 -27.78 8.88
C CYS A 1035 29.57 -28.18 10.23
N GLN A 1036 29.64 -27.26 11.19
CA GLN A 1036 30.17 -27.54 12.52
C GLN A 1036 31.60 -28.07 12.46
N GLY A 1037 32.36 -27.65 11.46
CA GLY A 1037 33.71 -28.16 11.28
C GLY A 1037 33.78 -29.59 10.80
N ASN A 1038 32.73 -30.08 10.15
CA ASN A 1038 32.75 -31.45 9.62
C ASN A 1038 33.83 -31.58 8.55
N GLN A 1039 34.59 -32.68 8.63
CA GLN A 1039 35.67 -32.90 7.68
C GLN A 1039 35.16 -33.28 6.29
N ASN A 1040 33.96 -33.85 6.20
CA ASN A 1040 33.39 -34.25 4.93
C ASN A 1040 32.64 -33.13 4.23
N LYS A 1041 32.50 -31.97 4.87
CA LYS A 1041 31.80 -30.81 4.31
C LYS A 1041 30.36 -31.15 3.93
N ILE A 1042 29.74 -32.02 4.71
CA ILE A 1042 28.35 -32.41 4.54
C ILE A 1042 27.66 -32.29 5.89
N ILE A 1043 26.48 -31.68 5.92
CA ILE A 1043 25.75 -31.40 7.14
C ILE A 1043 24.70 -32.48 7.33
N GLU A 1044 24.84 -33.28 8.39
CA GLU A 1044 23.83 -34.24 8.76
C GLU A 1044 22.73 -33.54 9.57
N GLN A 1045 21.71 -34.31 9.95
CA GLN A 1045 20.57 -33.72 10.66
C GLN A 1045 20.98 -33.14 12.00
N ALA A 1046 21.81 -33.88 12.76
CA ALA A 1046 22.18 -33.43 14.10
C ALA A 1046 22.99 -32.13 14.06
N ASP A 1047 23.94 -32.04 13.12
CA ASP A 1047 24.78 -30.84 13.04
C ASP A 1047 23.94 -29.61 12.72
N PHE A 1048 23.08 -29.71 11.71
CA PHE A 1048 22.24 -28.58 11.34
C PHE A 1048 21.27 -28.23 12.46
N ASN A 1049 20.72 -29.25 13.13
CA ASN A 1049 19.83 -28.98 14.26
C ASN A 1049 20.54 -28.21 15.36
N LYS A 1050 21.76 -28.64 15.72
CA LYS A 1050 22.51 -27.95 16.77
C LYS A 1050 22.83 -26.53 16.35
N ALA A 1051 23.20 -26.33 15.08
CA ALA A 1051 23.49 -24.99 14.59
C ALA A 1051 22.26 -24.09 14.71
N ILE A 1052 21.09 -24.61 14.32
CA ILE A 1052 19.87 -23.80 14.38
C ILE A 1052 19.52 -23.48 15.83
N ASN A 1053 19.64 -24.47 16.72
CA ASN A 1053 19.34 -24.21 18.13
C ASN A 1053 20.25 -23.13 18.69
N SER A 1054 21.56 -23.21 18.40
CA SER A 1054 22.48 -22.21 18.92
C SER A 1054 22.20 -20.83 18.34
N ILE A 1055 22.08 -20.75 17.02
CA ILE A 1055 21.98 -19.44 16.35
C ILE A 1055 20.68 -18.75 16.73
N LEU A 1056 19.57 -19.50 16.72
CA LEU A 1056 18.26 -18.97 17.12
C LEU A 1056 17.72 -19.80 18.27
N PRO A 1057 18.07 -19.49 19.51
CA PRO A 1057 17.55 -20.25 20.65
C PRO A 1057 16.04 -20.07 20.80
N LYS A 1058 15.37 -21.14 21.22
CA LYS A 1058 13.97 -21.22 21.62
C LYS A 1058 13.02 -20.89 20.46
N ARG A 1059 13.52 -20.64 19.27
CA ARG A 1059 12.65 -20.35 18.13
C ARG A 1059 11.86 -21.57 17.70
N PHE A 1060 12.42 -22.77 17.84
CA PHE A 1060 11.88 -23.94 17.18
C PHE A 1060 11.75 -25.09 18.17
N ILE A 1061 10.83 -26.00 17.87
CA ILE A 1061 10.72 -27.25 18.61
C ILE A 1061 11.13 -28.37 17.68
N ASP A 1062 11.15 -29.61 18.18
CA ASP A 1062 11.65 -30.74 17.41
C ASP A 1062 10.90 -30.92 16.10
N SER A 1063 9.57 -30.75 16.12
CA SER A 1063 8.79 -30.88 14.89
C SER A 1063 9.19 -29.81 13.88
N ASP A 1064 9.39 -28.58 14.35
CA ASP A 1064 9.83 -27.52 13.44
C ASP A 1064 11.20 -27.82 12.86
N LEU A 1065 12.10 -28.38 13.67
CA LEU A 1065 13.42 -28.74 13.16
C LEU A 1065 13.33 -29.83 12.11
N LYS A 1066 12.47 -30.83 12.34
CA LYS A 1066 12.27 -31.87 11.33
C LYS A 1066 11.70 -31.29 10.05
N ASP A 1067 10.75 -30.36 10.17
CA ASP A 1067 10.21 -29.70 8.98
C ASP A 1067 11.28 -28.91 8.25
N LEU A 1068 12.15 -28.24 9.00
CA LEU A 1068 13.29 -27.55 8.38
C LEU A 1068 14.15 -28.53 7.60
N TRP A 1069 14.46 -29.68 8.19
CA TRP A 1069 15.28 -30.66 7.48
C TRP A 1069 14.59 -31.14 6.21
N VAL A 1070 13.28 -31.41 6.29
CA VAL A 1070 12.54 -31.85 5.12
C VAL A 1070 12.58 -30.78 4.03
N TYR A 1071 12.45 -29.51 4.43
CA TYR A 1071 12.45 -28.43 3.45
C TYR A 1071 13.82 -28.25 2.80
N VAL A 1072 14.89 -28.31 3.60
CA VAL A 1072 16.20 -27.96 3.08
C VAL A 1072 16.81 -29.12 2.29
N SER A 1073 16.60 -30.36 2.76
CA SER A 1073 17.26 -31.50 2.16
C SER A 1073 16.51 -32.10 0.97
N SER A 1074 15.25 -31.69 0.76
CA SER A 1074 14.41 -32.24 -0.31
C SER A 1074 14.30 -33.75 -0.21
N GLY A 1075 14.32 -34.28 1.01
CA GLY A 1075 14.22 -35.71 1.24
C GLY A 1075 15.54 -36.46 1.22
N GLN A 1076 16.63 -35.80 0.84
CA GLN A 1076 17.93 -36.46 0.84
C GLN A 1076 18.45 -36.62 2.26
N PRO A 1077 19.14 -37.74 2.55
CA PRO A 1077 19.71 -37.90 3.90
C PRO A 1077 20.85 -36.96 4.19
N GLN A 1078 21.49 -36.38 3.18
CA GLN A 1078 22.61 -35.48 3.36
C GLN A 1078 22.44 -34.27 2.47
N VAL A 1079 23.07 -33.16 2.86
CA VAL A 1079 23.00 -31.90 2.14
C VAL A 1079 24.41 -31.43 1.81
N ASP A 1080 24.62 -31.04 0.56
CA ASP A 1080 25.92 -30.58 0.08
C ASP A 1080 25.90 -29.07 -0.09
N PHE A 1081 27.00 -28.52 -0.63
CA PHE A 1081 27.12 -27.08 -0.80
C PHE A 1081 26.14 -26.55 -1.84
N HIS A 1082 25.89 -27.32 -2.91
CA HIS A 1082 25.01 -26.85 -3.96
C HIS A 1082 23.57 -26.72 -3.46
N ARG A 1083 23.09 -27.73 -2.74
CA ARG A 1083 21.73 -27.68 -2.20
C ARG A 1083 21.59 -26.55 -1.18
N PHE A 1084 22.61 -26.36 -0.34
CA PHE A 1084 22.58 -25.27 0.63
C PHE A 1084 22.55 -23.92 -0.07
N LYS A 1085 23.37 -23.75 -1.11
CA LYS A 1085 23.40 -22.50 -1.85
C LYS A 1085 22.05 -22.23 -2.49
N ILE A 1086 21.41 -23.26 -3.05
CA ILE A 1086 20.09 -23.09 -3.65
C ILE A 1086 19.07 -22.70 -2.58
N ALA A 1087 19.07 -23.41 -1.46
CA ALA A 1087 18.02 -23.21 -0.45
C ALA A 1087 18.22 -21.96 0.39
N PHE A 1088 19.41 -21.35 0.35
CA PHE A 1088 19.69 -20.21 1.22
C PHE A 1088 20.32 -19.05 0.46
N GLN A 1089 19.80 -18.72 -0.73
CA GLN A 1089 20.32 -17.59 -1.48
C GLN A 1089 19.45 -16.36 -1.22
N ASN A 1149 30.98 25.01 8.19
CA ASN A 1149 32.24 24.64 7.58
C ASN A 1149 32.43 23.13 7.57
N GLU A 1150 32.95 22.61 6.46
CA GLU A 1150 33.27 21.19 6.39
C GLU A 1150 34.35 20.81 7.41
N ASP A 1151 35.23 21.76 7.75
CA ASP A 1151 36.23 21.51 8.77
C ASP A 1151 35.59 21.22 10.12
N ASP A 1152 34.46 21.88 10.41
CA ASP A 1152 33.80 21.63 11.69
C ASP A 1152 33.35 20.19 11.82
N VAL A 1153 32.70 19.65 10.78
CA VAL A 1153 32.28 18.25 10.81
C VAL A 1153 33.48 17.32 10.80
N PHE A 1154 34.56 17.71 10.10
CA PHE A 1154 35.75 16.89 10.09
C PHE A 1154 36.37 16.76 11.48
N GLU A 1155 36.48 17.89 12.21
CA GLU A 1155 36.95 17.83 13.58
C GLU A 1155 35.97 17.08 14.47
N GLU A 1156 34.68 17.18 14.19
CA GLU A 1156 33.71 16.38 14.94
C GLU A 1156 33.99 14.89 14.79
N LYS A 1157 34.22 14.44 13.54
CA LYS A 1157 34.53 13.04 13.30
C LYS A 1157 35.83 12.63 13.98
N LEU A 1158 36.87 13.47 13.86
CA LEU A 1158 38.16 13.12 14.46
C LEU A 1158 38.06 13.06 15.98
N LEU A 1159 37.31 13.99 16.59
CA LEU A 1159 37.13 13.97 18.04
C LEU A 1159 36.36 12.72 18.47
N SER A 1160 35.34 12.32 17.71
CA SER A 1160 34.64 11.08 18.03
C SER A 1160 35.58 9.89 17.95
N LYS A 1161 36.43 9.86 16.91
CA LYS A 1161 37.38 8.75 16.78
C LYS A 1161 38.35 8.72 17.95
N ILE A 1162 38.81 9.88 18.40
CA ILE A 1162 39.75 9.94 19.51
C ILE A 1162 39.07 9.53 20.81
N ARG A 1163 37.81 9.92 21.02
CA ARG A 1163 37.09 9.44 22.19
C ARG A 1163 36.98 7.92 22.17
N ARG A 1164 36.71 7.35 20.99
CA ARG A 1164 36.65 5.90 20.88
C ARG A 1164 38.01 5.27 21.19
N LEU A 1165 39.08 5.86 20.67
CA LEU A 1165 40.41 5.29 20.84
C LEU A 1165 40.92 5.43 22.27
N LEU A 1166 40.43 6.40 23.02
CA LEU A 1166 40.86 6.58 24.40
C LEU A 1166 40.09 5.72 25.39
N ARG A 1167 39.12 4.93 24.93
CA ARG A 1167 38.40 4.05 25.83
C ARG A 1167 39.29 3.02 26.52
N PRO A 1168 40.18 2.29 25.83
CA PRO A 1168 41.00 1.30 26.52
C PRO A 1168 42.34 1.80 27.03
N THR A 1169 42.74 3.02 26.69
CA THR A 1169 44.01 3.55 27.15
C THR A 1169 43.95 3.78 28.65
N ILE A 1170 44.78 3.05 29.39
CA ILE A 1170 44.75 3.15 30.85
C ILE A 1170 45.46 4.41 31.35
N LYS A 1171 46.41 4.94 30.59
CA LYS A 1171 47.11 6.14 30.99
C LYS A 1171 46.13 7.31 31.08
N SER A 1172 46.23 8.09 32.15
CA SER A 1172 45.37 9.24 32.34
C SER A 1172 45.90 10.40 31.51
N VAL A 1173 45.06 10.92 30.60
CA VAL A 1173 45.46 12.07 29.79
C VAL A 1173 45.76 13.26 30.69
N LYS A 1174 44.98 13.42 31.75
CA LYS A 1174 45.22 14.52 32.69
C LYS A 1174 46.60 14.39 33.32
N LYS A 1175 46.98 13.17 33.71
CA LYS A 1175 48.27 12.97 34.35
C LYS A 1175 49.42 13.33 33.42
N VAL A 1176 49.35 12.88 32.17
CA VAL A 1176 50.42 13.18 31.21
C VAL A 1176 50.48 14.68 30.93
N LEU A 1177 49.30 15.30 30.72
CA LEU A 1177 49.27 16.72 30.43
C LEU A 1177 49.85 17.54 31.59
N GLU A 1178 49.52 17.17 32.82
CA GLU A 1178 50.10 17.85 33.98
C GLU A 1178 51.60 17.60 34.07
N GLN A 1179 52.03 16.36 33.81
CA GLN A 1179 53.45 16.04 33.86
C GLN A 1179 54.25 16.85 32.86
N LEU A 1180 53.65 17.20 31.73
CA LEU A 1180 54.33 18.10 30.79
C LEU A 1180 54.03 19.57 31.06
N ASP A 1181 53.26 19.88 32.11
CA ASP A 1181 53.03 21.26 32.53
C ASP A 1181 53.80 21.47 33.83
N VAL A 1182 55.03 21.96 33.69
CA VAL A 1182 55.95 22.04 34.83
C VAL A 1182 55.46 23.06 35.86
N ASN A 1183 55.14 24.26 35.40
CA ASN A 1183 54.80 25.36 36.31
C ASN A 1183 53.32 25.41 36.67
N ASN A 1184 52.52 24.48 36.16
CA ASN A 1184 51.07 24.49 36.37
C ASN A 1184 50.44 25.79 35.84
N ILE A 1185 51.03 26.31 34.76
CA ILE A 1185 50.48 27.52 34.13
C ILE A 1185 49.15 27.20 33.45
N GLY A 1186 49.10 26.10 32.71
CA GLY A 1186 47.92 25.73 31.95
C GLY A 1186 48.07 25.83 30.45
N TYR A 1187 49.10 26.49 29.95
CA TYR A 1187 49.37 26.56 28.53
C TYR A 1187 50.65 25.79 28.23
N ILE A 1188 50.62 25.04 27.12
CA ILE A 1188 51.78 24.31 26.64
C ILE A 1188 51.88 24.54 25.13
N THR A 1189 53.10 24.65 24.62
CA THR A 1189 53.26 24.92 23.20
C THR A 1189 53.24 23.62 22.41
N ASN A 1190 53.46 23.73 21.10
CA ASN A 1190 53.18 22.63 20.19
C ASN A 1190 54.03 21.40 20.47
N LEU A 1191 55.31 21.60 20.76
CA LEU A 1191 56.25 20.47 20.82
C LEU A 1191 55.85 19.47 21.89
N GLU A 1192 55.63 19.95 23.12
CA GLU A 1192 55.26 19.03 24.19
C GLU A 1192 53.87 18.43 23.98
N PHE A 1193 52.96 19.13 23.31
CA PHE A 1193 51.69 18.50 22.97
C PHE A 1193 51.91 17.34 22.01
N ARG A 1194 52.77 17.51 21.01
CA ARG A 1194 53.08 16.40 20.11
C ARG A 1194 53.71 15.24 20.87
N ASN A 1195 54.65 15.54 21.77
CA ASN A 1195 55.28 14.48 22.56
C ASN A 1195 54.27 13.76 23.44
N ALA A 1196 53.32 14.51 24.04
CA ALA A 1196 52.31 13.89 24.88
C ALA A 1196 51.39 12.99 24.08
N ILE A 1197 50.94 13.45 22.91
CA ILE A 1197 50.08 12.61 22.07
C ILE A 1197 50.83 11.36 21.64
N LYS A 1198 52.11 11.50 21.32
CA LYS A 1198 52.92 10.32 21.00
C LYS A 1198 53.02 9.39 22.21
N THR A 1199 53.19 9.95 23.40
CA THR A 1199 53.28 9.14 24.60
C THR A 1199 51.99 8.36 24.86
N LEU A 1200 50.84 8.96 24.53
CA LEU A 1200 49.60 8.21 24.60
C LEU A 1200 49.54 7.06 23.60
N ASN A 1201 50.37 7.12 22.56
CA ASN A 1201 50.48 6.05 21.56
C ASN A 1201 49.12 5.74 20.95
N LEU A 1202 48.41 6.79 20.55
CA LEU A 1202 47.07 6.64 19.98
C LEU A 1202 47.11 6.22 18.51
N GLY A 1203 48.30 6.06 17.92
CA GLY A 1203 48.38 5.69 16.53
C GLY A 1203 47.88 6.73 15.57
N LEU A 1204 47.76 7.98 16.02
CA LEU A 1204 47.22 9.04 15.17
C LEU A 1204 48.25 9.44 14.12
N ALA A 1205 47.80 9.53 12.87
CA ALA A 1205 48.67 9.97 11.79
C ALA A 1205 48.95 11.47 11.90
N GLN A 1206 50.00 11.91 11.22
CA GLN A 1206 50.50 13.27 11.40
C GLN A 1206 49.48 14.31 10.97
N ASN A 1207 48.70 14.01 9.92
CA ASN A 1207 47.73 14.98 9.42
C ASN A 1207 46.66 15.30 10.47
N GLU A 1208 46.10 14.27 11.11
CA GLU A 1208 45.06 14.56 12.10
C GLU A 1208 45.62 15.11 13.41
N VAL A 1209 46.87 14.80 13.78
CA VAL A 1209 47.43 15.44 14.96
C VAL A 1209 47.67 16.92 14.66
N ASP A 1210 48.08 17.24 13.44
CA ASP A 1210 48.15 18.64 13.03
C ASP A 1210 46.75 19.26 13.03
N LEU A 1211 45.73 18.48 12.69
CA LEU A 1211 44.36 18.99 12.75
C LEU A 1211 43.98 19.32 14.19
N LEU A 1212 44.33 18.46 15.14
CA LEU A 1212 44.14 18.78 16.55
C LEU A 1212 44.90 20.04 16.93
N LEU A 1213 46.12 20.18 16.42
CA LEU A 1213 46.90 21.39 16.69
C LEU A 1213 46.14 22.64 16.22
N ASN A 1214 45.56 22.57 15.02
CA ASN A 1214 44.74 23.67 14.54
C ASN A 1214 43.52 23.89 15.43
N ILE A 1215 42.94 22.80 15.94
CA ILE A 1215 41.78 22.91 16.82
C ILE A 1215 42.13 23.69 18.08
N CYS A 1216 43.27 23.36 18.68
CA CYS A 1216 43.62 23.87 20.00
C CYS A 1216 44.74 24.91 19.97
N GLU A 1217 44.95 25.59 18.83
CA GLU A 1217 45.97 26.62 18.73
C GLU A 1217 45.38 27.96 19.16
N ILE A 1218 45.97 28.56 20.19
CA ILE A 1218 45.57 29.87 20.69
C ILE A 1218 46.84 30.69 20.88
N ASP A 1219 47.05 31.67 20.00
CA ASP A 1219 48.21 32.56 20.07
C ASP A 1219 49.53 31.80 20.05
N GLY A 1220 49.54 30.64 19.39
CA GLY A 1220 50.73 29.82 19.31
C GLY A 1220 50.93 28.86 20.46
N ARG A 1221 49.97 28.75 21.38
CA ARG A 1221 50.07 27.84 22.51
C ARG A 1221 48.79 27.03 22.63
N VAL A 1222 48.90 25.86 23.28
CA VAL A 1222 47.80 24.93 23.45
C VAL A 1222 47.34 24.99 24.90
N ASN A 1223 46.02 25.01 25.11
CA ASN A 1223 45.43 25.17 26.42
C ASN A 1223 44.84 23.84 26.88
N ILE A 1224 44.83 23.62 28.20
CA ILE A 1224 44.64 22.29 28.75
C ILE A 1224 43.24 22.08 29.32
N LYS A 1225 42.77 22.96 30.20
CA LYS A 1225 41.51 22.70 30.89
C LYS A 1225 40.34 22.64 29.93
N GLN A 1226 40.25 23.60 29.00
CA GLN A 1226 39.20 23.55 28.00
C GLN A 1226 39.38 22.39 27.05
N PHE A 1227 40.61 21.94 26.84
CA PHE A 1227 40.83 20.72 26.06
C PHE A 1227 40.19 19.52 26.75
N LEU A 1228 40.46 19.38 28.06
CA LEU A 1228 39.85 18.29 28.82
C LEU A 1228 38.32 18.40 28.82
N LYS A 1229 37.80 19.63 28.91
CA LYS A 1229 36.36 19.82 28.83
C LYS A 1229 35.82 19.38 27.47
N PHE A 1230 36.55 19.66 26.39
CA PHE A 1230 36.06 19.35 25.05
C PHE A 1230 35.92 17.84 24.84
N ILE A 1231 36.97 17.09 25.12
CA ILE A 1231 36.98 15.65 24.85
C ILE A 1231 36.61 14.91 26.12
N ASP A 1232 35.54 14.12 26.05
CA ASP A 1232 35.05 13.35 27.18
C ASP A 1232 34.22 12.20 26.64
N PHE A 1233 33.50 11.54 27.56
CA PHE A 1233 32.60 10.45 27.20
C PHE A 1233 31.15 10.91 27.35
N SER A 1234 30.35 10.69 26.32
CA SER A 1234 28.95 11.09 26.33
C SER A 1234 28.15 10.19 27.27
N GLU A 1235 26.94 10.64 27.58
CA GLU A 1235 26.05 9.86 28.45
C GLU A 1235 25.73 8.50 27.82
N SER A 1236 25.43 8.49 26.53
CA SER A 1236 25.16 7.23 25.84
C SER A 1236 26.40 6.34 25.84
N ASP A 1237 27.58 6.92 25.59
CA ASP A 1237 28.80 6.14 25.60
C ASP A 1237 29.09 5.59 26.99
N LYS A 1238 28.86 6.40 28.03
CA LYS A 1238 29.06 5.91 29.39
C LYS A 1238 28.11 4.76 29.70
N LYS A 1239 26.85 4.88 29.27
CA LYS A 1239 25.89 3.80 29.48
C LYS A 1239 26.34 2.53 28.78
N ILE A 1240 26.85 2.66 27.55
CA ILE A 1240 27.34 1.49 26.82
C ILE A 1240 28.52 0.86 27.56
N VAL A 1241 29.46 1.69 28.02
CA VAL A 1241 30.66 1.19 28.67
C VAL A 1241 30.33 0.45 29.95
N GLN A 1242 29.40 0.99 30.75
CA GLN A 1242 29.03 0.35 32.00
C GLN A 1242 28.45 -1.05 31.76
N ARG A 1243 27.89 -1.30 30.59
CA ARG A 1243 27.14 -2.53 30.35
C ARG A 1243 28.05 -3.76 30.31
N SER A 1244 29.29 -3.60 29.85
CA SER A 1244 30.09 -4.76 29.43
C SER A 1244 30.96 -5.36 30.53
N ILE A 1245 31.00 -4.77 31.73
CA ILE A 1245 31.94 -5.25 32.74
C ILE A 1245 31.55 -6.65 33.23
N LEU A 1246 30.28 -6.85 33.59
CA LEU A 1246 29.91 -8.07 34.30
C LEU A 1246 30.19 -9.32 33.47
N LYS A 1247 29.83 -9.30 32.19
CA LYS A 1247 30.22 -10.40 31.32
C LYS A 1247 31.73 -10.51 31.25
N LEU A 1248 32.40 -9.38 31.04
CA LEU A 1248 33.85 -9.37 30.99
C LEU A 1248 34.47 -9.68 32.35
N ARG A 1249 33.83 -9.27 33.44
CA ARG A 1249 34.40 -9.60 34.76
C ARG A 1249 34.40 -11.11 34.97
N GLU A 1250 33.30 -11.80 34.63
CA GLU A 1250 33.32 -13.24 34.82
C GLU A 1250 34.24 -13.93 33.80
N ILE A 1251 34.35 -13.41 32.58
CA ILE A 1251 35.29 -13.99 31.62
C ILE A 1251 36.72 -13.88 32.16
N THR A 1252 37.08 -12.70 32.67
CA THR A 1252 38.40 -12.53 33.26
C THR A 1252 38.58 -13.40 34.48
N ASN A 1253 37.51 -13.64 35.26
CA ASN A 1253 37.59 -14.54 36.40
C ASN A 1253 37.96 -15.95 35.96
N GLN A 1254 37.28 -16.45 34.92
CA GLN A 1254 37.66 -17.77 34.40
C GLN A 1254 39.08 -17.77 33.86
N VAL A 1255 39.49 -16.70 33.18
CA VAL A 1255 40.84 -16.64 32.64
C VAL A 1255 41.87 -16.72 33.77
N TYR A 1256 41.65 -15.96 34.84
CA TYR A 1256 42.55 -16.01 35.98
C TYR A 1256 42.56 -17.40 36.62
N THR A 1257 41.38 -17.96 36.88
CA THR A 1257 41.32 -19.22 37.62
C THR A 1257 41.94 -20.37 36.83
N PHE A 1258 41.66 -20.45 35.53
CA PHE A 1258 42.10 -21.58 34.73
C PHE A 1258 43.27 -21.24 33.80
N LEU A 1259 43.11 -20.22 32.97
CA LEU A 1259 44.15 -19.82 32.02
C LEU A 1259 45.22 -18.94 32.67
N LEU A 1260 45.22 -18.85 34.00
CA LEU A 1260 46.24 -18.14 34.76
C LEU A 1260 46.19 -16.63 34.50
N SER A 1261 46.73 -16.20 33.36
CA SER A 1261 46.78 -14.78 33.04
C SER A 1261 46.32 -14.58 31.60
N PRO A 1262 45.68 -13.44 31.30
CA PRO A 1262 45.25 -13.19 29.92
C PRO A 1262 46.39 -13.16 28.93
N LYS A 1263 47.56 -12.68 29.35
CA LYS A 1263 48.71 -12.62 28.44
C LYS A 1263 49.11 -14.01 27.98
N ASP A 1264 49.13 -14.97 28.90
CA ASP A 1264 49.56 -16.32 28.56
C ASP A 1264 48.56 -17.01 27.65
N ALA A 1265 47.26 -16.83 27.94
CA ALA A 1265 46.23 -17.38 27.06
C ALA A 1265 46.30 -16.76 25.67
N PHE A 1266 46.55 -15.45 25.61
CA PHE A 1266 46.71 -14.78 24.33
C PHE A 1266 47.89 -15.33 23.56
N ARG A 1267 49.00 -15.58 24.25
CA ARG A 1267 50.15 -16.21 23.61
C ARG A 1267 49.80 -17.61 23.09
N MET A 1268 49.12 -18.41 23.91
CA MET A 1268 48.84 -19.80 23.55
C MET A 1268 47.91 -19.88 22.36
N PHE A 1269 46.86 -19.06 22.34
CA PHE A 1269 45.87 -19.13 21.27
C PHE A 1269 46.28 -18.39 20.01
N ASP A 1270 47.41 -17.69 20.03
CA ASP A 1270 47.96 -17.08 18.82
C ASP A 1270 48.81 -18.13 18.09
N VAL A 1271 48.10 -19.08 17.47
CA VAL A 1271 48.75 -20.28 16.95
C VAL A 1271 49.69 -19.94 15.79
N ASP A 1272 49.33 -18.99 14.94
CA ASP A 1272 50.18 -18.65 13.80
C ASP A 1272 51.39 -17.80 14.19
N SER A 1273 51.32 -17.10 15.32
CA SER A 1273 52.41 -16.25 15.80
C SER A 1273 52.66 -15.08 14.84
N ASN A 1274 51.59 -14.36 14.51
CA ASN A 1274 51.70 -13.08 13.83
C ASN A 1274 51.50 -11.89 14.76
N GLY A 1275 51.05 -12.13 15.99
CA GLY A 1275 50.72 -11.08 16.91
C GLY A 1275 49.29 -10.58 16.85
N TYR A 1276 48.45 -11.18 16.00
CA TYR A 1276 47.07 -10.75 15.82
C TYR A 1276 46.14 -11.96 15.83
N LEU A 1277 44.92 -11.77 16.33
CA LEU A 1277 43.94 -12.83 16.41
C LEU A 1277 42.77 -12.53 15.48
N ASP A 1278 42.33 -13.55 14.75
CA ASP A 1278 41.11 -13.43 13.96
C ASP A 1278 39.90 -13.78 14.81
N PHE A 1279 38.72 -13.84 14.17
CA PHE A 1279 37.52 -14.18 14.91
C PHE A 1279 37.44 -15.68 15.21
N ASP A 1280 38.08 -16.51 14.39
CA ASP A 1280 38.02 -17.95 14.59
C ASP A 1280 38.79 -18.38 15.83
N GLN A 1281 39.99 -17.84 16.02
CA GLN A 1281 40.76 -18.13 17.22
C GLN A 1281 40.01 -17.67 18.46
N PHE A 1282 39.32 -16.53 18.37
CA PHE A 1282 38.48 -16.06 19.46
C PHE A 1282 37.31 -17.01 19.72
N SER A 1283 36.74 -17.58 18.65
CA SER A 1283 35.68 -18.56 18.81
C SER A 1283 36.17 -19.78 19.58
N GLN A 1284 37.35 -20.29 19.23
CA GLN A 1284 37.90 -21.38 20.03
C GLN A 1284 38.28 -20.94 21.43
N PHE A 1285 38.60 -19.66 21.63
CA PHE A 1285 38.82 -19.15 22.97
C PHE A 1285 37.59 -19.33 23.85
N ILE A 1286 36.45 -18.83 23.40
CA ILE A 1286 35.22 -19.02 24.18
C ILE A 1286 34.85 -20.50 24.26
N GLY A 1287 35.11 -21.26 23.20
CA GLY A 1287 34.82 -22.69 23.26
C GLY A 1287 35.58 -23.39 24.38
N LYS A 1288 36.89 -23.15 24.45
CA LYS A 1288 37.69 -23.75 25.51
C LYS A 1288 37.27 -23.25 26.88
N LEU A 1289 36.99 -21.94 27.00
CA LEU A 1289 36.60 -21.39 28.29
C LEU A 1289 35.31 -22.00 28.79
N SER A 1290 34.32 -22.14 27.90
CA SER A 1290 33.04 -22.73 28.29
C SER A 1290 33.20 -24.22 28.60
N GLN A 1291 34.05 -24.92 27.84
CA GLN A 1291 34.27 -26.33 28.10
C GLN A 1291 34.89 -26.55 29.47
N LEU A 1292 35.89 -25.74 29.83
CA LEU A 1292 36.57 -25.93 31.11
C LEU A 1292 35.73 -25.42 32.27
N SER A 1293 35.02 -24.30 32.10
CA SER A 1293 34.34 -23.66 33.21
C SER A 1293 33.02 -24.32 33.58
N GLY A 1294 32.54 -25.27 32.77
CA GLY A 1294 31.26 -25.90 33.04
C GLY A 1294 30.05 -25.07 32.68
N HIS A 1295 30.24 -23.92 32.04
CA HIS A 1295 29.13 -23.09 31.60
C HIS A 1295 28.74 -23.44 30.17
N ASP A 1296 27.58 -22.92 29.76
CA ASP A 1296 27.07 -23.22 28.43
C ASP A 1296 27.90 -22.54 27.35
N MET A 1297 27.77 -23.05 26.13
CA MET A 1297 28.42 -22.42 24.99
C MET A 1297 27.74 -21.10 24.66
N LEU A 1298 28.49 -20.01 24.74
CA LEU A 1298 27.94 -18.71 24.37
C LEU A 1298 27.67 -18.68 22.88
N PRO A 1299 26.46 -18.33 22.46
CA PRO A 1299 26.14 -18.39 21.02
C PRO A 1299 26.82 -17.27 20.23
N TYR A 1300 26.48 -17.18 18.93
CA TYR A 1300 27.35 -16.51 17.99
C TYR A 1300 27.33 -14.99 18.18
N SER A 1301 26.15 -14.38 18.33
CA SER A 1301 26.07 -12.93 18.28
C SER A 1301 26.69 -12.29 19.50
N ILE A 1302 26.56 -12.89 20.68
CA ILE A 1302 27.28 -12.38 21.85
C ILE A 1302 28.78 -12.42 21.59
N ILE A 1303 29.25 -13.49 20.94
CA ILE A 1303 30.67 -13.61 20.64
C ILE A 1303 31.12 -12.49 19.70
N LYS A 1304 30.35 -12.21 18.65
CA LYS A 1304 30.76 -11.15 17.72
C LYS A 1304 30.69 -9.79 18.40
N ASP A 1305 29.69 -9.57 19.26
CA ASP A 1305 29.60 -8.30 19.95
C ASP A 1305 30.78 -8.09 20.89
N LEU A 1306 31.18 -9.13 21.62
CA LEU A 1306 32.35 -9.02 22.48
C LEU A 1306 33.62 -8.83 21.65
N PHE A 1307 33.70 -9.49 20.50
CA PHE A 1307 34.86 -9.32 19.63
C PHE A 1307 34.96 -7.88 19.15
N GLU A 1308 33.82 -7.26 18.79
CA GLU A 1308 33.85 -5.87 18.38
C GLU A 1308 34.16 -4.94 19.55
N TYR A 1309 33.71 -5.30 20.74
CA TYR A 1309 34.03 -4.49 21.92
C TYR A 1309 35.53 -4.52 22.19
N ILE A 1310 36.15 -5.69 22.11
CA ILE A 1310 37.58 -5.79 22.37
C ILE A 1310 38.38 -5.09 21.27
N ASP A 1311 38.00 -5.29 20.02
CA ASP A 1311 38.72 -4.68 18.90
C ASP A 1311 38.40 -3.20 18.80
N SER A 1312 39.20 -2.37 19.46
CA SER A 1312 38.95 -0.93 19.48
C SER A 1312 39.45 -0.22 18.23
N LYS A 1313 40.19 -0.90 17.36
CA LYS A 1313 40.73 -0.27 16.16
C LYS A 1313 39.97 -0.64 14.89
N LYS A 1314 39.05 -1.59 14.95
CA LYS A 1314 38.23 -2.00 13.81
C LYS A 1314 39.07 -2.46 12.63
N ASP A 1315 40.26 -2.98 12.89
CA ASP A 1315 41.13 -3.50 11.86
C ASP A 1315 40.92 -4.98 11.59
N GLY A 1316 39.94 -5.60 12.26
CA GLY A 1316 39.62 -7.00 12.05
C GLY A 1316 40.42 -7.98 12.88
N VAL A 1317 41.42 -7.51 13.62
CA VAL A 1317 42.25 -8.37 14.45
C VAL A 1317 42.44 -7.73 15.81
N ILE A 1318 42.80 -8.56 16.79
CA ILE A 1318 43.08 -8.13 18.15
C ILE A 1318 44.55 -8.36 18.43
N ASP A 1319 45.27 -7.29 18.73
CA ASP A 1319 46.70 -7.39 19.02
C ASP A 1319 46.92 -7.58 20.52
N GLN A 1320 48.19 -7.60 20.91
CA GLN A 1320 48.51 -7.75 22.32
C GLN A 1320 48.10 -6.52 23.12
N ALA A 1321 48.22 -5.32 22.52
CA ALA A 1321 47.88 -4.10 23.25
C ALA A 1321 46.41 -4.04 23.60
N GLU A 1322 45.53 -4.26 22.61
CA GLU A 1322 44.10 -4.27 22.88
C GLU A 1322 43.72 -5.42 23.81
N TRP A 1323 44.34 -6.59 23.61
CA TRP A 1323 44.05 -7.72 24.48
C TRP A 1323 44.37 -7.39 25.94
N MET A 1324 45.50 -6.74 26.19
CA MET A 1324 45.79 -6.29 27.55
C MET A 1324 44.78 -5.26 28.02
N ASP A 1325 44.58 -4.21 27.23
CA ASP A 1325 43.81 -3.06 27.69
C ASP A 1325 42.38 -3.46 28.05
N ILE A 1326 41.75 -4.29 27.22
CA ILE A 1326 40.41 -4.77 27.56
C ILE A 1326 40.47 -5.60 28.84
N PHE A 1327 41.46 -6.48 28.96
CA PHE A 1327 41.60 -7.28 30.17
C PHE A 1327 42.23 -6.50 31.31
N ASN A 1328 42.87 -5.36 31.04
CA ASN A 1328 43.45 -4.55 32.11
C ASN A 1328 42.39 -3.86 32.96
N LYS A 1329 41.14 -3.85 32.52
CA LYS A 1329 40.09 -3.13 33.23
C LYS A 1329 39.50 -3.92 34.39
N PHE A 1330 39.91 -5.16 34.57
CA PHE A 1330 39.32 -6.01 35.62
C PHE A 1330 40.40 -6.78 36.37
N HIS A 1422 42.34 -1.65 43.02
CA HIS A 1422 43.70 -1.16 43.13
C HIS A 1422 44.70 -2.32 43.12
N PHE A 1423 44.50 -3.28 44.02
CA PHE A 1423 45.34 -4.47 44.04
C PHE A 1423 45.27 -5.21 42.71
N ASN A 1424 44.07 -5.58 42.28
CA ASN A 1424 43.90 -6.22 40.98
C ASN A 1424 44.20 -5.25 39.84
N GLN A 1425 43.93 -3.96 40.05
CA GLN A 1425 44.21 -2.97 39.01
C GLN A 1425 45.70 -2.88 38.72
N ILE A 1426 46.53 -2.83 39.77
CA ILE A 1426 47.98 -2.80 39.56
C ILE A 1426 48.47 -4.16 39.09
N LEU A 1427 47.83 -5.25 39.54
CA LEU A 1427 48.17 -6.57 39.02
C LEU A 1427 48.01 -6.61 37.50
N GLY A 1428 46.89 -6.08 36.99
CA GLY A 1428 46.71 -5.96 35.56
C GLY A 1428 47.69 -4.99 34.93
N GLU A 1429 48.02 -3.91 35.65
CA GLU A 1429 49.00 -2.95 35.15
C GLU A 1429 50.35 -3.60 34.93
N TRP A 1430 50.86 -4.29 35.96
CA TRP A 1430 52.16 -4.95 35.84
C TRP A 1430 52.15 -6.08 34.83
N GLY A 1431 50.98 -6.67 34.57
CA GLY A 1431 50.92 -7.79 33.63
C GLY A 1431 51.28 -7.38 32.21
N LYS A 1432 50.81 -6.21 31.78
CA LYS A 1432 51.12 -5.75 30.43
C LYS A 1432 52.56 -5.28 30.29
N THR A 1433 53.22 -4.96 31.40
CA THR A 1433 54.54 -4.36 31.35
C THR A 1433 55.58 -5.34 30.82
N LYS A 1434 56.62 -4.79 30.20
CA LYS A 1434 57.79 -5.59 29.86
C LYS A 1434 58.40 -6.22 31.09
N GLU A 1435 58.20 -5.61 32.26
CA GLU A 1435 58.76 -6.15 33.50
C GLU A 1435 58.20 -7.53 33.81
N PHE A 1436 56.95 -7.79 33.47
CA PHE A 1436 56.35 -9.10 33.74
C PHE A 1436 57.07 -10.20 32.98
N ASP A 1437 57.22 -10.04 31.66
CA ASP A 1437 57.91 -11.04 30.86
C ASP A 1437 59.39 -11.11 31.21
N LYS A 1438 60.01 -9.96 31.49
CA LYS A 1438 61.40 -9.96 31.91
C LYS A 1438 61.60 -10.73 33.20
N ILE A 1439 60.68 -10.58 34.15
CA ILE A 1439 60.76 -11.31 35.40
C ILE A 1439 60.56 -12.80 35.15
N ILE A 1440 59.62 -13.16 34.28
CA ILE A 1440 59.44 -14.58 33.96
C ILE A 1440 60.72 -15.16 33.37
N ILE A 1441 61.36 -14.41 32.46
CA ILE A 1441 62.59 -14.89 31.83
C ILE A 1441 63.70 -15.02 32.86
N SER A 1442 63.84 -14.04 33.75
CA SER A 1442 64.88 -14.11 34.78
C SER A 1442 64.62 -15.28 35.73
N ILE A 1443 63.36 -15.55 36.03
CA ILE A 1443 63.00 -16.75 36.78
C ILE A 1443 63.46 -17.99 36.04
N GLY A 1444 63.11 -18.10 34.76
CA GLY A 1444 63.27 -19.36 34.06
C GLY A 1444 64.68 -19.67 33.61
N LYS A 1445 65.50 -18.63 33.39
CA LYS A 1445 66.84 -18.89 32.90
C LYS A 1445 67.69 -19.63 33.94
N ASN A 1446 67.30 -19.54 35.21
CA ASN A 1446 68.01 -20.19 36.31
C ASN A 1446 67.24 -21.36 36.91
N ARG A 1447 66.60 -22.20 36.08
CA ARG A 1447 65.80 -23.30 36.62
C ARG A 1447 66.63 -24.24 37.48
N ARG A 1448 67.81 -24.62 37.01
CA ARG A 1448 68.62 -25.62 37.71
C ARG A 1448 68.99 -25.14 39.10
N PHE A 1449 69.17 -23.82 39.27
CA PHE A 1449 69.49 -23.29 40.59
C PHE A 1449 68.34 -23.52 41.57
N LEU A 1450 67.11 -23.23 41.16
CA LEU A 1450 65.98 -23.51 42.04
C LEU A 1450 65.76 -25.00 42.22
N LEU A 1451 66.02 -25.81 41.19
CA LEU A 1451 65.92 -27.26 41.38
C LEU A 1451 66.84 -27.72 42.51
N ASP A 1452 68.12 -27.33 42.43
CA ASP A 1452 69.07 -27.72 43.46
C ASP A 1452 68.69 -27.15 44.83
N MET A 1453 68.32 -25.88 44.87
CA MET A 1453 68.01 -25.22 46.13
C MET A 1453 66.77 -25.83 46.79
N PHE A 1454 65.71 -26.05 46.01
CA PHE A 1454 64.49 -26.60 46.56
C PHE A 1454 64.69 -28.04 46.99
N GLY A 1455 65.46 -28.82 46.22
CA GLY A 1455 65.80 -30.15 46.67
C GLY A 1455 66.60 -30.13 47.96
N SER A 1456 67.50 -29.17 48.11
CA SER A 1456 68.28 -29.06 49.34
C SER A 1456 67.39 -28.73 50.54
N LEU A 1457 66.46 -27.79 50.37
CA LEU A 1457 65.54 -27.49 51.46
C LEU A 1457 64.65 -28.68 51.79
N GLN A 1458 64.16 -29.38 50.77
CA GLN A 1458 63.32 -30.54 51.01
C GLN A 1458 64.08 -31.63 51.75
N GLN A 1459 65.33 -31.87 51.35
CA GLN A 1459 66.14 -32.92 51.98
C GLN A 1459 66.36 -32.64 53.46
N ARG A 1460 66.46 -31.37 53.85
CA ARG A 1460 66.58 -31.00 55.25
C ARG A 1460 65.24 -30.99 55.98
N ASN A 1461 64.21 -31.59 55.37
CA ASN A 1461 62.88 -31.64 55.95
C ASN A 1461 62.36 -30.24 56.26
N ILE A 1462 62.65 -29.31 55.36
CA ILE A 1462 62.20 -27.92 55.47
C ILE A 1462 61.10 -27.70 54.43
N PRO A 1463 59.84 -27.52 54.84
CA PRO A 1463 58.75 -27.37 53.87
C PRO A 1463 58.90 -26.10 53.05
N ILE A 1464 58.38 -26.15 51.83
CA ILE A 1464 58.43 -25.01 50.90
C ILE A 1464 57.08 -24.31 51.01
N THR A 1465 57.00 -23.34 51.90
CA THR A 1465 55.78 -22.57 52.09
C THR A 1465 55.82 -21.31 51.23
N PHE A 1466 54.86 -20.41 51.44
CA PHE A 1466 54.77 -19.21 50.61
C PHE A 1466 55.90 -18.23 50.94
N GLU A 1467 56.15 -17.99 52.23
CA GLU A 1467 57.09 -16.95 52.61
C GLU A 1467 58.51 -17.29 52.18
N ARG A 1468 58.93 -18.54 52.36
CA ARG A 1468 60.29 -18.92 52.00
C ARG A 1468 60.53 -18.76 50.50
N ALA A 1469 59.60 -19.28 49.69
CA ALA A 1469 59.74 -19.18 48.24
C ALA A 1469 59.72 -17.72 47.78
N LYS A 1470 58.80 -16.92 48.33
CA LYS A 1470 58.73 -15.53 47.92
C LYS A 1470 60.01 -14.77 48.29
N ALA A 1471 60.55 -15.03 49.48
CA ALA A 1471 61.78 -14.37 49.89
C ALA A 1471 62.95 -14.78 49.00
N ILE A 1472 63.04 -16.07 48.67
CA ILE A 1472 64.15 -16.53 47.84
C ILE A 1472 64.05 -15.95 46.43
N ILE A 1473 62.84 -15.91 45.87
CA ILE A 1473 62.68 -15.35 44.53
C ILE A 1473 62.99 -13.86 44.52
N GLY A 1474 62.58 -13.16 45.58
CA GLY A 1474 62.94 -11.76 45.69
C GLY A 1474 64.44 -11.55 45.78
N GLN A 1475 65.11 -12.42 46.55
CA GLN A 1475 66.57 -12.33 46.65
C GLN A 1475 67.23 -12.56 45.29
N MET A 1476 66.74 -13.55 44.54
CA MET A 1476 67.29 -13.82 43.22
C MET A 1476 67.08 -12.65 42.28
N LEU A 1477 65.88 -12.06 42.32
CA LEU A 1477 65.62 -10.88 41.48
C LEU A 1477 66.52 -9.72 41.87
N ARG A 1478 66.77 -9.55 43.17
CA ARG A 1478 67.71 -8.51 43.60
C ARG A 1478 69.12 -8.79 43.10
N ASN A 1479 69.52 -10.07 43.09
CA ASN A 1479 70.83 -10.44 42.57
C ASN A 1479 70.96 -10.13 41.09
N SER A 1480 69.86 -10.18 40.34
CA SER A 1480 69.86 -9.85 38.92
C SER A 1480 69.51 -8.39 38.66
N GLY A 1481 69.32 -7.59 39.70
CA GLY A 1481 69.01 -6.18 39.52
C GLY A 1481 67.56 -5.86 39.26
N GLN A 1482 66.65 -6.77 39.59
CA GLN A 1482 65.22 -6.57 39.37
C GLN A 1482 64.50 -6.48 40.70
N SER A 1483 63.60 -5.52 40.82
CA SER A 1483 62.80 -5.31 42.02
C SER A 1483 61.34 -5.58 41.70
N LEU A 1484 60.61 -6.11 42.68
CA LEU A 1484 59.25 -6.56 42.48
C LEU A 1484 58.34 -6.00 43.57
N LYS A 1485 57.13 -5.59 43.19
CA LYS A 1485 56.18 -5.09 44.17
C LYS A 1485 55.54 -6.24 44.93
N GLU A 1486 55.30 -6.03 46.22
CA GLU A 1486 54.80 -7.08 47.09
C GLU A 1486 53.41 -7.53 46.68
N GLU A 1487 52.59 -6.63 46.14
CA GLU A 1487 51.24 -6.98 45.72
C GLU A 1487 51.23 -7.86 44.48
N SER A 1488 52.31 -7.90 43.72
CA SER A 1488 52.37 -8.67 42.49
C SER A 1488 52.94 -10.07 42.68
N TRP A 1489 53.26 -10.47 43.92
CA TRP A 1489 53.70 -11.83 44.17
C TRP A 1489 52.64 -12.90 43.86
N PRO A 1490 51.36 -12.75 44.24
CA PRO A 1490 50.42 -13.87 44.05
C PRO A 1490 50.38 -14.45 42.64
N ILE A 1491 50.37 -13.61 41.59
CA ILE A 1491 50.33 -14.13 40.23
C ILE A 1491 51.49 -15.08 39.98
N ILE A 1492 52.66 -14.74 40.52
CA ILE A 1492 53.81 -15.62 40.38
C ILE A 1492 53.58 -16.93 41.12
N LEU A 1493 52.87 -16.89 42.25
CA LEU A 1493 52.91 -18.03 43.17
C LEU A 1493 51.56 -18.63 43.55
N LYS A 1494 50.45 -17.89 43.49
CA LYS A 1494 49.23 -18.41 44.11
C LYS A 1494 48.75 -19.68 43.40
N PHE A 1495 48.86 -19.72 42.08
CA PHE A 1495 48.25 -20.80 41.32
C PHE A 1495 48.87 -22.16 41.65
N ALA A 1496 50.20 -22.21 41.79
CA ALA A 1496 50.91 -23.45 42.01
C ALA A 1496 50.73 -23.99 43.43
N GLU A 1497 50.08 -23.24 44.31
CA GLU A 1497 49.93 -23.65 45.70
C GLU A 1497 48.83 -24.71 45.81
N ARG A 1498 49.13 -25.78 46.55
CA ARG A 1498 48.18 -26.86 46.78
C ARG A 1498 48.14 -27.14 48.29
N ASN A 1499 46.96 -26.97 48.88
CA ASN A 1499 46.69 -27.23 50.29
C ASN A 1499 47.49 -26.32 51.22
N GLY A 1500 48.07 -25.24 50.69
CA GLY A 1500 48.87 -24.34 51.50
C GLY A 1500 50.37 -24.52 51.37
N LEU A 1501 50.83 -25.38 50.46
CA LEU A 1501 52.25 -25.62 50.26
C LEU A 1501 52.60 -25.40 48.80
N ILE A 1502 53.84 -25.01 48.56
CA ILE A 1502 54.34 -24.72 47.22
C ILE A 1502 55.14 -25.93 46.74
N ASP A 1503 54.53 -26.71 45.85
CA ASP A 1503 55.24 -27.80 45.18
C ASP A 1503 56.08 -27.18 44.06
N TYR A 1504 57.40 -27.18 44.24
CA TYR A 1504 58.27 -26.45 43.33
C TYR A 1504 58.25 -27.02 41.91
N LYS A 1505 58.15 -28.35 41.78
CA LYS A 1505 58.25 -28.97 40.46
C LYS A 1505 57.17 -28.47 39.51
N PHE A 1506 55.95 -28.34 40.01
CA PHE A 1506 54.85 -27.87 39.16
C PHE A 1506 55.12 -26.47 38.63
N LEU A 1507 55.54 -25.56 39.53
CA LEU A 1507 55.84 -24.20 39.13
C LEU A 1507 56.98 -24.16 38.13
N LEU A 1508 58.04 -24.95 38.38
CA LEU A 1508 59.18 -24.95 37.48
C LEU A 1508 58.80 -25.45 36.09
N GLU A 1509 57.99 -26.51 36.02
CA GLU A 1509 57.62 -27.06 34.71
C GLU A 1509 56.70 -26.11 33.96
N VAL A 1510 55.73 -25.50 34.65
CA VAL A 1510 54.86 -24.57 33.94
C VAL A 1510 55.66 -23.36 33.47
N TYR A 1511 56.65 -22.92 34.24
CA TYR A 1511 57.48 -21.81 33.79
C TYR A 1511 58.35 -22.19 32.61
N LYS A 1512 58.83 -23.44 32.57
CA LYS A 1512 59.59 -23.90 31.42
C LYS A 1512 58.74 -23.88 30.16
N GLU A 1513 57.52 -24.41 30.25
CA GLU A 1513 56.59 -24.32 29.13
C GLU A 1513 56.32 -22.87 28.76
N ARG A 1514 56.24 -22.01 29.76
CA ARG A 1514 55.99 -20.60 29.53
C ARG A 1514 57.07 -19.98 28.67
N ILE A 1515 58.33 -20.24 29.00
CA ILE A 1515 59.44 -19.73 28.21
C ILE A 1515 59.44 -20.33 26.82
N LYS A 1516 59.23 -21.64 26.72
CA LYS A 1516 59.23 -22.29 25.41
C LYS A 1516 58.18 -21.67 24.49
N ARG A 1517 57.05 -21.25 25.06
CA ARG A 1517 56.04 -20.57 24.26
C ARG A 1517 56.46 -19.14 23.94
N ILE A 1518 57.03 -18.44 24.93
CA ILE A 1518 57.33 -17.02 24.77
C ILE A 1518 58.36 -16.79 23.68
N ASP A 1519 59.42 -17.61 23.67
CA ASP A 1519 60.56 -17.34 22.79
C ASP A 1519 60.15 -17.26 21.32
N SER A 1520 59.33 -18.20 20.87
CA SER A 1520 58.91 -18.23 19.47
C SER A 1520 58.03 -17.02 19.13
N THR B 12 -28.69 -46.96 3.34
CA THR B 12 -29.56 -47.93 4.00
C THR B 12 -30.66 -47.23 4.77
N PRO B 13 -31.84 -47.85 4.84
CA PRO B 13 -32.95 -47.23 5.59
C PRO B 13 -32.62 -46.95 7.05
N GLN B 14 -31.88 -47.86 7.70
CA GLN B 14 -31.57 -47.68 9.12
C GLN B 14 -30.77 -46.40 9.35
N GLN B 15 -29.81 -46.12 8.46
CA GLN B 15 -29.02 -44.89 8.60
C GLN B 15 -29.91 -43.66 8.48
N ILE B 16 -30.85 -43.66 7.53
CA ILE B 16 -31.73 -42.52 7.35
C ILE B 16 -32.61 -42.31 8.58
N LEU B 17 -33.19 -43.40 9.10
CA LEU B 17 -34.02 -43.29 10.29
C LEU B 17 -33.22 -42.78 11.48
N ASN B 18 -31.99 -43.28 11.65
CA ASN B 18 -31.15 -42.80 12.74
C ASN B 18 -30.82 -41.33 12.59
N GLN B 19 -30.49 -40.90 11.38
CA GLN B 19 -30.11 -39.51 11.15
C GLN B 19 -31.29 -38.56 11.38
N ILE B 20 -32.48 -38.95 10.93
CA ILE B 20 -33.61 -38.02 10.97
C ILE B 20 -34.30 -37.98 12.34
N ILE B 21 -34.46 -39.12 13.00
CA ILE B 21 -35.26 -39.21 14.22
C ILE B 21 -34.40 -38.82 15.42
N LYS B 22 -35.05 -38.30 16.46
CA LYS B 22 -34.37 -37.81 17.64
C LYS B 22 -33.71 -38.95 18.40
N PRO B 23 -32.62 -38.66 19.14
CA PRO B 23 -31.82 -39.75 19.74
C PRO B 23 -32.56 -40.57 20.78
N GLU B 24 -33.61 -40.04 21.40
CA GLU B 24 -34.25 -40.76 22.51
C GLU B 24 -34.89 -42.06 22.04
N TYR B 25 -35.51 -42.06 20.86
CA TYR B 25 -36.21 -43.23 20.34
C TYR B 25 -35.65 -43.65 18.99
N ILE B 26 -34.33 -43.63 18.84
CA ILE B 26 -33.72 -44.03 17.57
C ILE B 26 -33.98 -45.51 17.28
N LYS B 27 -33.69 -46.37 18.25
CA LYS B 27 -33.76 -47.81 18.05
C LYS B 27 -35.05 -48.43 18.57
N TYR B 28 -35.97 -47.62 19.08
CA TYR B 28 -37.22 -48.15 19.61
C TYR B 28 -38.25 -48.45 18.52
N TYR B 29 -38.02 -47.97 17.30
CA TYR B 29 -38.99 -48.20 16.23
C TYR B 29 -38.74 -49.53 15.54
N SER B 30 -37.55 -49.69 14.96
CA SER B 30 -37.06 -50.97 14.44
C SER B 30 -38.00 -51.58 13.41
N ASP B 31 -38.89 -52.46 13.89
CA ASP B 31 -39.73 -53.29 13.02
C ASP B 31 -40.55 -52.49 12.02
N TRP B 32 -40.63 -51.16 12.18
CA TRP B 32 -41.38 -50.35 11.23
C TRP B 32 -40.89 -50.56 9.79
N ILE B 33 -39.59 -50.71 9.61
CA ILE B 33 -39.04 -50.87 8.26
C ILE B 33 -39.58 -52.14 7.61
N HIS B 34 -39.63 -53.25 8.36
CA HIS B 34 -40.14 -54.50 7.81
C HIS B 34 -41.63 -54.41 7.50
N THR B 35 -42.40 -53.68 8.31
CA THR B 35 -43.84 -53.57 8.14
C THR B 35 -44.25 -52.28 7.43
N ALA B 36 -43.30 -51.52 6.90
CA ALA B 36 -43.64 -50.30 6.18
C ALA B 36 -44.19 -50.61 4.80
N ASN B 37 -45.07 -49.75 4.32
CA ASN B 37 -45.61 -49.88 2.98
C ASN B 37 -44.62 -49.34 1.94
N GLU B 38 -44.85 -49.71 0.69
CA GLU B 38 -43.97 -49.25 -0.39
C GLU B 38 -44.02 -47.74 -0.53
N LYS B 39 -45.21 -47.16 -0.43
CA LYS B 39 -45.34 -45.70 -0.49
C LYS B 39 -44.59 -45.04 0.66
N GLU B 40 -44.67 -45.62 1.85
CA GLU B 40 -43.91 -45.09 2.98
C GLU B 40 -42.42 -45.16 2.73
N ALA B 41 -41.95 -46.25 2.13
CA ALA B 41 -40.53 -46.37 1.80
C ALA B 41 -40.11 -45.33 0.78
N ARG B 42 -40.95 -45.07 -0.23
CA ARG B 42 -40.62 -44.04 -1.22
C ARG B 42 -40.58 -42.66 -0.59
N GLY B 43 -41.54 -42.36 0.29
CA GLY B 43 -41.50 -41.08 0.99
C GLY B 43 -40.27 -40.96 1.88
N LEU B 44 -39.87 -42.06 2.51
CA LEU B 44 -38.64 -42.07 3.30
C LEU B 44 -37.42 -41.81 2.44
N GLN B 45 -37.39 -42.40 1.24
CA GLN B 45 -36.29 -42.14 0.32
C GLN B 45 -36.24 -40.68 -0.09
N LEU B 46 -37.41 -40.08 -0.35
CA LEU B 46 -37.46 -38.65 -0.65
C LEU B 46 -36.95 -37.82 0.51
N LEU B 47 -37.34 -38.18 1.75
CA LEU B 47 -36.87 -37.46 2.92
C LEU B 47 -35.35 -37.59 3.06
N GLY B 48 -34.81 -38.77 2.82
CA GLY B 48 -33.36 -38.95 2.88
C GLY B 48 -32.63 -38.15 1.83
N ALA B 49 -33.18 -38.10 0.61
CA ALA B 49 -32.58 -37.28 -0.44
C ALA B 49 -32.61 -35.81 -0.06
N ILE B 50 -33.72 -35.36 0.53
CA ILE B 50 -33.81 -33.97 1.00
C ILE B 50 -32.75 -33.71 2.08
N TYR B 51 -32.60 -34.64 3.01
CA TYR B 51 -31.57 -34.50 4.04
C TYR B 51 -30.18 -34.40 3.40
N LYS B 52 -29.94 -35.17 2.34
CA LYS B 52 -28.69 -35.04 1.61
C LYS B 52 -28.56 -33.66 0.99
N HIS B 53 -29.65 -33.14 0.43
CA HIS B 53 -29.65 -31.85 -0.26
C HIS B 53 -30.02 -30.68 0.64
N LYS B 54 -30.29 -30.94 1.92
CA LYS B 54 -30.63 -29.91 2.90
C LYS B 54 -31.89 -29.14 2.52
N GLY B 55 -32.78 -29.74 1.74
CA GLY B 55 -34.03 -29.09 1.39
C GLY B 55 -33.92 -27.94 0.43
N SER B 56 -32.92 -27.94 -0.45
CA SER B 56 -32.72 -26.87 -1.41
C SER B 56 -32.78 -27.34 -2.85
N LYS B 57 -33.02 -28.63 -3.09
CA LYS B 57 -33.09 -29.18 -4.44
C LYS B 57 -34.48 -29.74 -4.71
N LYS B 58 -35.02 -29.43 -5.87
CA LYS B 58 -36.33 -29.93 -6.27
C LYS B 58 -36.19 -31.27 -6.96
N PHE B 59 -37.19 -32.13 -6.79
CA PHE B 59 -37.20 -33.44 -7.43
C PHE B 59 -37.84 -33.37 -8.81
N PHE B 77 -51.25 -56.98 -23.58
CA PHE B 77 -50.89 -58.06 -22.67
C PHE B 77 -52.02 -58.34 -21.68
N ASP B 78 -52.02 -59.55 -21.12
CA ASP B 78 -53.14 -59.98 -20.28
C ASP B 78 -53.19 -59.23 -18.96
N PHE B 79 -52.04 -58.75 -18.46
CA PHE B 79 -52.03 -58.06 -17.16
C PHE B 79 -52.92 -56.83 -17.17
N GLN B 80 -52.72 -55.94 -18.14
CA GLN B 80 -53.62 -54.79 -18.25
C GLN B 80 -54.98 -55.21 -18.81
N LYS B 81 -55.04 -56.30 -19.57
CA LYS B 81 -56.32 -56.82 -20.00
C LYS B 81 -57.12 -57.39 -18.84
N ALA B 82 -56.44 -57.86 -17.79
CA ALA B 82 -57.13 -58.42 -16.64
C ALA B 82 -57.94 -57.35 -15.90
N GLU B 83 -57.36 -56.17 -15.71
CA GLU B 83 -58.06 -55.12 -14.98
C GLU B 83 -59.24 -54.55 -15.76
N GLU B 84 -59.23 -54.66 -17.09
CA GLU B 84 -60.35 -54.17 -17.89
C GLU B 84 -61.65 -54.85 -17.46
N MET B 85 -61.66 -56.18 -17.42
CA MET B 85 -62.81 -56.90 -16.92
C MET B 85 -63.08 -56.63 -15.44
N TYR B 86 -62.06 -56.22 -14.69
CA TYR B 86 -62.25 -55.85 -13.30
C TYR B 86 -62.61 -54.39 -13.11
N ARG B 87 -62.06 -53.49 -13.93
CA ARG B 87 -62.51 -52.10 -13.91
C ARG B 87 -63.95 -51.99 -14.37
N LYS B 88 -64.41 -52.94 -15.19
CA LYS B 88 -65.81 -52.95 -15.61
C LYS B 88 -66.73 -53.30 -14.45
N SER B 89 -66.23 -54.03 -13.46
CA SER B 89 -67.04 -54.43 -12.32
C SER B 89 -66.86 -53.51 -11.12
N GLN B 90 -65.74 -52.80 -11.02
CA GLN B 90 -65.50 -51.95 -9.86
C GLN B 90 -66.16 -50.57 -10.00
N ILE B 91 -66.67 -50.23 -11.18
CA ILE B 91 -67.33 -48.94 -11.34
C ILE B 91 -68.63 -48.92 -10.55
N THR B 92 -69.06 -47.73 -10.14
CA THR B 92 -70.20 -47.58 -9.23
C THR B 92 -71.52 -47.49 -9.98
N SER B 93 -71.75 -48.47 -10.87
CA SER B 93 -73.00 -48.58 -11.62
C SER B 93 -73.37 -47.27 -12.31
N SER B 94 -74.59 -46.79 -12.06
CA SER B 94 -75.08 -45.60 -12.74
C SER B 94 -74.24 -44.37 -12.39
N TYR B 95 -73.87 -44.22 -11.12
CA TYR B 95 -73.10 -43.07 -10.68
C TYR B 95 -71.64 -43.31 -11.02
N GLY B 96 -70.95 -42.25 -11.47
CA GLY B 96 -69.54 -42.31 -11.82
C GLY B 96 -69.31 -42.46 -13.32
N GLN B 97 -70.28 -43.01 -14.03
CA GLN B 97 -70.22 -43.08 -15.49
C GLN B 97 -71.12 -42.04 -16.15
N GLU B 98 -72.40 -42.02 -15.76
CA GLU B 98 -73.29 -40.97 -16.25
C GLU B 98 -72.91 -39.61 -15.68
N PHE B 99 -72.50 -39.57 -14.41
CA PHE B 99 -71.94 -38.38 -13.79
C PHE B 99 -70.44 -38.59 -13.64
N GLY B 100 -69.67 -38.03 -14.57
CA GLY B 100 -68.23 -38.17 -14.55
C GLY B 100 -67.51 -37.16 -15.42
N ASN B 111 -54.39 -31.79 0.87
CA ASN B 111 -53.20 -31.42 1.62
C ASN B 111 -53.51 -30.35 2.67
N VAL B 112 -52.77 -30.39 3.77
CA VAL B 112 -52.89 -29.44 4.85
C VAL B 112 -51.67 -28.55 4.97
N PHE B 113 -50.62 -28.84 4.19
CA PHE B 113 -49.38 -28.07 4.26
C PHE B 113 -49.58 -26.59 3.95
N LYS B 114 -50.67 -26.23 3.25
CA LYS B 114 -50.91 -24.84 2.91
C LYS B 114 -51.41 -24.03 4.10
N TYR B 115 -51.88 -24.71 5.16
CA TYR B 115 -52.36 -23.98 6.34
C TYR B 115 -51.23 -23.72 7.33
N LYS B 116 -50.31 -24.67 7.49
CA LYS B 116 -49.23 -24.53 8.46
C LYS B 116 -48.00 -25.28 7.96
N LYS B 117 -46.85 -24.92 8.51
CA LYS B 117 -45.63 -25.66 8.27
C LYS B 117 -45.61 -26.94 9.11
N CYS B 118 -44.74 -27.87 8.73
CA CYS B 118 -44.61 -29.11 9.48
C CYS B 118 -44.09 -28.85 10.89
N SER B 119 -43.36 -27.76 11.09
CA SER B 119 -42.84 -27.45 12.42
C SER B 119 -43.95 -27.31 13.44
N ASP B 120 -45.11 -26.78 13.02
CA ASP B 120 -46.27 -26.72 13.89
C ASP B 120 -47.19 -27.92 13.76
N LEU B 121 -47.03 -28.72 12.70
CA LEU B 121 -47.89 -29.87 12.49
C LEU B 121 -47.60 -30.95 13.53
N PRO B 122 -48.61 -31.75 13.87
CA PRO B 122 -48.43 -32.75 14.94
C PRO B 122 -47.33 -33.76 14.69
N PHE B 123 -47.10 -34.16 13.44
CA PHE B 123 -46.15 -35.23 13.17
C PHE B 123 -44.70 -34.74 13.11
N ALA B 124 -44.40 -33.56 13.66
CA ALA B 124 -43.03 -33.14 13.84
C ALA B 124 -42.43 -33.61 15.16
N LYS B 125 -43.26 -34.14 16.07
CA LYS B 125 -42.74 -34.60 17.36
C LYS B 125 -41.72 -35.72 17.22
N PRO B 126 -41.94 -36.78 16.42
CA PRO B 126 -40.87 -37.77 16.23
C PRO B 126 -39.62 -37.18 15.60
N LEU B 127 -39.77 -36.20 14.71
CA LEU B 127 -38.63 -35.68 13.97
C LEU B 127 -37.72 -34.87 14.88
N SER B 128 -36.45 -34.80 14.49
CA SER B 128 -35.49 -33.99 15.21
C SER B 128 -35.66 -32.50 14.87
N ASP B 129 -35.04 -31.65 15.67
CA ASP B 129 -35.07 -30.22 15.38
C ASP B 129 -34.41 -29.91 14.05
N LEU B 130 -33.28 -30.57 13.76
CA LEU B 130 -32.63 -30.39 12.46
C LEU B 130 -33.52 -30.90 11.34
N ALA B 131 -34.25 -32.00 11.59
CA ALA B 131 -35.22 -32.49 10.61
C ALA B 131 -36.31 -31.46 10.36
N LYS B 132 -36.81 -30.85 11.43
CA LYS B 132 -37.82 -29.80 11.28
C LYS B 132 -37.26 -28.65 10.45
N LEU B 133 -36.01 -28.27 10.68
CA LEU B 133 -35.45 -27.11 10.00
C LEU B 133 -35.23 -27.40 8.52
N PHE B 134 -34.43 -28.43 8.20
CA PHE B 134 -34.15 -28.73 6.79
C PHE B 134 -35.40 -29.13 6.03
N ILE B 135 -36.27 -29.93 6.63
CA ILE B 135 -37.43 -30.46 5.92
C ILE B 135 -38.36 -29.33 5.50
N ASP B 136 -38.60 -28.36 6.39
CA ASP B 136 -39.56 -27.31 6.10
C ASP B 136 -39.09 -26.36 5.00
N ASN B 137 -37.78 -26.10 4.90
CA ASN B 137 -37.30 -25.19 3.86
C ASN B 137 -37.63 -25.70 2.47
N TRP B 138 -37.65 -27.01 2.28
CA TRP B 138 -38.01 -27.57 0.98
C TRP B 138 -39.51 -27.49 0.71
N ILE B 139 -40.34 -27.42 1.75
CA ILE B 139 -41.79 -27.39 1.56
C ILE B 139 -42.22 -26.10 0.89
N GLU B 140 -41.57 -24.98 1.23
CA GLU B 140 -41.94 -23.69 0.64
C GLU B 140 -41.73 -23.63 -0.86
N LEU B 141 -40.92 -24.53 -1.41
CA LEU B 141 -40.64 -24.53 -2.84
C LEU B 141 -41.86 -24.84 -3.69
N ASN B 142 -42.87 -25.49 -3.11
CA ASN B 142 -44.12 -25.81 -3.81
C ASN B 142 -43.84 -26.65 -5.06
N ASP B 143 -43.32 -27.85 -4.83
CA ASP B 143 -42.92 -28.75 -5.90
C ASP B 143 -44.15 -29.39 -6.53
N GLU B 144 -43.90 -30.34 -7.43
CA GLU B 144 -44.97 -31.07 -8.09
C GLU B 144 -45.78 -31.85 -7.04
N LEU B 145 -47.08 -32.02 -7.32
CA LEU B 145 -47.97 -32.63 -6.34
C LEU B 145 -47.57 -34.07 -6.03
N GLU B 146 -47.06 -34.80 -7.03
CA GLU B 146 -46.85 -36.24 -6.90
C GLU B 146 -45.95 -36.62 -5.73
N PHE B 147 -45.10 -35.69 -5.27
CA PHE B 147 -44.07 -36.07 -4.32
C PHE B 147 -44.43 -35.83 -2.85
N GLN B 148 -45.57 -35.22 -2.53
CA GLN B 148 -45.80 -35.00 -1.11
C GLN B 148 -46.95 -35.83 -0.51
N GLU B 149 -47.75 -36.53 -1.30
CA GLU B 149 -48.64 -37.53 -0.70
C GLU B 149 -47.84 -38.66 -0.09
N LEU B 150 -46.80 -39.12 -0.79
CA LEU B 150 -45.95 -40.18 -0.24
C LEU B 150 -45.25 -39.72 1.04
N VAL B 151 -44.72 -38.49 1.03
CA VAL B 151 -44.05 -37.96 2.22
C VAL B 151 -45.05 -37.79 3.36
N LEU B 152 -46.26 -37.31 3.06
CA LEU B 152 -47.27 -37.13 4.08
C LEU B 152 -47.67 -38.47 4.69
N ALA B 153 -47.85 -39.50 3.86
CA ALA B 153 -48.19 -40.82 4.37
C ALA B 153 -47.05 -41.40 5.20
N CYS B 154 -45.81 -41.22 4.76
CA CYS B 154 -44.68 -41.71 5.55
C CYS B 154 -44.60 -41.03 6.89
N LEU B 155 -44.81 -39.70 6.92
CA LEU B 155 -44.79 -38.97 8.19
C LEU B 155 -45.95 -39.38 9.09
N ARG B 156 -47.12 -39.66 8.49
CA ARG B 156 -48.26 -40.14 9.27
C ARG B 156 -47.95 -41.49 9.90
N SER B 157 -47.36 -42.40 9.13
CA SER B 157 -47.05 -43.73 9.66
C SER B 157 -46.01 -43.66 10.77
N LEU B 158 -44.98 -42.82 10.60
CA LEU B 158 -43.98 -42.68 11.65
C LEU B 158 -44.60 -42.12 12.93
N HIS B 159 -45.53 -41.18 12.80
CA HIS B 159 -46.18 -40.63 13.98
C HIS B 159 -46.98 -41.69 14.74
N SER B 160 -47.59 -42.63 14.03
CA SER B 160 -48.28 -43.72 14.70
C SER B 160 -47.33 -44.59 15.50
N ARG B 161 -46.07 -44.68 15.05
CA ARG B 161 -45.08 -45.50 15.75
C ARG B 161 -44.80 -44.96 17.15
N CYS B 162 -44.67 -43.64 17.29
CA CYS B 162 -44.37 -43.08 18.60
C CYS B 162 -45.59 -43.05 19.50
N ILE B 163 -46.78 -43.30 18.96
CA ILE B 163 -47.99 -43.28 19.78
C ILE B 163 -47.97 -44.40 20.80
N ALA B 164 -47.42 -45.57 20.43
CA ALA B 164 -47.43 -46.72 21.31
C ALA B 164 -46.34 -46.68 22.38
N GLN B 165 -45.50 -45.65 22.39
CA GLN B 165 -44.38 -45.61 23.31
C GLN B 165 -44.75 -44.98 24.66
N GLU B 166 -45.47 -43.87 24.64
CA GLU B 166 -45.65 -43.09 25.86
C GLU B 166 -46.62 -43.77 26.83
N VAL B 167 -46.45 -43.44 28.10
CA VAL B 167 -47.29 -43.94 29.18
C VAL B 167 -48.66 -43.27 29.07
N PRO B 168 -49.75 -43.93 29.46
CA PRO B 168 -51.05 -43.24 29.50
C PRO B 168 -51.05 -42.07 30.46
N LYS B 169 -51.83 -41.04 30.13
CA LYS B 169 -51.99 -39.85 30.93
C LYS B 169 -53.39 -39.80 31.53
N THR B 170 -53.70 -38.68 32.16
CA THR B 170 -54.96 -38.51 32.88
C THR B 170 -56.10 -38.05 31.98
N GLU B 171 -55.87 -37.95 30.66
CA GLU B 171 -56.87 -37.52 29.69
C GLU B 171 -57.19 -36.04 29.88
N MET B 172 -56.57 -35.42 30.88
CA MET B 172 -56.72 -34.00 31.14
C MET B 172 -55.52 -33.20 30.65
N LYS B 173 -54.31 -33.77 30.80
CA LYS B 173 -53.12 -33.11 30.27
C LYS B 173 -53.20 -32.96 28.75
N THR B 174 -53.71 -33.99 28.06
CA THR B 174 -53.77 -33.92 26.60
C THR B 174 -54.86 -32.99 26.11
N LYS B 175 -55.95 -32.84 26.89
CA LYS B 175 -57.07 -32.03 26.44
C LYS B 175 -56.72 -30.55 26.39
N TYR B 176 -56.08 -30.03 27.44
CA TYR B 176 -55.73 -28.61 27.46
C TYR B 176 -54.56 -28.30 26.52
N GLU B 177 -53.66 -29.26 26.33
CA GLU B 177 -52.53 -29.13 25.43
C GLU B 177 -51.63 -27.97 25.83
N TRP B 178 -50.79 -27.50 24.90
CA TRP B 178 -49.82 -26.46 25.18
C TRP B 178 -50.41 -25.07 24.95
N LYS B 179 -49.76 -24.07 25.52
CA LYS B 179 -50.18 -22.69 25.36
C LYS B 179 -49.00 -21.80 25.00
#